data_5G64
#
_entry.id   5G64
#
_cell.length_a   76.640
_cell.length_b   231.190
_cell.length_c   247.120
_cell.angle_alpha   90.00
_cell.angle_beta   90.00
_cell.angle_gamma   90.00
#
_symmetry.space_group_name_H-M   'I 21 21 21'
#
loop_
_entity.id
_entity.type
_entity.pdbx_description
1 polymer 'IG EPSILON CHAIN C REGION'
2 polymer 'FAB FRAGMENT'
3 polymer 'FAB FRAGMENT'
4 branched alpha-D-mannopyranose-(1-3)-[alpha-D-mannopyranose-(1-6)]beta-D-mannopyranose-(1-4)-2-acetamido-2-deoxy-beta-D-glucopyranose-(1-4)-2-acetamido-2-deoxy-beta-D-glucopyranose
#
loop_
_entity_poly.entity_id
_entity_poly.type
_entity_poly.pdbx_seq_one_letter_code
_entity_poly.pdbx_strand_id
1 'polypeptide(L)'
;DIVASRDFTPPTVKILQSSCDGGGHFPPTIQLLCLVSGYTPGTIQITWLEDGQVMDVDLSTASTTQEGELASTQSELTLS
QKHWLSDRTYTCQVTYQGHTFEDSTKKCADSNPRGVSAYLSRPSPFDLFIRKSPTITCLVVDLAPSKGTVQLTWSRASGK
PVNHSTRKEEKQRNGTLTVTSTLPVGTRDWIEGETYQCRVTHPHLPRALMRSTTKTSGPRAAPEVYAFATPEWPGSRDKR
TLACLIQNFMPEDISVQWLHNEVQLPDARHSTTQPRKTKGSGFFVFSRLEVTRAEWEQKDEFICRAVHEAASPSQTVQRA
VSVNPGK
;
A,B
2 'polypeptide(L)'
;EVQLVESGGGLVQPGGSLRLSCAVSGYSITSGYSWNWIRQAPGKGLEWVASITYDGSTNYNPSVKGRITISRDDSKNTFY
LQMNSLRAEDTAVYYCARGSHYFGHWHFAVWGQGTLVTVSSASTKGPSVFPLAPSSKSTSGGTAALGCLVKDYFPEPVTV
SWNSGALTSGVHTFPAVLQSSGLYSLSSVVTVPSSSLGTQTYICNVNHKPSNTKVDKKVEPKSCHHHHHH
;
H,I
3 'polypeptide(L)'
;DIQLTQSPSSLSASVGDRVTITCRASQSVDYDGDSYMNWYQQKPGKAPKLLIYAASYLESGVPSRFSGSGSGTDFTLTIS
RLRPEDFATYYCQQSHEDPYTFGQGTKVEIKRTVAAPSVFIFPPSDEQLKSGTASVVCLLNNFYPREAKVQWKVDNAPQS
GNSQESVTEQDSKDSTYSLSSTLTLSKADYEKHKVYACEVTHQGLSSPVTKSFNRGEC
;
L,M
#
loop_
_chem_comp.id
_chem_comp.type
_chem_comp.name
_chem_comp.formula
BMA D-saccharide, beta linking beta-D-mannopyranose 'C6 H12 O6'
MAN D-saccharide, alpha linking alpha-D-mannopyranose 'C6 H12 O6'
NAG D-saccharide, beta linking 2-acetamido-2-deoxy-beta-D-glucopyranose 'C8 H15 N O6'
#
# COMPACT_ATOMS: atom_id res chain seq x y z
N PHE A 8 -12.24 -21.34 -45.13
CA PHE A 8 -10.89 -20.79 -45.05
C PHE A 8 -10.77 -19.83 -43.87
N THR A 9 -9.56 -19.34 -43.63
CA THR A 9 -9.30 -18.40 -42.54
C THR A 9 -8.06 -17.56 -42.84
N PRO A 10 -8.19 -16.24 -42.85
CA PRO A 10 -7.01 -15.38 -43.03
C PRO A 10 -6.21 -15.28 -41.75
N PRO A 11 -4.92 -14.99 -41.84
CA PRO A 11 -4.08 -14.93 -40.65
C PRO A 11 -4.27 -13.65 -39.86
N THR A 12 -3.82 -13.69 -38.61
CA THR A 12 -3.84 -12.54 -37.71
C THR A 12 -2.42 -12.27 -37.21
N VAL A 13 -2.18 -11.02 -36.81
CA VAL A 13 -0.85 -10.57 -36.42
C VAL A 13 -0.93 -9.97 -35.03
N LYS A 14 0.04 -10.34 -34.18
CA LYS A 14 0.16 -9.80 -32.83
C LYS A 14 1.63 -9.64 -32.48
N ILE A 15 1.92 -8.69 -31.59
CA ILE A 15 3.29 -8.37 -31.20
C ILE A 15 3.41 -8.44 -29.69
N LEU A 16 4.49 -9.05 -29.21
CA LEU A 16 4.79 -9.15 -27.80
C LEU A 16 6.22 -8.71 -27.55
N GLN A 17 6.48 -8.24 -26.34
CA GLN A 17 7.81 -7.76 -25.96
C GLN A 17 8.32 -8.53 -24.75
N SER A 18 9.62 -8.37 -24.48
CA SER A 18 10.24 -9.04 -23.35
C SER A 18 9.79 -8.41 -22.04
N SER A 19 9.74 -9.24 -20.99
CA SER A 19 9.31 -8.77 -19.69
C SER A 19 10.47 -8.14 -18.93
N CYS A 20 10.11 -7.38 -17.89
CA CYS A 20 11.08 -6.75 -17.01
C CYS A 20 11.26 -7.60 -15.75
N ASP A 21 11.98 -7.06 -14.78
CA ASP A 21 12.22 -7.75 -13.52
C ASP A 21 11.33 -7.16 -12.44
N GLY A 22 11.55 -7.58 -11.19
CA GLY A 22 10.80 -7.03 -10.07
C GLY A 22 11.07 -5.55 -9.84
N GLY A 23 12.24 -5.08 -10.24
CA GLY A 23 12.58 -3.68 -10.16
C GLY A 23 12.28 -2.88 -11.41
N GLY A 24 11.55 -3.45 -12.36
CA GLY A 24 11.23 -2.75 -13.58
C GLY A 24 12.40 -2.48 -14.49
N HIS A 25 13.39 -3.38 -14.51
CA HIS A 25 14.58 -3.21 -15.32
C HIS A 25 14.44 -4.02 -16.61
N PHE A 26 14.69 -3.36 -17.74
CA PHE A 26 14.64 -4.05 -19.02
C PHE A 26 15.87 -4.93 -19.19
N PRO A 27 15.73 -6.08 -19.84
CA PRO A 27 16.88 -6.96 -20.08
C PRO A 27 17.89 -6.30 -20.99
N PRO A 28 19.14 -6.77 -21.00
CA PRO A 28 20.13 -6.17 -21.92
C PRO A 28 19.75 -6.29 -23.39
N THR A 29 19.08 -7.37 -23.76
CA THR A 29 18.61 -7.58 -25.12
C THR A 29 17.08 -7.64 -25.11
N ILE A 30 16.45 -6.69 -25.78
CA ILE A 30 14.99 -6.66 -25.90
C ILE A 30 14.60 -7.50 -27.12
N GLN A 31 13.58 -8.33 -26.95
CA GLN A 31 13.14 -9.25 -27.98
C GLN A 31 11.66 -9.03 -28.26
N LEU A 32 11.33 -8.87 -29.54
CA LEU A 32 9.95 -8.72 -29.99
C LEU A 32 9.56 -9.92 -30.84
N LEU A 33 8.30 -10.34 -30.71
CA LEU A 33 7.78 -11.49 -31.43
C LEU A 33 6.55 -11.09 -32.23
N CYS A 34 6.48 -11.57 -33.48
CA CYS A 34 5.37 -11.27 -34.38
C CYS A 34 4.67 -12.59 -34.71
N LEU A 35 3.45 -12.75 -34.22
CA LEU A 35 2.70 -13.99 -34.36
C LEU A 35 1.81 -13.93 -35.60
N VAL A 36 1.91 -14.95 -36.45
CA VAL A 36 0.98 -15.10 -37.57
C VAL A 36 0.32 -16.47 -37.46
N SER A 37 -0.70 -16.55 -36.61
CA SER A 37 -1.33 -17.81 -36.25
C SER A 37 -2.69 -17.96 -36.92
N GLY A 38 -3.18 -19.20 -36.94
CA GLY A 38 -4.51 -19.51 -37.39
C GLY A 38 -4.85 -19.07 -38.79
N TYR A 39 -4.35 -19.79 -39.80
CA TYR A 39 -4.72 -19.51 -41.18
C TYR A 39 -4.57 -20.77 -42.01
N THR A 40 -5.50 -20.97 -42.93
CA THR A 40 -5.41 -22.06 -43.88
C THR A 40 -4.09 -21.97 -44.64
N PRO A 41 -3.37 -23.09 -44.82
CA PRO A 41 -2.03 -23.03 -45.41
C PRO A 41 -2.00 -22.30 -46.75
N GLY A 42 -1.06 -21.37 -46.88
CA GLY A 42 -0.87 -20.62 -48.10
C GLY A 42 0.46 -19.90 -48.06
N THR A 43 0.73 -19.15 -49.12
CA THR A 43 1.97 -18.40 -49.21
C THR A 43 2.00 -17.29 -48.16
N ILE A 44 3.14 -17.16 -47.48
CA ILE A 44 3.29 -16.19 -46.41
C ILE A 44 4.73 -15.70 -46.37
N GLN A 45 4.90 -14.39 -46.15
CA GLN A 45 6.22 -13.79 -46.04
C GLN A 45 6.14 -12.63 -45.06
N ILE A 46 7.06 -12.61 -44.10
CA ILE A 46 7.09 -11.59 -43.06
C ILE A 46 8.16 -10.57 -43.40
N THR A 47 7.83 -9.28 -43.17
CA THR A 47 8.77 -8.19 -43.37
C THR A 47 8.68 -7.25 -42.18
N TRP A 48 9.83 -6.93 -41.59
CA TRP A 48 9.88 -6.04 -40.44
C TRP A 48 10.25 -4.62 -40.88
N LEU A 49 9.75 -3.64 -40.13
CA LEU A 49 9.95 -2.24 -40.44
C LEU A 49 10.40 -1.49 -39.20
N GLU A 50 11.24 -0.47 -39.41
CA GLU A 50 11.68 0.43 -38.36
C GLU A 50 11.34 1.86 -38.80
N ASP A 51 10.24 2.39 -38.28
CA ASP A 51 9.74 3.71 -38.66
C ASP A 51 9.49 3.81 -40.16
N GLY A 52 9.18 2.68 -40.80
CA GLY A 52 8.89 2.63 -42.22
C GLY A 52 9.96 1.94 -43.05
N GLN A 53 11.19 1.87 -42.56
CA GLN A 53 12.29 1.28 -43.31
C GLN A 53 12.42 -0.21 -43.03
N VAL A 54 12.60 -1.00 -44.08
CA VAL A 54 12.78 -2.43 -43.94
C VAL A 54 14.09 -2.70 -43.22
N MET A 55 14.00 -3.39 -42.08
CA MET A 55 15.18 -3.65 -41.27
C MET A 55 16.07 -4.70 -41.95
N ASP A 56 17.23 -4.93 -41.34
CA ASP A 56 18.16 -5.92 -41.87
C ASP A 56 17.56 -7.32 -41.79
N VAL A 57 17.67 -8.06 -42.89
CA VAL A 57 17.09 -9.40 -42.95
C VAL A 57 17.78 -10.36 -42.00
N ASP A 58 19.02 -10.08 -41.61
CA ASP A 58 19.77 -10.96 -40.71
C ASP A 58 19.44 -10.74 -39.25
N LEU A 59 18.62 -9.75 -38.91
CA LEU A 59 18.24 -9.49 -37.53
C LEU A 59 17.00 -10.24 -37.08
N SER A 60 16.24 -10.81 -38.01
CA SER A 60 14.99 -11.50 -37.70
C SER A 60 15.01 -12.90 -38.27
N THR A 61 14.44 -13.84 -37.52
CA THR A 61 14.33 -15.23 -37.94
C THR A 61 12.86 -15.64 -37.95
N ALA A 62 12.46 -16.39 -38.97
CA ALA A 62 11.07 -16.78 -39.17
C ALA A 62 10.97 -18.30 -39.25
N SER A 63 10.09 -18.87 -38.43
CA SER A 63 9.82 -20.30 -38.42
C SER A 63 8.33 -20.52 -38.65
N THR A 64 8.01 -21.41 -39.60
CA THR A 64 6.64 -21.69 -40.00
C THR A 64 6.27 -23.09 -39.54
N THR A 65 5.20 -23.19 -38.75
CA THR A 65 4.67 -24.46 -38.28
C THR A 65 3.23 -24.63 -38.76
N GLN A 66 2.91 -25.83 -39.22
CA GLN A 66 1.59 -26.16 -39.75
C GLN A 66 0.93 -27.19 -38.83
N GLU A 67 -0.25 -26.86 -38.33
CA GLU A 67 -0.97 -27.73 -37.41
C GLU A 67 -2.40 -27.91 -37.90
N GLY A 68 -2.69 -29.09 -38.45
CA GLY A 68 -4.06 -29.39 -38.80
C GLY A 68 -4.48 -28.58 -40.01
N GLU A 69 -5.53 -27.80 -39.85
CA GLU A 69 -6.06 -26.96 -40.92
C GLU A 69 -5.58 -25.52 -40.85
N LEU A 70 -5.03 -25.09 -39.71
CA LEU A 70 -4.49 -23.76 -39.55
C LEU A 70 -2.97 -23.82 -39.53
N ALA A 71 -2.35 -22.68 -39.80
CA ALA A 71 -0.90 -22.57 -39.82
C ALA A 71 -0.44 -21.45 -38.90
N SER A 72 0.81 -21.54 -38.46
CA SER A 72 1.40 -20.54 -37.59
C SER A 72 2.77 -20.14 -38.12
N THR A 73 3.11 -18.87 -37.91
CA THR A 73 4.40 -18.33 -38.32
C THR A 73 4.92 -17.41 -37.24
N GLN A 74 6.14 -17.68 -36.78
CA GLN A 74 6.76 -16.93 -35.69
C GLN A 74 7.98 -16.18 -36.20
N SER A 75 8.11 -14.92 -35.78
CA SER A 75 9.25 -14.08 -36.15
C SER A 75 9.74 -13.35 -34.92
N GLU A 76 11.00 -13.60 -34.54
CA GLU A 76 11.60 -12.98 -33.37
C GLU A 76 12.68 -11.99 -33.81
N LEU A 77 12.76 -10.86 -33.11
CA LEU A 77 13.73 -9.82 -33.39
C LEU A 77 14.41 -9.42 -32.09
N THR A 78 15.74 -9.50 -32.07
CA THR A 78 16.53 -9.16 -30.90
C THR A 78 17.15 -7.78 -31.09
N LEU A 79 16.88 -6.88 -30.15
CA LEU A 79 17.41 -5.52 -30.20
C LEU A 79 18.09 -5.19 -28.88
N SER A 80 18.92 -4.16 -28.91
CA SER A 80 19.59 -3.67 -27.71
C SER A 80 18.67 -2.69 -26.98
N GLN A 81 19.00 -2.44 -25.71
CA GLN A 81 18.20 -1.53 -24.91
C GLN A 81 18.26 -0.10 -25.43
N LYS A 82 19.41 0.32 -25.97
CA LYS A 82 19.53 1.68 -26.49
C LYS A 82 18.67 1.86 -27.74
N HIS A 83 18.63 0.86 -28.62
CA HIS A 83 17.82 0.96 -29.83
C HIS A 83 16.34 0.87 -29.50
N TRP A 84 15.96 0.00 -28.56
CA TRP A 84 14.55 -0.15 -28.22
C TRP A 84 14.03 1.04 -27.42
N LEU A 85 14.88 1.68 -26.63
CA LEU A 85 14.47 2.85 -25.86
C LEU A 85 14.38 4.11 -26.72
N SER A 86 14.71 4.03 -28.00
CA SER A 86 14.63 5.19 -28.88
C SER A 86 13.21 5.55 -29.29
N ASP A 87 12.21 4.85 -28.75
CA ASP A 87 10.80 5.12 -29.04
C ASP A 87 10.51 5.03 -30.54
N ARG A 88 11.19 4.12 -31.21
CA ARG A 88 10.98 3.91 -32.64
C ARG A 88 9.72 3.06 -32.86
N THR A 89 9.04 3.33 -33.96
CA THR A 89 7.84 2.58 -34.34
C THR A 89 8.25 1.40 -35.19
N TYR A 90 8.22 0.20 -34.60
CA TYR A 90 8.60 -1.03 -35.28
C TYR A 90 7.34 -1.72 -35.80
N THR A 91 7.22 -1.82 -37.12
CA THR A 91 6.05 -2.38 -37.78
C THR A 91 6.39 -3.75 -38.35
N CYS A 92 5.58 -4.75 -38.01
CA CYS A 92 5.71 -6.09 -38.57
C CYS A 92 4.71 -6.23 -39.71
N GLN A 93 5.21 -6.36 -40.93
CA GLN A 93 4.39 -6.47 -42.13
C GLN A 93 4.46 -7.90 -42.65
N VAL A 94 3.38 -8.65 -42.45
CA VAL A 94 3.28 -10.04 -42.89
C VAL A 94 2.35 -10.09 -44.09
N THR A 95 2.83 -10.70 -45.18
CA THR A 95 2.06 -10.81 -46.42
C THR A 95 1.50 -12.23 -46.53
N TYR A 96 0.21 -12.32 -46.83
CA TYR A 96 -0.48 -13.60 -47.00
C TYR A 96 -1.08 -13.62 -48.40
N GLN A 97 -0.31 -14.13 -49.36
CA GLN A 97 -0.79 -14.35 -50.73
C GLN A 97 -1.32 -13.07 -51.35
N GLY A 98 -0.70 -11.94 -50.97
CA GLY A 98 -1.02 -10.63 -51.48
C GLY A 98 -1.68 -9.72 -50.46
N HIS A 99 -2.31 -10.30 -49.44
CA HIS A 99 -2.95 -9.54 -48.39
C HIS A 99 -1.94 -9.35 -47.27
N THR A 100 -1.47 -8.11 -47.11
CA THR A 100 -0.44 -7.78 -46.12
C THR A 100 -1.10 -7.22 -44.86
N PHE A 101 -0.70 -7.75 -43.71
CA PHE A 101 -1.17 -7.29 -42.42
C PHE A 101 -0.02 -6.60 -41.68
N GLU A 102 -0.33 -5.47 -41.05
CA GLU A 102 0.67 -4.65 -40.37
C GLU A 102 0.29 -4.44 -38.92
N ASP A 103 1.32 -4.24 -38.09
CA ASP A 103 1.13 -3.96 -36.67
C ASP A 103 2.41 -3.33 -36.14
N SER A 104 2.27 -2.29 -35.32
CA SER A 104 3.40 -1.53 -34.84
C SER A 104 3.48 -1.59 -33.31
N THR A 105 4.64 -1.21 -32.79
CA THR A 105 4.87 -1.19 -31.36
C THR A 105 5.92 -0.14 -31.04
N LYS A 106 5.96 0.25 -29.76
CA LYS A 106 6.89 1.27 -29.30
C LYS A 106 7.06 1.12 -27.79
N LYS A 107 8.10 1.75 -27.26
CA LYS A 107 8.35 1.72 -25.83
C LYS A 107 7.19 2.33 -25.06
N CYS A 108 6.87 1.73 -23.92
CA CYS A 108 5.73 2.14 -23.11
C CYS A 108 6.09 3.44 -22.39
N ALA A 109 5.50 4.55 -22.83
CA ALA A 109 5.76 5.85 -22.23
C ALA A 109 4.75 6.15 -21.13
N PRO A 113 -0.07 10.69 -17.03
CA PRO A 113 -1.47 11.05 -16.79
C PRO A 113 -1.83 11.01 -15.30
N ARG A 114 -3.11 10.81 -15.01
CA ARG A 114 -3.59 10.69 -13.64
C ARG A 114 -4.65 9.59 -13.60
N GLY A 115 -4.78 8.97 -12.43
CA GLY A 115 -5.67 7.82 -12.27
C GLY A 115 -6.95 8.20 -11.54
N VAL A 116 -8.07 7.72 -12.08
CA VAL A 116 -9.39 7.99 -11.54
C VAL A 116 -9.74 6.93 -10.51
N SER A 117 -10.46 7.34 -9.46
CA SER A 117 -10.92 6.43 -8.43
C SER A 117 -12.27 6.90 -7.92
N ALA A 118 -13.00 5.99 -7.27
CA ALA A 118 -14.31 6.30 -6.75
C ALA A 118 -14.60 5.42 -5.53
N TYR A 119 -15.20 6.03 -4.51
CA TYR A 119 -15.55 5.34 -3.27
C TYR A 119 -17.03 5.56 -2.99
N LEU A 120 -17.74 4.46 -2.72
CA LEU A 120 -19.18 4.50 -2.43
C LEU A 120 -19.39 3.98 -1.01
N SER A 121 -19.72 4.87 -0.09
CA SER A 121 -19.91 4.49 1.29
C SER A 121 -21.26 3.81 1.48
N ARG A 122 -21.35 3.04 2.57
CA ARG A 122 -22.55 2.31 2.93
C ARG A 122 -23.30 3.04 4.05
N PRO A 123 -24.60 2.78 4.20
CA PRO A 123 -25.35 3.45 5.28
C PRO A 123 -24.79 3.10 6.65
N SER A 124 -24.50 4.15 7.42
CA SER A 124 -24.03 3.97 8.78
C SER A 124 -25.19 3.55 9.69
N PRO A 125 -24.93 2.73 10.70
CA PRO A 125 -26.01 2.28 11.60
C PRO A 125 -26.74 3.42 12.29
N PHE A 126 -26.11 4.58 12.46
CA PHE A 126 -26.79 5.69 13.11
C PHE A 126 -27.80 6.35 12.18
N ASP A 127 -27.48 6.44 10.89
CA ASP A 127 -28.36 7.10 9.95
C ASP A 127 -29.58 6.25 9.60
N LEU A 128 -29.51 4.93 9.78
CA LEU A 128 -30.57 4.04 9.33
C LEU A 128 -31.56 3.67 10.43
N PHE A 129 -31.11 3.57 11.69
CA PHE A 129 -31.96 3.07 12.76
C PHE A 129 -32.29 4.12 13.81
N ILE A 130 -31.33 4.93 14.23
CA ILE A 130 -31.59 5.95 15.25
C ILE A 130 -32.10 7.23 14.61
N ARG A 131 -31.41 7.75 13.60
CA ARG A 131 -31.84 8.99 12.95
C ARG A 131 -33.05 8.75 12.06
N LYS A 132 -33.08 7.65 11.33
CA LYS A 132 -34.16 7.27 10.42
C LYS A 132 -34.07 7.92 9.06
N SER A 133 -32.94 8.50 8.70
CA SER A 133 -32.72 9.14 7.39
C SER A 133 -31.42 8.61 6.81
N PRO A 134 -31.41 7.37 6.31
CA PRO A 134 -30.16 6.80 5.80
C PRO A 134 -29.73 7.44 4.50
N THR A 135 -28.43 7.68 4.37
CA THR A 135 -27.86 8.29 3.18
C THR A 135 -26.56 7.58 2.81
N ILE A 136 -26.38 7.35 1.50
CA ILE A 136 -25.14 6.80 0.98
C ILE A 136 -24.39 7.93 0.28
N THR A 137 -23.08 7.74 0.15
CA THR A 137 -22.19 8.75 -0.43
C THR A 137 -21.39 8.12 -1.56
N CYS A 138 -21.69 8.52 -2.79
CA CYS A 138 -20.92 8.10 -3.97
C CYS A 138 -19.86 9.16 -4.25
N LEU A 139 -18.63 8.90 -3.83
CA LEU A 139 -17.53 9.84 -3.96
C LEU A 139 -16.66 9.45 -5.15
N VAL A 140 -16.45 10.40 -6.06
CA VAL A 140 -15.60 10.21 -7.23
C VAL A 140 -14.52 11.28 -7.20
N VAL A 141 -13.26 10.85 -7.33
CA VAL A 141 -12.11 11.73 -7.19
C VAL A 141 -11.24 11.64 -8.44
N ASP A 142 -10.31 12.60 -8.53
CA ASP A 142 -9.26 12.60 -9.55
C ASP A 142 -9.85 12.64 -10.97
N LEU A 143 -10.62 13.69 -11.22
CA LEU A 143 -11.23 13.91 -12.53
C LEU A 143 -10.58 15.12 -13.19
N ALA A 144 -10.40 15.03 -14.51
CA ALA A 144 -9.87 16.14 -15.27
C ALA A 144 -10.91 17.25 -15.33
N PRO A 145 -10.59 18.47 -14.86
CA PRO A 145 -11.60 19.55 -14.81
C PRO A 145 -12.00 19.99 -16.22
N SER A 146 -13.28 19.76 -16.55
CA SER A 146 -13.81 20.17 -17.84
C SER A 146 -14.90 21.23 -17.67
N GLN A 151 -21.77 14.56 -16.13
CA GLN A 151 -23.13 14.40 -15.63
C GLN A 151 -23.27 13.14 -14.80
N LEU A 152 -23.74 13.30 -13.58
CA LEU A 152 -23.96 12.17 -12.67
C LEU A 152 -25.26 11.46 -13.03
N THR A 153 -25.25 10.13 -12.90
CA THR A 153 -26.41 9.31 -13.25
C THR A 153 -26.57 8.20 -12.21
N TRP A 154 -27.55 8.34 -11.34
CA TRP A 154 -27.85 7.30 -10.36
C TRP A 154 -28.74 6.23 -10.97
N SER A 155 -28.92 5.14 -10.23
CA SER A 155 -29.78 4.04 -10.67
C SER A 155 -30.11 3.18 -9.47
N ARG A 156 -31.16 2.37 -9.63
CA ARG A 156 -31.61 1.45 -8.60
C ARG A 156 -31.80 0.07 -9.23
N ALA A 157 -31.77 -0.96 -8.38
CA ALA A 157 -31.89 -2.34 -8.84
C ALA A 157 -33.33 -2.78 -9.04
N SER A 158 -34.27 -2.29 -8.22
CA SER A 158 -35.66 -2.68 -8.31
C SER A 158 -36.51 -1.72 -9.13
N GLY A 159 -35.92 -0.64 -9.64
CA GLY A 159 -36.69 0.32 -10.40
C GLY A 159 -37.65 1.16 -9.60
N LYS A 160 -37.62 1.06 -8.27
CA LYS A 160 -38.50 1.85 -7.43
C LYS A 160 -38.17 3.34 -7.57
N PRO A 161 -39.11 4.22 -7.19
CA PRO A 161 -38.85 5.67 -7.31
C PRO A 161 -37.58 6.10 -6.59
N VAL A 162 -36.60 6.56 -7.37
CA VAL A 162 -35.31 6.97 -6.81
C VAL A 162 -35.42 8.38 -6.26
N ASN A 163 -35.17 8.53 -4.97
CA ASN A 163 -35.04 9.86 -4.39
C ASN A 163 -33.79 10.52 -4.97
N HIS A 164 -33.94 11.76 -5.45
CA HIS A 164 -32.83 12.43 -6.10
C HIS A 164 -31.74 12.80 -5.09
N SER A 165 -30.56 13.07 -5.61
CA SER A 165 -29.37 13.34 -4.81
C SER A 165 -28.83 14.72 -5.12
N THR A 166 -28.00 15.22 -4.20
CA THR A 166 -27.32 16.50 -4.37
C THR A 166 -25.92 16.22 -4.93
N ARG A 167 -25.64 16.75 -6.12
CA ARG A 167 -24.34 16.59 -6.75
C ARG A 167 -23.47 17.79 -6.40
N LYS A 168 -22.43 17.55 -5.60
CA LYS A 168 -21.49 18.59 -5.20
C LYS A 168 -20.20 18.38 -5.98
N GLU A 169 -20.02 19.15 -7.05
CA GLU A 169 -18.84 19.07 -7.89
C GLU A 169 -17.84 20.15 -7.44
N GLU A 170 -16.67 19.72 -7.01
CA GLU A 170 -15.64 20.64 -6.51
C GLU A 170 -14.28 20.14 -6.92
N LYS A 171 -13.47 21.03 -7.49
CA LYS A 171 -12.12 20.67 -7.90
C LYS A 171 -11.21 20.53 -6.68
N GLN A 172 -10.15 19.75 -6.85
CA GLN A 172 -9.19 19.48 -5.79
C GLN A 172 -7.91 20.27 -6.02
N ARG A 173 -7.05 20.24 -4.99
CA ARG A 173 -5.80 21.01 -5.02
C ARG A 173 -4.76 20.38 -5.95
N ASN A 174 -4.79 19.07 -6.12
CA ASN A 174 -3.84 18.37 -6.99
C ASN A 174 -4.24 18.39 -8.46
N GLY A 175 -4.79 19.50 -8.93
CA GLY A 175 -5.18 19.62 -10.33
C GLY A 175 -6.22 18.62 -10.77
N THR A 176 -7.14 18.25 -9.89
CA THR A 176 -8.15 17.24 -10.18
C THR A 176 -9.53 17.77 -9.77
N LEU A 177 -10.53 16.92 -9.93
CA LEU A 177 -11.92 17.27 -9.66
C LEU A 177 -12.57 16.17 -8.84
N THR A 178 -13.42 16.56 -7.88
CA THR A 178 -14.15 15.63 -7.04
C THR A 178 -15.64 15.90 -7.13
N VAL A 179 -16.42 14.83 -7.22
CA VAL A 179 -17.88 14.92 -7.33
C VAL A 179 -18.47 14.07 -6.21
N THR A 180 -19.07 14.73 -5.22
CA THR A 180 -19.73 14.06 -4.11
C THR A 180 -21.22 13.98 -4.36
N SER A 181 -21.80 12.78 -4.26
CA SER A 181 -23.22 12.56 -4.49
C SER A 181 -23.78 11.80 -3.30
N THR A 182 -24.67 12.44 -2.55
CA THR A 182 -25.32 11.85 -1.37
C THR A 182 -26.76 11.52 -1.74
N LEU A 183 -27.08 10.23 -1.79
CA LEU A 183 -28.41 9.78 -2.22
C LEU A 183 -29.21 9.33 -1.02
N PRO A 184 -30.31 10.01 -0.67
CA PRO A 184 -31.15 9.51 0.42
C PRO A 184 -31.88 8.24 0.02
N VAL A 185 -31.88 7.26 0.93
CA VAL A 185 -32.51 5.98 0.69
C VAL A 185 -33.56 5.73 1.76
N GLY A 186 -34.32 4.64 1.59
CA GLY A 186 -35.37 4.30 2.52
C GLY A 186 -34.90 3.43 3.66
N THR A 187 -35.69 3.42 4.73
CA THR A 187 -35.34 2.64 5.91
C THR A 187 -35.56 1.15 5.67
N ARG A 188 -36.78 0.78 5.30
CA ARG A 188 -37.09 -0.64 5.08
C ARG A 188 -36.36 -1.21 3.87
N ASP A 189 -36.00 -0.35 2.91
CA ASP A 189 -35.40 -0.83 1.67
C ASP A 189 -34.04 -1.47 1.92
N TRP A 190 -33.15 -0.75 2.62
CA TRP A 190 -31.83 -1.30 2.89
C TRP A 190 -31.91 -2.48 3.86
N ILE A 191 -32.89 -2.48 4.76
CA ILE A 191 -33.06 -3.60 5.67
C ILE A 191 -33.47 -4.85 4.91
N GLU A 192 -34.34 -4.71 3.91
CA GLU A 192 -34.79 -5.82 3.10
C GLU A 192 -33.84 -6.16 1.95
N GLY A 193 -32.67 -5.52 1.90
CA GLY A 193 -31.64 -5.90 0.96
C GLY A 193 -31.71 -5.23 -0.39
N GLU A 194 -32.01 -3.93 -0.42
CA GLU A 194 -32.05 -3.19 -1.66
C GLU A 194 -30.64 -2.88 -2.16
N THR A 195 -30.51 -2.80 -3.48
CA THR A 195 -29.22 -2.53 -4.13
C THR A 195 -29.31 -1.24 -4.93
N TYR A 196 -28.27 -0.41 -4.80
CA TYR A 196 -28.18 0.86 -5.51
C TYR A 196 -26.86 0.91 -6.26
N GLN A 197 -26.85 1.65 -7.37
CA GLN A 197 -25.67 1.78 -8.21
C GLN A 197 -25.44 3.24 -8.56
N CYS A 198 -24.17 3.56 -8.86
CA CYS A 198 -23.75 4.93 -9.11
C CYS A 198 -22.83 4.95 -10.33
N ARG A 199 -23.11 5.87 -11.26
CA ARG A 199 -22.32 6.03 -12.48
C ARG A 199 -22.25 7.49 -12.85
N VAL A 200 -21.06 7.96 -13.19
CA VAL A 200 -20.85 9.35 -13.60
C VAL A 200 -20.40 9.37 -15.05
N THR A 201 -20.81 10.41 -15.77
CA THR A 201 -20.50 10.57 -17.18
C THR A 201 -19.72 11.86 -17.39
N HIS A 202 -18.62 11.75 -18.14
CA HIS A 202 -17.73 12.86 -18.44
C HIS A 202 -17.51 12.93 -19.95
N PRO A 203 -17.29 14.13 -20.50
CA PRO A 203 -17.08 14.23 -21.96
C PRO A 203 -15.99 13.33 -22.51
N HIS A 204 -14.94 13.06 -21.74
CA HIS A 204 -13.83 12.24 -22.20
C HIS A 204 -13.98 10.77 -21.84
N LEU A 205 -15.20 10.32 -21.54
CA LEU A 205 -15.42 8.93 -21.15
C LEU A 205 -15.96 8.13 -22.31
N PRO A 206 -15.28 7.07 -22.74
CA PRO A 206 -15.85 6.17 -23.75
C PRO A 206 -16.70 5.07 -23.12
N ARG A 207 -16.30 4.63 -21.93
CA ARG A 207 -17.02 3.57 -21.22
C ARG A 207 -16.93 3.89 -19.73
N ALA A 208 -18.02 4.39 -19.16
CA ALA A 208 -18.04 4.80 -17.76
C ALA A 208 -17.96 3.58 -16.84
N LEU A 209 -17.68 3.86 -15.58
CA LEU A 209 -17.58 2.83 -14.55
C LEU A 209 -18.83 2.81 -13.67
N MET A 210 -18.91 1.80 -12.81
CA MET A 210 -20.08 1.60 -11.98
C MET A 210 -19.66 1.28 -10.55
N ARG A 211 -20.34 1.90 -9.58
CA ARG A 211 -20.16 1.63 -8.17
C ARG A 211 -21.50 1.17 -7.60
N SER A 212 -21.55 -0.06 -7.12
CA SER A 212 -22.78 -0.66 -6.63
C SER A 212 -22.61 -1.06 -5.18
N THR A 213 -23.48 -0.55 -4.31
CA THR A 213 -23.53 -0.93 -2.90
C THR A 213 -24.78 -1.76 -2.65
N THR A 214 -24.69 -2.65 -1.67
CA THR A 214 -25.80 -3.53 -1.32
C THR A 214 -25.59 -4.03 0.11
N LYS A 215 -26.57 -4.78 0.59
CA LYS A 215 -26.46 -5.37 1.92
C LYS A 215 -25.29 -6.34 1.98
N THR A 216 -24.72 -6.49 3.16
CA THR A 216 -23.57 -7.37 3.34
C THR A 216 -23.94 -8.81 3.03
N SER A 217 -23.00 -9.54 2.42
CA SER A 217 -23.26 -10.91 2.01
C SER A 217 -23.32 -11.86 3.20
N GLY A 218 -22.66 -11.52 4.30
CA GLY A 218 -22.62 -12.38 5.46
C GLY A 218 -23.92 -12.39 6.23
N PRO A 219 -24.01 -13.26 7.24
CA PRO A 219 -25.23 -13.32 8.06
C PRO A 219 -25.29 -12.23 9.10
N ARG A 220 -26.22 -12.35 10.05
CA ARG A 220 -26.42 -11.36 11.10
C ARG A 220 -26.24 -12.01 12.47
N ALA A 221 -25.67 -11.24 13.40
CA ALA A 221 -25.46 -11.71 14.76
C ALA A 221 -25.46 -10.52 15.70
N ALA A 222 -26.30 -10.58 16.73
CA ALA A 222 -26.43 -9.47 17.66
C ALA A 222 -25.17 -9.32 18.50
N PRO A 223 -24.78 -8.09 18.85
CA PRO A 223 -23.58 -7.88 19.65
C PRO A 223 -23.85 -7.96 21.14
N GLU A 224 -22.81 -8.40 21.87
CA GLU A 224 -22.83 -8.45 23.31
C GLU A 224 -22.04 -7.27 23.86
N VAL A 225 -22.63 -6.55 24.81
CA VAL A 225 -22.06 -5.31 25.33
C VAL A 225 -21.73 -5.51 26.81
N TYR A 226 -20.47 -5.31 27.15
CA TYR A 226 -20.00 -5.33 28.54
C TYR A 226 -19.33 -4.00 28.84
N ALA A 227 -19.72 -3.38 29.95
CA ALA A 227 -19.20 -2.08 30.35
C ALA A 227 -18.52 -2.18 31.71
N PHE A 228 -17.30 -1.67 31.79
CA PHE A 228 -16.52 -1.71 33.02
C PHE A 228 -16.03 -0.31 33.37
N ALA A 229 -15.84 -0.07 34.66
CA ALA A 229 -15.34 1.19 35.18
C ALA A 229 -13.96 0.96 35.79
N THR A 230 -12.97 1.70 35.32
CA THR A 230 -11.62 1.55 35.84
C THR A 230 -11.55 2.08 37.27
N PRO A 231 -10.80 1.43 38.15
CA PRO A 231 -10.64 1.95 39.52
C PRO A 231 -9.88 3.27 39.51
N GLU A 232 -9.98 3.98 40.63
CA GLU A 232 -9.29 5.25 40.79
C GLU A 232 -7.79 5.01 40.85
N TRP A 233 -7.06 5.62 39.92
CA TRP A 233 -5.61 5.50 39.91
C TRP A 233 -5.00 6.51 40.87
N PRO A 234 -3.90 6.16 41.55
CA PRO A 234 -3.25 7.11 42.46
C PRO A 234 -2.87 8.40 41.75
N GLY A 235 -3.47 9.50 42.20
CA GLY A 235 -3.27 10.80 41.60
C GLY A 235 -4.37 11.26 40.68
N SER A 236 -5.42 10.46 40.50
CA SER A 236 -6.54 10.80 39.62
C SER A 236 -7.84 10.45 40.34
N ARG A 237 -8.17 11.25 41.36
CA ARG A 237 -9.36 11.02 42.17
C ARG A 237 -10.61 11.69 41.60
N ASP A 238 -10.45 12.61 40.65
CA ASP A 238 -11.59 13.33 40.08
C ASP A 238 -11.91 12.89 38.66
N LYS A 239 -11.32 11.78 38.20
CA LYS A 239 -11.53 11.34 36.83
C LYS A 239 -11.50 9.82 36.77
N ARG A 240 -12.49 9.23 36.11
CA ARG A 240 -12.57 7.80 35.88
C ARG A 240 -12.59 7.52 34.39
N THR A 241 -12.17 6.31 34.03
CA THR A 241 -12.18 5.86 32.64
C THR A 241 -13.18 4.72 32.49
N LEU A 242 -14.02 4.80 31.45
CA LEU A 242 -15.04 3.81 31.20
C LEU A 242 -14.69 3.03 29.93
N ALA A 243 -14.45 1.73 30.08
CA ALA A 243 -14.14 0.86 28.96
C ALA A 243 -15.35 -0.01 28.66
N CYS A 244 -15.69 -0.12 27.37
CA CYS A 244 -16.87 -0.88 26.95
C CYS A 244 -16.45 -1.82 25.83
N LEU A 245 -16.70 -3.12 26.02
CA LEU A 245 -16.35 -4.15 25.05
C LEU A 245 -17.60 -4.61 24.32
N ILE A 246 -17.55 -4.54 22.98
CA ILE A 246 -18.65 -4.96 22.11
C ILE A 246 -18.06 -5.92 21.09
N GLN A 247 -18.44 -7.20 21.17
CA GLN A 247 -17.81 -8.23 20.36
C GLN A 247 -18.85 -9.19 19.83
N ASN A 248 -18.41 -10.07 18.93
CA ASN A 248 -19.22 -11.16 18.37
C ASN A 248 -20.47 -10.63 17.66
N PHE A 249 -20.25 -9.70 16.74
CA PHE A 249 -21.33 -9.18 15.90
C PHE A 249 -20.93 -9.26 14.43
N MET A 250 -21.87 -9.68 13.60
CA MET A 250 -21.65 -9.79 12.16
C MET A 250 -22.78 -9.12 11.39
N PRO A 251 -22.43 -8.27 10.41
CA PRO A 251 -21.06 -7.90 10.03
C PRO A 251 -20.46 -6.84 10.96
N GLU A 252 -19.38 -6.21 10.52
CA GLU A 252 -18.61 -5.31 11.37
C GLU A 252 -19.20 -3.89 11.44
N ASP A 253 -20.13 -3.55 10.55
CA ASP A 253 -20.71 -2.21 10.54
C ASP A 253 -21.50 -1.95 11.82
N ILE A 254 -20.99 -1.06 12.68
CA ILE A 254 -21.60 -0.80 13.98
C ILE A 254 -21.29 0.63 14.38
N SER A 255 -22.20 1.22 15.16
CA SER A 255 -22.04 2.55 15.71
C SER A 255 -22.15 2.50 17.23
N VAL A 256 -21.39 3.36 17.90
CA VAL A 256 -21.32 3.39 19.35
C VAL A 256 -21.54 4.82 19.84
N GLN A 257 -22.35 4.98 20.88
CA GLN A 257 -22.51 6.27 21.54
C GLN A 257 -22.75 6.03 23.02
N TRP A 258 -22.46 7.07 23.81
CA TRP A 258 -22.61 7.02 25.26
C TRP A 258 -23.75 7.93 25.69
N LEU A 259 -24.35 7.61 26.84
CA LEU A 259 -25.46 8.38 27.38
C LEU A 259 -25.29 8.53 28.89
N HIS A 260 -25.33 9.78 29.36
CA HIS A 260 -25.34 10.10 30.78
C HIS A 260 -26.39 11.16 31.03
N ASN A 261 -27.16 10.98 32.12
CA ASN A 261 -28.26 11.87 32.46
C ASN A 261 -29.27 11.97 31.32
N GLU A 262 -29.51 10.84 30.65
CA GLU A 262 -30.53 10.70 29.62
C GLU A 262 -30.26 11.57 28.40
N VAL A 263 -29.05 12.11 28.26
CA VAL A 263 -28.67 12.90 27.10
C VAL A 263 -27.46 12.25 26.44
N GLN A 264 -27.43 12.28 25.11
CA GLN A 264 -26.35 11.65 24.36
C GLN A 264 -25.14 12.57 24.27
N LEU A 265 -23.94 12.00 24.48
CA LEU A 265 -22.69 12.73 24.45
C LEU A 265 -22.15 12.81 23.02
N PRO A 266 -21.41 13.87 22.70
CA PRO A 266 -20.85 14.00 21.35
C PRO A 266 -19.80 12.93 21.09
N ASP A 267 -19.49 12.76 19.79
CA ASP A 267 -18.54 11.74 19.38
C ASP A 267 -17.11 12.11 19.74
N ALA A 268 -16.82 13.39 19.97
CA ALA A 268 -15.45 13.79 20.30
C ALA A 268 -15.05 13.38 21.70
N ARG A 269 -16.01 13.08 22.57
CA ARG A 269 -15.69 12.71 23.96
C ARG A 269 -15.27 11.26 24.10
N HIS A 270 -15.65 10.39 23.16
CA HIS A 270 -15.32 8.98 23.22
C HIS A 270 -14.49 8.58 22.01
N SER A 271 -13.78 7.46 22.13
CA SER A 271 -12.93 6.93 21.09
C SER A 271 -13.29 5.47 20.85
N THR A 272 -13.46 5.10 19.58
CA THR A 272 -13.82 3.74 19.20
C THR A 272 -12.83 3.25 18.15
N THR A 273 -12.31 2.04 18.34
CA THR A 273 -11.34 1.46 17.42
C THR A 273 -12.04 0.90 16.19
N GLN A 274 -11.24 0.51 15.20
CA GLN A 274 -11.78 -0.13 14.01
C GLN A 274 -12.25 -1.55 14.34
N PRO A 275 -13.31 -2.02 13.68
CA PRO A 275 -13.77 -3.40 13.91
C PRO A 275 -12.76 -4.39 13.38
N ARG A 276 -12.35 -5.32 14.25
CA ARG A 276 -11.37 -6.34 13.90
C ARG A 276 -11.92 -7.72 14.27
N LYS A 277 -11.48 -8.73 13.52
CA LYS A 277 -12.02 -10.07 13.71
C LYS A 277 -11.66 -10.61 15.08
N THR A 278 -12.57 -11.41 15.64
CA THR A 278 -12.29 -12.17 16.84
C THR A 278 -11.57 -13.47 16.48
N LYS A 279 -11.31 -14.30 17.49
CA LYS A 279 -10.57 -15.54 17.25
C LYS A 279 -11.42 -16.58 16.53
N GLY A 280 -12.75 -16.45 16.57
CA GLY A 280 -13.61 -17.40 15.89
C GLY A 280 -14.50 -16.75 14.85
N SER A 281 -15.68 -16.31 15.25
CA SER A 281 -16.61 -15.63 14.37
C SER A 281 -17.07 -14.33 15.00
N GLY A 282 -17.11 -13.28 14.21
CA GLY A 282 -17.53 -11.97 14.66
C GLY A 282 -16.35 -11.01 14.80
N PHE A 283 -16.70 -9.75 15.03
CA PHE A 283 -15.74 -8.67 15.19
C PHE A 283 -15.88 -8.08 16.59
N PHE A 284 -14.86 -7.34 17.01
CA PHE A 284 -14.85 -6.72 18.33
C PHE A 284 -14.32 -5.30 18.23
N VAL A 285 -14.89 -4.42 19.05
CA VAL A 285 -14.45 -3.03 19.15
C VAL A 285 -14.32 -2.67 20.62
N PHE A 286 -13.57 -1.60 20.89
CA PHE A 286 -13.39 -1.09 22.25
C PHE A 286 -13.72 0.39 22.28
N SER A 287 -14.51 0.79 23.26
CA SER A 287 -14.89 2.19 23.45
C SER A 287 -14.28 2.72 24.74
N ARG A 288 -13.76 3.94 24.69
CA ARG A 288 -13.09 4.56 25.83
C ARG A 288 -13.66 5.95 26.04
N LEU A 289 -14.33 6.15 27.18
CA LEU A 289 -14.91 7.43 27.54
C LEU A 289 -14.25 7.94 28.82
N GLU A 290 -13.87 9.21 28.81
CA GLU A 290 -13.29 9.86 29.98
C GLU A 290 -14.34 10.72 30.65
N VAL A 291 -14.54 10.50 31.95
CA VAL A 291 -15.57 11.21 32.71
C VAL A 291 -14.91 11.96 33.86
N THR A 292 -15.62 12.96 34.36
CA THR A 292 -15.20 13.75 35.51
C THR A 292 -16.06 13.40 36.72
N ARG A 293 -15.62 13.87 37.89
CA ARG A 293 -16.32 13.56 39.13
C ARG A 293 -17.67 14.25 39.22
N ALA A 294 -17.87 15.36 38.48
CA ALA A 294 -19.16 16.04 38.51
C ALA A 294 -20.24 15.27 37.77
N GLU A 295 -19.86 14.30 36.93
CA GLU A 295 -20.82 13.59 36.11
C GLU A 295 -21.39 12.36 36.82
N TRP A 296 -20.54 11.55 37.45
CA TRP A 296 -21.06 10.37 38.14
C TRP A 296 -21.67 10.70 39.49
N GLU A 297 -21.28 11.84 40.10
CA GLU A 297 -21.96 12.29 41.29
C GLU A 297 -23.31 12.92 40.96
N GLN A 298 -23.45 13.48 39.76
CA GLN A 298 -24.76 13.90 39.29
C GLN A 298 -25.68 12.69 39.08
N LYS A 299 -25.17 11.65 38.45
CA LYS A 299 -25.93 10.41 38.33
C LYS A 299 -24.94 9.33 37.92
N ASP A 300 -24.72 8.36 38.81
CA ASP A 300 -23.73 7.30 38.60
C ASP A 300 -24.33 6.21 37.71
N GLU A 301 -24.48 6.55 36.42
CA GLU A 301 -24.94 5.59 35.43
C GLU A 301 -24.57 6.12 34.06
N PHE A 302 -23.76 5.35 33.32
CA PHE A 302 -23.33 5.70 31.98
C PHE A 302 -23.69 4.56 31.04
N ILE A 303 -24.50 4.84 30.03
CA ILE A 303 -25.02 3.82 29.13
C ILE A 303 -24.12 3.72 27.92
N CYS A 304 -23.54 2.54 27.70
CA CYS A 304 -22.77 2.25 26.49
C CYS A 304 -23.71 1.60 25.48
N ARG A 305 -24.15 2.37 24.50
CA ARG A 305 -25.14 1.93 23.53
C ARG A 305 -24.47 1.60 22.21
N ALA A 306 -24.80 0.42 21.66
CA ALA A 306 -24.28 -0.04 20.39
C ALA A 306 -25.42 -0.22 19.41
N VAL A 307 -25.27 0.36 18.22
CA VAL A 307 -26.28 0.28 17.16
C VAL A 307 -25.77 -0.65 16.08
N HIS A 308 -26.48 -1.76 15.87
CA HIS A 308 -26.10 -2.76 14.88
C HIS A 308 -27.34 -3.25 14.16
N GLU A 309 -27.17 -3.61 12.89
CA GLU A 309 -28.30 -4.03 12.07
C GLU A 309 -28.90 -5.34 12.57
N ALA A 310 -28.11 -6.18 13.25
CA ALA A 310 -28.59 -7.46 13.73
C ALA A 310 -29.28 -7.36 15.08
N ALA A 311 -29.11 -6.26 15.80
CA ALA A 311 -29.78 -6.10 17.09
C ALA A 311 -31.28 -5.91 16.89
N SER A 312 -32.02 -6.08 17.98
CA SER A 312 -33.49 -6.01 17.92
C SER A 312 -34.03 -5.65 19.30
N PRO A 313 -35.25 -5.07 19.37
CA PRO A 313 -36.17 -4.76 18.27
C PRO A 313 -35.77 -3.55 17.43
N SER A 314 -35.32 -2.47 18.07
CA SER A 314 -34.96 -1.23 17.39
C SER A 314 -33.48 -1.18 17.03
N GLN A 315 -32.85 -2.32 16.80
CA GLN A 315 -31.43 -2.40 16.43
C GLN A 315 -30.55 -1.68 17.45
N THR A 316 -30.76 -2.01 18.72
CA THR A 316 -30.07 -1.35 19.82
C THR A 316 -29.76 -2.36 20.91
N VAL A 317 -28.52 -2.30 21.42
CA VAL A 317 -28.11 -3.11 22.57
C VAL A 317 -27.21 -2.24 23.44
N GLN A 318 -27.48 -2.23 24.75
CA GLN A 318 -26.78 -1.33 25.66
C GLN A 318 -26.46 -2.05 26.96
N ARG A 319 -25.62 -1.40 27.76
CA ARG A 319 -25.24 -1.91 29.08
C ARG A 319 -24.65 -0.76 29.88
N ALA A 320 -25.10 -0.62 31.13
CA ALA A 320 -24.65 0.45 32.00
C ALA A 320 -23.56 -0.04 32.95
N VAL A 321 -22.80 0.92 33.48
CA VAL A 321 -21.71 0.63 34.40
C VAL A 321 -21.66 1.73 35.45
N SER A 322 -21.38 1.32 36.69
CA SER A 322 -21.25 2.27 37.80
C SER A 322 -19.83 2.32 38.32
N THR B 9 15.15 -33.48 -16.72
CA THR B 9 15.67 -32.23 -17.27
C THR B 9 14.91 -31.04 -16.69
N PRO B 10 15.63 -30.12 -16.04
CA PRO B 10 14.98 -28.95 -15.47
C PRO B 10 14.41 -28.05 -16.56
N PRO B 11 13.29 -27.39 -16.31
CA PRO B 11 12.69 -26.51 -17.31
C PRO B 11 13.22 -25.09 -17.20
N THR B 12 13.08 -24.35 -18.31
CA THR B 12 13.54 -22.97 -18.41
C THR B 12 12.32 -22.05 -18.39
N VAL B 13 12.30 -21.12 -17.45
CA VAL B 13 11.19 -20.17 -17.32
C VAL B 13 11.53 -18.90 -18.07
N LYS B 14 10.53 -18.31 -18.71
CA LYS B 14 10.72 -17.09 -19.49
C LYS B 14 9.38 -16.38 -19.59
N ILE B 15 9.38 -15.07 -19.33
CA ILE B 15 8.15 -14.28 -19.26
C ILE B 15 8.15 -13.27 -20.40
N LEU B 16 7.01 -13.17 -21.08
CA LEU B 16 6.76 -12.16 -22.10
C LEU B 16 5.52 -11.36 -21.72
N GLN B 17 5.24 -10.32 -22.51
CA GLN B 17 4.07 -9.48 -22.25
C GLN B 17 3.62 -8.83 -23.55
N SER B 18 2.44 -8.22 -23.50
CA SER B 18 1.88 -7.58 -24.68
C SER B 18 2.64 -6.30 -25.01
N SER B 19 2.85 -6.07 -26.30
CA SER B 19 3.59 -4.90 -26.76
C SER B 19 2.74 -3.64 -26.68
N CYS B 20 3.38 -2.52 -26.37
CA CYS B 20 2.68 -1.24 -26.27
C CYS B 20 2.45 -0.65 -27.66
N ASP B 21 1.64 0.39 -27.70
CA ASP B 21 1.27 1.04 -28.95
C ASP B 21 2.44 1.80 -29.54
N GLY B 22 2.41 1.98 -30.86
CA GLY B 22 3.44 2.74 -31.55
C GLY B 22 3.55 4.18 -31.10
N GLY B 23 2.50 4.72 -30.48
CA GLY B 23 2.55 6.07 -29.96
C GLY B 23 2.82 6.12 -28.47
N GLY B 24 3.31 5.01 -27.93
CA GLY B 24 3.60 4.95 -26.50
C GLY B 24 2.39 4.77 -25.63
N HIS B 25 1.33 4.14 -26.13
CA HIS B 25 0.11 3.92 -25.38
C HIS B 25 0.02 2.47 -24.91
N PHE B 26 -0.66 2.27 -23.78
CA PHE B 26 -0.86 0.93 -23.26
C PHE B 26 -2.13 0.31 -23.83
N PRO B 27 -2.10 -0.96 -24.19
CA PRO B 27 -3.32 -1.67 -24.59
C PRO B 27 -4.32 -1.71 -23.45
N PRO B 28 -5.60 -1.97 -23.73
CA PRO B 28 -6.59 -1.96 -22.64
C PRO B 28 -6.37 -3.07 -21.62
N THR B 29 -5.76 -4.18 -22.01
CA THR B 29 -5.51 -5.29 -21.10
C THR B 29 -4.10 -5.81 -21.35
N ILE B 30 -3.25 -5.75 -20.33
CA ILE B 30 -1.88 -6.23 -20.42
C ILE B 30 -1.85 -7.70 -20.03
N GLN B 31 -1.39 -8.56 -20.94
CA GLN B 31 -1.32 -9.99 -20.72
C GLN B 31 0.13 -10.44 -20.60
N LEU B 32 0.41 -11.29 -19.63
CA LEU B 32 1.75 -11.79 -19.35
C LEU B 32 1.80 -13.28 -19.67
N LEU B 33 2.71 -13.66 -20.57
CA LEU B 33 2.90 -15.06 -20.91
C LEU B 33 4.15 -15.60 -20.21
N CYS B 34 4.07 -16.84 -19.74
CA CYS B 34 5.16 -17.50 -19.03
C CYS B 34 5.52 -18.77 -19.78
N LEU B 35 6.52 -18.66 -20.66
CA LEU B 35 6.93 -19.80 -21.47
C LEU B 35 7.85 -20.71 -20.67
N VAL B 36 7.61 -22.02 -20.78
CA VAL B 36 8.47 -23.05 -20.22
C VAL B 36 9.10 -23.81 -21.38
N SER B 37 10.43 -23.75 -21.47
CA SER B 37 11.14 -24.35 -22.58
C SER B 37 11.12 -25.87 -22.47
N GLY B 38 11.95 -26.53 -23.26
CA GLY B 38 11.95 -27.99 -23.28
C GLY B 38 12.39 -28.59 -21.96
N TYR B 39 11.68 -29.65 -21.56
CA TYR B 39 11.98 -30.35 -20.32
C TYR B 39 11.36 -31.73 -20.39
N THR B 40 11.85 -32.61 -19.53
CA THR B 40 11.34 -33.98 -19.49
C THR B 40 9.88 -33.97 -19.05
N PRO B 41 8.99 -34.65 -19.77
CA PRO B 41 7.55 -34.59 -19.42
C PRO B 41 7.29 -35.08 -18.01
N GLY B 42 6.73 -34.20 -17.20
CA GLY B 42 6.43 -34.53 -15.83
C GLY B 42 5.49 -33.52 -15.20
N THR B 43 5.34 -33.63 -13.90
CA THR B 43 4.45 -32.73 -13.16
C THR B 43 5.01 -31.32 -13.16
N ILE B 44 4.30 -30.39 -13.80
CA ILE B 44 4.65 -28.98 -13.80
C ILE B 44 3.48 -28.19 -13.24
N GLN B 45 3.79 -27.23 -12.38
CA GLN B 45 2.78 -26.46 -11.65
C GLN B 45 3.08 -24.98 -11.84
N ILE B 46 2.28 -24.30 -12.65
CA ILE B 46 2.46 -22.89 -12.94
C ILE B 46 1.55 -22.12 -12.00
N THR B 47 2.11 -21.64 -10.90
CA THR B 47 1.37 -20.83 -9.92
C THR B 47 1.77 -19.37 -10.11
N TRP B 48 0.78 -18.53 -10.41
CA TRP B 48 1.02 -17.10 -10.59
C TRP B 48 0.96 -16.40 -9.23
N LEU B 49 1.99 -15.60 -8.94
CA LEU B 49 2.10 -14.90 -7.68
C LEU B 49 2.09 -13.41 -7.91
N GLU B 50 1.19 -12.71 -7.22
CA GLU B 50 1.11 -11.25 -7.24
C GLU B 50 1.56 -10.74 -5.88
N ASP B 51 2.77 -10.18 -5.82
CA ASP B 51 3.38 -9.69 -4.58
C ASP B 51 3.53 -10.81 -3.56
N GLY B 52 3.65 -12.06 -4.02
CA GLY B 52 3.84 -13.19 -3.16
C GLY B 52 2.56 -13.91 -2.74
N GLN B 53 1.42 -13.56 -3.32
CA GLN B 53 0.15 -14.18 -2.99
C GLN B 53 -0.29 -15.10 -4.11
N VAL B 54 -0.96 -16.19 -3.74
CA VAL B 54 -1.34 -17.23 -4.69
C VAL B 54 -2.55 -16.76 -5.50
N MET B 55 -2.47 -16.93 -6.81
CA MET B 55 -3.59 -16.69 -7.71
C MET B 55 -4.29 -18.00 -8.05
N ASP B 56 -5.58 -17.90 -8.36
CA ASP B 56 -6.36 -19.07 -8.73
C ASP B 56 -6.30 -19.27 -10.24
N VAL B 57 -6.20 -20.54 -10.66
CA VAL B 57 -6.14 -20.88 -12.07
C VAL B 57 -7.45 -20.59 -12.80
N ASP B 58 -8.51 -20.25 -12.06
CA ASP B 58 -9.78 -19.83 -12.64
C ASP B 58 -9.71 -18.45 -13.31
N LEU B 59 -8.50 -17.90 -13.44
CA LEU B 59 -8.26 -16.66 -14.15
C LEU B 59 -7.09 -16.73 -15.13
N SER B 60 -6.16 -17.65 -14.95
CA SER B 60 -5.03 -17.83 -15.85
C SER B 60 -5.17 -19.16 -16.58
N THR B 61 -4.93 -19.14 -17.88
CA THR B 61 -5.10 -20.32 -18.74
C THR B 61 -3.83 -21.17 -18.73
N ALA B 62 -4.01 -22.49 -18.69
CA ALA B 62 -2.91 -23.45 -18.73
C ALA B 62 -3.01 -24.26 -20.01
N SER B 63 -1.90 -24.36 -20.73
CA SER B 63 -1.85 -25.11 -21.99
C SER B 63 -0.55 -25.89 -22.04
N THR B 64 -0.64 -27.19 -22.35
CA THR B 64 0.50 -28.09 -22.37
C THR B 64 0.69 -28.66 -23.77
N THR B 65 1.94 -28.68 -24.23
CA THR B 65 2.30 -29.23 -25.52
C THR B 65 3.55 -30.08 -25.37
N GLN B 66 3.51 -31.29 -25.93
CA GLN B 66 4.63 -32.23 -25.86
C GLN B 66 4.97 -32.69 -27.26
N GLU B 67 6.19 -32.40 -27.71
CA GLU B 67 6.64 -32.72 -29.07
C GLU B 67 7.86 -33.62 -28.97
N GLY B 68 7.74 -34.84 -29.48
CA GLY B 68 8.83 -35.80 -29.43
C GLY B 68 9.14 -36.25 -28.01
N GLU B 69 10.16 -35.63 -27.40
CA GLU B 69 10.51 -35.91 -26.02
C GLU B 69 10.49 -34.67 -25.12
N LEU B 70 10.49 -33.47 -25.69
CA LEU B 70 10.46 -32.25 -24.91
C LEU B 70 9.01 -31.78 -24.73
N ALA B 71 8.73 -31.22 -23.56
CA ALA B 71 7.41 -30.68 -23.24
C ALA B 71 7.47 -29.16 -23.19
N SER B 72 6.36 -28.52 -23.53
CA SER B 72 6.26 -27.06 -23.54
C SER B 72 4.91 -26.68 -22.97
N THR B 73 4.90 -26.14 -21.75
CA THR B 73 3.70 -25.71 -21.07
C THR B 73 3.75 -24.20 -20.89
N GLN B 74 2.68 -23.52 -21.28
CA GLN B 74 2.62 -22.07 -21.23
C GLN B 74 1.35 -21.61 -20.52
N SER B 75 1.48 -20.58 -19.69
CA SER B 75 0.37 -20.02 -18.94
C SER B 75 0.25 -18.53 -19.25
N GLU B 76 -0.97 -18.09 -19.53
CA GLU B 76 -1.24 -16.70 -19.88
C GLU B 76 -2.16 -16.09 -18.83
N LEU B 77 -1.75 -14.94 -18.29
CA LEU B 77 -2.49 -14.25 -17.24
C LEU B 77 -3.11 -12.98 -17.82
N THR B 78 -4.41 -12.80 -17.59
CA THR B 78 -5.14 -11.64 -18.08
C THR B 78 -5.21 -10.59 -16.98
N LEU B 79 -4.73 -9.38 -17.27
CA LEU B 79 -4.71 -8.29 -16.31
C LEU B 79 -5.26 -7.03 -16.95
N SER B 80 -5.84 -6.17 -16.12
CA SER B 80 -6.38 -4.91 -16.60
C SER B 80 -5.28 -3.86 -16.74
N GLN B 81 -5.61 -2.78 -17.43
CA GLN B 81 -4.62 -1.72 -17.66
C GLN B 81 -4.27 -0.99 -16.37
N LYS B 82 -5.20 -0.94 -15.40
CA LYS B 82 -4.94 -0.25 -14.15
C LYS B 82 -4.06 -1.04 -13.21
N HIS B 83 -4.15 -2.38 -13.26
CA HIS B 83 -3.37 -3.21 -12.34
C HIS B 83 -1.89 -3.24 -12.73
N TRP B 84 -1.59 -3.18 -14.02
CA TRP B 84 -0.19 -3.12 -14.44
C TRP B 84 0.45 -1.80 -14.05
N LEU B 85 -0.35 -0.74 -13.88
CA LEU B 85 0.15 0.55 -13.45
C LEU B 85 0.35 0.64 -11.95
N SER B 86 0.04 -0.42 -11.19
CA SER B 86 0.22 -0.43 -9.75
C SER B 86 1.63 -0.80 -9.34
N ASP B 87 2.51 -1.13 -10.30
CA ASP B 87 3.92 -1.44 -10.04
C ASP B 87 4.08 -2.63 -9.10
N ARG B 88 3.08 -3.51 -9.06
CA ARG B 88 3.14 -4.69 -8.21
C ARG B 88 4.05 -5.74 -8.84
N THR B 89 4.61 -6.59 -7.98
CA THR B 89 5.56 -7.61 -8.41
C THR B 89 4.78 -8.88 -8.80
N TYR B 90 4.71 -9.15 -10.10
CA TYR B 90 4.10 -10.37 -10.60
C TYR B 90 5.14 -11.46 -10.74
N THR B 91 4.77 -12.68 -10.41
CA THR B 91 5.70 -13.80 -10.37
C THR B 91 5.05 -15.04 -10.97
N CYS B 92 5.75 -15.68 -11.90
CA CYS B 92 5.34 -16.97 -12.46
C CYS B 92 6.18 -18.05 -11.79
N GLN B 93 5.57 -18.78 -10.85
CA GLN B 93 6.24 -19.83 -10.12
C GLN B 93 6.04 -21.16 -10.82
N VAL B 94 7.15 -21.87 -11.09
CA VAL B 94 7.13 -23.15 -11.76
C VAL B 94 7.89 -24.15 -10.90
N THR B 95 7.24 -25.27 -10.58
CA THR B 95 7.83 -26.33 -9.77
C THR B 95 7.95 -27.59 -10.61
N TYR B 96 9.13 -28.22 -10.57
CA TYR B 96 9.37 -29.43 -11.34
C TYR B 96 10.32 -30.33 -10.55
N GLN B 97 9.91 -31.60 -10.37
CA GLN B 97 10.69 -32.64 -9.73
C GLN B 97 11.09 -32.32 -8.30
N GLY B 98 10.47 -31.31 -7.68
CA GLY B 98 10.81 -30.93 -6.34
C GLY B 98 11.39 -29.54 -6.23
N HIS B 99 12.50 -29.30 -6.94
CA HIS B 99 13.10 -27.98 -6.96
C HIS B 99 12.21 -26.99 -7.72
N THR B 100 12.11 -25.78 -7.19
CA THR B 100 11.25 -24.76 -7.77
C THR B 100 12.04 -23.83 -8.69
N PHE B 101 11.32 -23.22 -9.61
CA PHE B 101 11.88 -22.25 -10.55
C PHE B 101 10.96 -21.05 -10.61
N GLU B 102 11.45 -19.89 -10.19
CA GLU B 102 10.65 -18.69 -10.06
C GLU B 102 11.20 -17.59 -10.96
N ASP B 103 10.31 -16.92 -11.69
CA ASP B 103 10.65 -15.78 -12.53
C ASP B 103 9.68 -14.65 -12.20
N SER B 104 10.21 -13.50 -11.81
CA SER B 104 9.41 -12.36 -11.39
C SER B 104 9.48 -11.26 -12.44
N THR B 105 8.48 -10.38 -12.40
CA THR B 105 8.40 -9.26 -13.32
C THR B 105 7.56 -8.15 -12.68
N LYS B 106 7.77 -6.93 -13.16
CA LYS B 106 7.04 -5.78 -12.66
C LYS B 106 6.93 -4.74 -13.76
N LYS B 107 6.19 -3.68 -13.48
CA LYS B 107 5.97 -2.62 -14.46
C LYS B 107 7.26 -1.88 -14.76
N CYS B 108 7.35 -1.37 -15.99
CA CYS B 108 8.54 -0.65 -16.45
C CYS B 108 8.21 0.27 -17.62
N ASN B 112 15.57 4.19 -14.99
CA ASN B 112 15.13 5.21 -14.04
C ASN B 112 15.93 5.14 -12.75
N PRO B 113 16.24 6.31 -12.16
CA PRO B 113 16.90 6.34 -10.87
C PRO B 113 15.94 6.61 -9.71
N ARG B 114 16.26 6.09 -8.53
CA ARG B 114 15.46 6.36 -7.34
C ARG B 114 16.33 6.15 -6.12
N GLY B 115 15.95 6.81 -5.03
CA GLY B 115 16.78 6.82 -3.84
C GLY B 115 16.67 5.53 -3.04
N VAL B 116 17.78 5.18 -2.38
CA VAL B 116 17.84 4.04 -1.46
C VAL B 116 17.63 4.56 -0.05
N SER B 117 16.68 3.98 0.67
CA SER B 117 16.30 4.44 1.99
C SER B 117 16.52 3.34 3.03
N ALA B 118 16.49 3.74 4.29
CA ALA B 118 16.69 2.82 5.40
C ALA B 118 16.12 3.45 6.67
N TYR B 119 15.76 2.59 7.62
CA TYR B 119 15.21 3.02 8.89
C TYR B 119 15.84 2.21 10.01
N LEU B 120 16.15 2.88 11.12
CA LEU B 120 16.73 2.24 12.29
C LEU B 120 15.62 1.94 13.29
N SER B 121 15.41 0.67 13.59
CA SER B 121 14.31 0.24 14.44
C SER B 121 14.69 0.34 15.91
N ARG B 122 13.75 0.86 16.70
CA ARG B 122 13.97 0.95 18.14
C ARG B 122 13.81 -0.43 18.77
N PRO B 123 14.60 -0.74 19.80
CA PRO B 123 14.44 -2.03 20.49
C PRO B 123 13.16 -2.04 21.31
N SER B 124 12.39 -3.12 21.17
CA SER B 124 11.15 -3.23 21.91
C SER B 124 11.43 -3.40 23.40
N PRO B 125 10.58 -2.85 24.26
CA PRO B 125 10.77 -3.06 25.71
C PRO B 125 10.69 -4.52 26.12
N PHE B 126 10.04 -5.37 25.32
CA PHE B 126 10.04 -6.80 25.61
C PHE B 126 11.45 -7.38 25.51
N ASP B 127 12.17 -7.05 24.44
CA ASP B 127 13.57 -7.44 24.34
C ASP B 127 14.42 -6.71 25.36
N LEU B 128 14.01 -5.52 25.78
CA LEU B 128 14.82 -4.68 26.66
C LEU B 128 14.68 -5.10 28.12
N PHE B 129 13.45 -5.09 28.64
CA PHE B 129 13.22 -5.30 30.06
C PHE B 129 12.89 -6.74 30.43
N ILE B 130 12.34 -7.51 29.50
CA ILE B 130 11.86 -8.86 29.78
C ILE B 130 12.80 -9.93 29.20
N ARG B 131 13.07 -9.87 27.90
CA ARG B 131 13.91 -10.86 27.25
C ARG B 131 15.39 -10.67 27.55
N LYS B 132 15.79 -9.55 28.14
CA LYS B 132 17.17 -9.25 28.49
C LYS B 132 18.11 -9.25 27.28
N SER B 133 17.56 -9.11 26.08
CA SER B 133 18.35 -9.02 24.85
C SER B 133 17.80 -7.89 24.00
N PRO B 134 18.01 -6.63 24.42
CA PRO B 134 17.52 -5.49 23.63
C PRO B 134 18.29 -5.38 22.32
N THR B 135 17.57 -5.42 21.21
CA THR B 135 18.17 -5.49 19.88
C THR B 135 17.69 -4.32 19.04
N ILE B 136 18.63 -3.52 18.56
CA ILE B 136 18.36 -2.50 17.56
C ILE B 136 18.53 -3.12 16.18
N THR B 137 17.74 -2.66 15.22
CA THR B 137 17.70 -3.27 13.89
C THR B 137 17.89 -2.19 12.83
N CYS B 138 19.02 -2.24 12.13
CA CYS B 138 19.29 -1.35 11.00
C CYS B 138 18.86 -2.08 9.73
N LEU B 139 17.72 -1.68 9.18
CA LEU B 139 17.14 -2.32 8.00
C LEU B 139 17.32 -1.42 6.79
N VAL B 140 17.87 -1.99 5.73
CA VAL B 140 18.06 -1.28 4.46
C VAL B 140 17.09 -1.87 3.44
N VAL B 141 16.53 -1.00 2.59
CA VAL B 141 15.57 -1.42 1.57
C VAL B 141 15.95 -0.77 0.25
N ASP B 142 15.49 -1.41 -0.84
CA ASP B 142 15.65 -0.91 -2.20
C ASP B 142 17.12 -0.72 -2.56
N LEU B 143 17.88 -1.79 -2.42
CA LEU B 143 19.30 -1.80 -2.73
C LEU B 143 19.56 -2.63 -3.99
N ALA B 144 20.57 -2.21 -4.75
CA ALA B 144 20.95 -2.88 -5.97
C ALA B 144 22.37 -3.41 -5.87
N PRO B 145 22.63 -4.64 -6.35
CA PRO B 145 23.97 -5.26 -6.32
C PRO B 145 25.01 -4.46 -7.10
N THR B 149 29.98 -7.33 -1.24
CA THR B 149 30.15 -7.76 0.15
C THR B 149 29.02 -7.24 1.03
N VAL B 150 28.76 -5.94 0.93
CA VAL B 150 27.72 -5.26 1.71
C VAL B 150 27.95 -5.53 3.20
N GLN B 151 29.00 -4.93 3.75
CA GLN B 151 29.30 -5.08 5.17
C GLN B 151 28.69 -3.92 5.95
N LEU B 152 28.14 -4.24 7.12
CA LEU B 152 27.49 -3.25 7.97
C LEU B 152 28.35 -2.97 9.20
N THR B 153 28.32 -1.71 9.65
CA THR B 153 29.13 -1.27 10.77
C THR B 153 28.29 -0.38 11.68
N TRP B 154 28.44 -0.58 12.98
CA TRP B 154 27.71 0.18 14.00
C TRP B 154 28.64 1.17 14.67
N SER B 155 28.05 2.03 15.50
CA SER B 155 28.81 3.04 16.22
C SER B 155 27.99 3.53 17.41
N ARG B 156 28.70 3.90 18.47
CA ARG B 156 28.11 4.49 19.66
C ARG B 156 28.67 5.90 19.84
N ALA B 157 27.84 6.79 20.41
CA ALA B 157 28.28 8.15 20.66
C ALA B 157 29.13 8.28 21.91
N SER B 158 28.93 7.39 22.89
CA SER B 158 29.72 7.43 24.11
C SER B 158 31.17 7.00 23.90
N GLY B 159 31.45 6.29 22.81
CA GLY B 159 32.78 5.84 22.50
C GLY B 159 33.05 4.37 22.81
N LYS B 160 32.22 3.75 23.64
CA LYS B 160 32.43 2.35 23.99
C LYS B 160 32.20 1.48 22.77
N PRO B 161 32.95 0.37 22.65
CA PRO B 161 32.77 -0.52 21.51
C PRO B 161 31.42 -1.21 21.54
N VAL B 162 30.89 -1.47 20.35
CA VAL B 162 29.58 -2.09 20.20
C VAL B 162 29.73 -3.59 20.28
N ASN B 163 28.69 -4.26 20.80
CA ASN B 163 28.62 -5.71 20.68
C ASN B 163 28.42 -6.09 19.22
N HIS B 164 29.12 -7.14 18.79
CA HIS B 164 29.06 -7.52 17.39
C HIS B 164 27.65 -7.95 17.01
N SER B 165 27.15 -7.40 15.91
CA SER B 165 25.79 -7.66 15.46
C SER B 165 25.77 -8.72 14.36
N THR B 166 24.70 -9.50 14.33
CA THR B 166 24.51 -10.51 13.30
C THR B 166 24.06 -9.82 12.01
N ARG B 167 24.68 -10.21 10.89
CA ARG B 167 24.34 -9.68 9.58
C ARG B 167 23.52 -10.71 8.81
N LYS B 168 22.49 -10.23 8.12
CA LYS B 168 21.62 -11.10 7.33
C LYS B 168 21.20 -10.37 6.07
N GLU B 169 21.56 -10.91 4.92
CA GLU B 169 21.11 -10.39 3.63
C GLU B 169 19.85 -11.11 3.18
N GLU B 170 18.96 -10.38 2.51
CA GLU B 170 17.68 -10.93 2.08
C GLU B 170 17.24 -10.22 0.81
N LYS B 171 17.06 -10.99 -0.27
CA LYS B 171 16.59 -10.46 -1.52
C LYS B 171 15.08 -10.62 -1.62
N GLN B 172 14.41 -9.63 -2.21
CA GLN B 172 12.97 -9.63 -2.36
C GLN B 172 12.60 -9.85 -3.82
N ARG B 173 11.29 -10.06 -4.05
CA ARG B 173 10.82 -10.28 -5.41
C ARG B 173 10.76 -9.00 -6.24
N ASN B 174 10.74 -7.83 -5.60
CA ASN B 174 10.72 -6.56 -6.31
C ASN B 174 12.12 -6.11 -6.75
N GLY B 175 13.06 -7.03 -6.88
CA GLY B 175 14.41 -6.71 -7.32
C GLY B 175 15.28 -6.05 -6.29
N THR B 176 14.77 -5.81 -5.08
CA THR B 176 15.53 -5.13 -4.05
C THR B 176 16.26 -6.13 -3.15
N LEU B 177 17.28 -5.63 -2.47
CA LEU B 177 18.07 -6.41 -1.52
C LEU B 177 18.03 -5.71 -0.17
N THR B 178 17.78 -6.48 0.89
CA THR B 178 17.65 -5.93 2.23
C THR B 178 18.76 -6.47 3.13
N VAL B 179 19.17 -5.65 4.08
CA VAL B 179 20.21 -6.00 5.06
C VAL B 179 19.59 -5.96 6.44
N THR B 180 19.74 -7.07 7.18
CA THR B 180 19.19 -7.19 8.52
C THR B 180 20.35 -7.26 9.51
N SER B 181 20.44 -6.26 10.38
CA SER B 181 21.48 -6.17 11.40
C SER B 181 20.83 -6.12 12.77
N THR B 182 21.18 -7.09 13.62
CA THR B 182 20.61 -7.22 14.96
C THR B 182 21.74 -7.11 15.98
N LEU B 183 21.78 -6.00 16.71
CA LEU B 183 22.85 -5.74 17.67
C LEU B 183 22.31 -5.84 19.09
N PRO B 184 22.83 -6.74 19.92
CA PRO B 184 22.46 -6.74 21.34
C PRO B 184 23.06 -5.53 22.04
N VAL B 185 22.20 -4.66 22.56
CA VAL B 185 22.64 -3.44 23.20
C VAL B 185 22.58 -3.63 24.72
N GLY B 186 23.09 -2.64 25.45
CA GLY B 186 22.99 -2.64 26.89
C GLY B 186 21.72 -1.95 27.38
N THR B 187 21.20 -2.43 28.50
CA THR B 187 19.97 -1.85 29.05
C THR B 187 20.25 -0.50 29.69
N ARG B 188 21.34 -0.40 30.45
CA ARG B 188 21.66 0.87 31.12
C ARG B 188 21.99 1.96 30.12
N ASP B 189 22.53 1.60 28.95
CA ASP B 189 22.89 2.61 27.96
C ASP B 189 21.65 3.28 27.37
N TRP B 190 20.62 2.49 27.06
CA TRP B 190 19.40 3.06 26.48
C TRP B 190 18.66 3.93 27.48
N ILE B 191 18.80 3.65 28.77
CA ILE B 191 18.14 4.48 29.79
C ILE B 191 18.89 5.79 29.97
N GLU B 192 20.23 5.75 29.99
CA GLU B 192 21.02 6.96 30.17
C GLU B 192 20.93 7.89 28.96
N GLY B 193 20.60 7.37 27.79
CA GLY B 193 20.47 8.21 26.62
C GLY B 193 21.51 7.95 25.55
N GLU B 194 21.94 6.70 25.42
CA GLU B 194 22.90 6.34 24.39
C GLU B 194 22.27 6.46 23.01
N THR B 195 23.07 6.91 22.05
CA THR B 195 22.63 7.05 20.66
C THR B 195 23.44 6.13 19.77
N TYR B 196 22.75 5.31 18.99
CA TYR B 196 23.38 4.37 18.07
C TYR B 196 23.15 4.83 16.63
N GLN B 197 24.09 4.50 15.75
CA GLN B 197 24.00 4.88 14.35
C GLN B 197 24.42 3.69 13.49
N CYS B 198 24.21 3.83 12.18
CA CYS B 198 24.40 2.73 11.25
C CYS B 198 24.78 3.27 9.88
N ARG B 199 25.69 2.57 9.21
CA ARG B 199 26.08 2.92 7.86
C ARG B 199 26.53 1.66 7.13
N VAL B 200 26.33 1.65 5.81
CA VAL B 200 26.63 0.49 4.99
C VAL B 200 27.47 0.93 3.80
N THR B 201 28.54 0.19 3.51
CA THR B 201 29.35 0.40 2.33
C THR B 201 28.83 -0.49 1.21
N HIS B 202 28.33 0.12 0.14
CA HIS B 202 27.72 -0.65 -0.93
C HIS B 202 28.59 -0.62 -2.19
N PRO B 203 28.74 -1.76 -2.87
CA PRO B 203 29.51 -1.76 -4.12
C PRO B 203 28.83 -1.00 -5.25
N HIS B 204 27.53 -0.77 -5.16
CA HIS B 204 26.82 -0.05 -6.22
C HIS B 204 27.14 1.44 -6.19
N LEU B 205 26.67 2.14 -5.14
CA LEU B 205 26.93 3.57 -5.03
C LEU B 205 28.09 3.83 -4.09
N PRO B 206 28.90 4.86 -4.36
CA PRO B 206 30.03 5.19 -3.49
C PRO B 206 29.64 5.90 -2.20
N ARG B 207 28.36 6.02 -1.89
CA ARG B 207 27.89 6.74 -0.71
C ARG B 207 27.65 5.77 0.43
N ALA B 208 27.23 6.33 1.58
CA ALA B 208 26.90 5.55 2.75
C ALA B 208 25.99 6.41 3.63
N LEU B 209 24.72 6.01 3.75
CA LEU B 209 23.74 6.78 4.50
C LEU B 209 23.82 6.44 5.98
N MET B 210 23.01 7.12 6.79
CA MET B 210 23.03 6.93 8.23
C MET B 210 21.66 7.24 8.81
N ARG B 211 21.19 6.37 9.70
CA ARG B 211 20.03 6.62 10.53
C ARG B 211 20.43 6.46 11.99
N SER B 212 19.72 7.16 12.87
CA SER B 212 20.05 7.18 14.29
C SER B 212 18.81 6.93 15.13
N THR B 213 18.99 6.21 16.22
CA THR B 213 17.92 5.94 17.18
C THR B 213 18.40 6.28 18.58
N THR B 214 17.45 6.58 19.46
CA THR B 214 17.75 6.94 20.84
C THR B 214 16.47 6.85 21.65
N LYS B 215 16.60 7.08 22.96
CA LYS B 215 15.42 7.12 23.82
C LYS B 215 14.55 8.31 23.45
N THR B 216 13.24 8.07 23.36
CA THR B 216 12.31 9.11 22.92
C THR B 216 12.30 10.26 23.92
N SER B 217 12.45 11.48 23.41
CA SER B 217 12.51 12.67 24.25
C SER B 217 11.12 13.03 24.76
N GLY B 218 11.05 14.08 25.57
CA GLY B 218 9.80 14.55 26.11
C GLY B 218 9.51 13.95 27.48
N PRO B 219 8.57 14.55 28.21
CA PRO B 219 8.19 14.00 29.51
C PRO B 219 7.59 12.61 29.39
N ARG B 220 7.51 11.92 30.52
CA ARG B 220 7.05 10.54 30.58
C ARG B 220 5.87 10.40 31.52
N ALA B 221 4.90 9.59 31.11
CA ALA B 221 3.73 9.26 31.92
C ALA B 221 3.69 7.77 32.13
N ALA B 222 3.54 7.35 33.38
CA ALA B 222 3.50 5.92 33.68
C ALA B 222 2.20 5.30 33.17
N PRO B 223 2.25 4.08 32.63
CA PRO B 223 1.03 3.47 32.11
C PRO B 223 0.13 2.96 33.23
N GLU B 224 -1.18 3.10 33.00
CA GLU B 224 -2.19 2.63 33.95
C GLU B 224 -2.78 1.33 33.44
N VAL B 225 -2.66 0.27 34.24
CA VAL B 225 -3.11 -1.06 33.86
C VAL B 225 -4.42 -1.37 34.55
N TYR B 226 -5.40 -1.84 33.79
CA TYR B 226 -6.70 -2.25 34.32
C TYR B 226 -7.09 -3.56 33.68
N ALA B 227 -7.44 -4.55 34.51
CA ALA B 227 -7.82 -5.88 34.04
C ALA B 227 -9.26 -6.14 34.44
N PHE B 228 -10.07 -6.59 33.48
CA PHE B 228 -11.47 -6.91 33.70
C PHE B 228 -11.76 -8.31 33.19
N ALA B 229 -12.97 -8.78 33.47
CA ALA B 229 -13.41 -10.11 33.06
C ALA B 229 -14.89 -10.06 32.73
N THR B 230 -15.25 -10.62 31.57
CA THR B 230 -16.65 -10.67 31.19
C THR B 230 -17.41 -11.62 32.12
N PRO B 231 -18.64 -11.29 32.51
CA PRO B 231 -19.38 -12.16 33.42
C PRO B 231 -19.71 -13.50 32.79
N GLU B 232 -19.89 -14.50 33.65
CA GLU B 232 -20.19 -15.85 33.20
C GLU B 232 -21.63 -15.92 32.72
N TRP B 233 -21.82 -16.22 31.43
CA TRP B 233 -23.12 -16.41 30.85
C TRP B 233 -23.21 -17.77 30.17
N PRO B 234 -24.31 -18.52 30.37
CA PRO B 234 -24.49 -19.87 29.83
C PRO B 234 -24.30 -19.95 28.32
N ASP B 238 -17.11 -23.15 29.01
CA ASP B 238 -15.71 -23.53 29.12
C ASP B 238 -14.81 -22.50 28.43
N LYS B 239 -15.24 -21.25 28.44
CA LYS B 239 -14.50 -20.19 27.77
C LYS B 239 -14.91 -18.84 28.34
N ARG B 240 -13.92 -18.03 28.72
CA ARG B 240 -14.14 -16.69 29.22
C ARG B 240 -13.25 -15.72 28.46
N THR B 241 -13.72 -14.49 28.32
CA THR B 241 -13.00 -13.44 27.60
C THR B 241 -12.51 -12.39 28.58
N LEU B 242 -11.22 -12.11 28.55
CA LEU B 242 -10.59 -11.12 29.41
C LEU B 242 -10.18 -9.90 28.60
N ALA B 243 -10.21 -8.74 29.25
CA ALA B 243 -9.84 -7.48 28.63
C ALA B 243 -8.86 -6.74 29.53
N CYS B 244 -7.99 -5.93 28.89
CA CYS B 244 -6.98 -5.17 29.61
C CYS B 244 -6.82 -3.81 28.95
N LEU B 245 -6.82 -2.75 29.77
CA LEU B 245 -6.71 -1.38 29.29
C LEU B 245 -5.44 -0.77 29.85
N ILE B 246 -4.51 -0.43 28.95
CA ILE B 246 -3.28 0.26 29.31
C ILE B 246 -3.32 1.62 28.63
N GLN B 247 -3.38 2.68 29.43
CA GLN B 247 -3.66 4.02 28.90
C GLN B 247 -2.81 5.06 29.60
N ASN B 248 -2.77 6.25 28.99
CA ASN B 248 -2.14 7.44 29.57
C ASN B 248 -0.64 7.20 29.85
N PHE B 249 0.08 6.85 28.79
CA PHE B 249 1.52 6.65 28.88
C PHE B 249 2.23 7.39 27.76
N MET B 250 3.36 8.02 28.11
CA MET B 250 4.21 8.67 27.13
C MET B 250 5.66 8.21 27.33
N PRO B 251 6.31 7.79 26.23
CA PRO B 251 5.80 7.78 24.87
C PRO B 251 4.99 6.52 24.56
N GLU B 252 4.74 6.26 23.27
CA GLU B 252 3.91 5.13 22.86
C GLU B 252 4.67 3.81 22.84
N ASP B 253 5.99 3.82 23.05
CA ASP B 253 6.77 2.58 23.05
C ASP B 253 6.38 1.73 24.25
N ILE B 254 5.73 0.59 23.99
CA ILE B 254 5.24 -0.28 25.05
C ILE B 254 5.10 -1.68 24.49
N SER B 255 5.12 -2.67 25.38
CA SER B 255 4.96 -4.08 25.01
C SER B 255 3.98 -4.73 25.96
N VAL B 256 3.01 -5.45 25.41
CA VAL B 256 1.93 -6.07 26.18
C VAL B 256 2.08 -7.59 26.09
N GLN B 257 2.07 -8.25 27.25
CA GLN B 257 2.13 -9.69 27.33
C GLN B 257 1.11 -10.18 28.35
N TRP B 258 0.79 -11.47 28.28
CA TRP B 258 -0.12 -12.12 29.22
C TRP B 258 0.60 -13.26 29.91
N LEU B 259 0.57 -13.25 31.24
CA LEU B 259 1.25 -14.26 32.05
C LEU B 259 0.23 -15.23 32.62
N HIS B 260 0.55 -16.53 32.54
CA HIS B 260 -0.34 -17.57 33.03
C HIS B 260 0.51 -18.77 33.43
N ASN B 261 0.25 -19.29 34.64
CA ASN B 261 0.98 -20.45 35.17
C ASN B 261 2.48 -20.17 35.21
N GLU B 262 2.84 -18.94 35.57
CA GLU B 262 4.23 -18.49 35.62
C GLU B 262 4.93 -18.68 34.27
N VAL B 263 4.16 -18.67 33.19
CA VAL B 263 4.69 -18.87 31.84
C VAL B 263 4.08 -17.81 30.94
N GLN B 264 4.93 -17.10 30.20
CA GLN B 264 4.45 -16.09 29.28
C GLN B 264 3.66 -16.72 28.15
N LEU B 265 2.45 -16.23 27.92
CA LEU B 265 1.61 -16.74 26.85
C LEU B 265 2.09 -16.24 25.50
N PRO B 266 1.88 -17.00 24.43
CA PRO B 266 2.33 -16.57 23.11
C PRO B 266 1.63 -15.29 22.66
N ASP B 267 2.31 -14.56 21.76
CA ASP B 267 1.76 -13.30 21.27
C ASP B 267 0.59 -13.53 20.33
N ALA B 268 0.59 -14.64 19.59
CA ALA B 268 -0.49 -14.94 18.67
C ALA B 268 -1.76 -15.40 19.37
N ARG B 269 -1.70 -15.62 20.69
CA ARG B 269 -2.88 -16.05 21.42
C ARG B 269 -3.84 -14.90 21.72
N HIS B 270 -3.29 -13.74 22.12
CA HIS B 270 -4.10 -12.59 22.52
C HIS B 270 -4.01 -11.51 21.46
N SER B 271 -5.12 -10.81 21.25
CA SER B 271 -5.17 -9.70 20.30
C SER B 271 -4.88 -8.39 21.03
N THR B 272 -3.92 -7.64 20.51
CA THR B 272 -3.49 -6.38 21.11
C THR B 272 -3.38 -5.31 20.04
N THR B 273 -3.90 -4.13 20.34
CA THR B 273 -3.90 -3.02 19.41
C THR B 273 -2.63 -2.20 19.55
N GLN B 274 -2.28 -1.49 18.46
CA GLN B 274 -1.14 -0.61 18.48
C GLN B 274 -1.45 0.64 19.30
N PRO B 275 -0.43 1.30 19.85
CA PRO B 275 -0.67 2.48 20.68
C PRO B 275 -1.34 3.60 19.89
N ARG B 276 -2.37 4.18 20.50
CA ARG B 276 -3.13 5.28 19.90
C ARG B 276 -3.26 6.41 20.92
N LYS B 277 -3.24 7.64 20.43
CA LYS B 277 -3.31 8.80 21.31
C LYS B 277 -4.63 8.85 22.06
N THR B 278 -4.56 9.18 23.34
CA THR B 278 -5.76 9.39 24.14
C THR B 278 -6.39 10.74 23.77
N LYS B 279 -7.51 11.04 24.42
CA LYS B 279 -8.17 12.33 24.19
C LYS B 279 -7.31 13.49 24.69
N GLY B 280 -6.49 13.26 25.71
CA GLY B 280 -5.61 14.28 26.22
C GLY B 280 -4.15 13.95 25.97
N SER B 281 -3.39 13.77 27.04
CA SER B 281 -1.98 13.39 26.95
C SER B 281 -1.83 11.90 27.19
N GLY B 282 -0.89 11.29 26.47
CA GLY B 282 -0.61 9.88 26.59
C GLY B 282 -1.33 9.04 25.53
N PHE B 283 -0.93 7.78 25.46
CA PHE B 283 -1.51 6.82 24.55
C PHE B 283 -2.29 5.77 25.33
N PHE B 284 -3.10 4.99 24.62
CA PHE B 284 -3.88 3.93 25.24
C PHE B 284 -3.87 2.69 24.38
N VAL B 285 -3.84 1.52 25.02
CA VAL B 285 -3.79 0.23 24.35
C VAL B 285 -4.76 -0.71 25.03
N PHE B 286 -5.57 -1.42 24.23
CA PHE B 286 -6.44 -2.47 24.72
C PHE B 286 -5.89 -3.83 24.33
N SER B 287 -6.27 -4.84 25.09
CA SER B 287 -5.83 -6.21 24.85
C SER B 287 -6.97 -7.18 25.16
N ARG B 288 -7.15 -8.17 24.29
CA ARG B 288 -8.19 -9.17 24.44
C ARG B 288 -7.57 -10.56 24.42
N LEU B 289 -7.94 -11.38 25.41
CA LEU B 289 -7.42 -12.74 25.53
C LEU B 289 -8.56 -13.67 25.88
N GLU B 290 -8.62 -14.82 25.20
CA GLU B 290 -9.61 -15.86 25.47
C GLU B 290 -8.92 -17.04 26.14
N VAL B 291 -9.37 -17.39 27.34
CA VAL B 291 -8.79 -18.48 28.11
C VAL B 291 -9.78 -19.63 28.16
N THR B 292 -9.26 -20.84 28.19
CA THR B 292 -10.09 -22.04 28.27
C THR B 292 -10.40 -22.37 29.73
N ARG B 293 -11.31 -23.32 29.92
CA ARG B 293 -11.68 -23.73 31.27
C ARG B 293 -10.54 -24.45 31.97
N ALA B 294 -9.73 -25.22 31.22
CA ALA B 294 -8.62 -25.95 31.81
C ALA B 294 -7.46 -25.04 32.22
N GLU B 295 -7.50 -23.75 31.87
CA GLU B 295 -6.41 -22.85 32.25
C GLU B 295 -6.60 -22.32 33.66
N TRP B 296 -7.74 -21.70 33.96
CA TRP B 296 -7.95 -21.17 35.30
C TRP B 296 -8.19 -22.26 36.33
N GLU B 297 -8.42 -23.52 35.90
CA GLU B 297 -8.45 -24.63 36.84
C GLU B 297 -7.05 -25.03 37.27
N GLN B 298 -6.05 -24.83 36.39
CA GLN B 298 -4.67 -25.09 36.77
C GLN B 298 -4.10 -23.93 37.59
N LYS B 299 -4.51 -22.71 37.27
CA LYS B 299 -4.10 -21.52 38.02
C LYS B 299 -5.00 -20.34 37.66
N ASP B 300 -5.97 -20.03 38.52
CA ASP B 300 -6.92 -18.94 38.27
C ASP B 300 -6.26 -17.59 38.52
N GLU B 301 -5.24 -17.30 37.72
CA GLU B 301 -4.49 -16.04 37.83
C GLU B 301 -3.91 -15.72 36.46
N PHE B 302 -4.47 -14.70 35.81
CA PHE B 302 -3.99 -14.23 34.51
C PHE B 302 -3.55 -12.79 34.66
N ILE B 303 -2.27 -12.53 34.38
CA ILE B 303 -1.64 -11.25 34.66
C ILE B 303 -1.42 -10.52 33.35
N CYS B 304 -1.96 -9.30 33.27
CA CYS B 304 -1.73 -8.40 32.13
C CYS B 304 -0.63 -7.42 32.53
N ARG B 305 0.58 -7.63 31.99
CA ARG B 305 1.75 -6.86 32.35
C ARG B 305 2.10 -5.88 31.24
N ALA B 306 2.28 -4.61 31.61
CA ALA B 306 2.67 -3.57 30.67
C ALA B 306 4.14 -3.24 30.87
N VAL B 307 4.90 -3.21 29.78
CA VAL B 307 6.33 -2.97 29.81
C VAL B 307 6.56 -1.59 29.19
N HIS B 308 6.75 -0.58 30.05
CA HIS B 308 6.96 0.79 29.61
C HIS B 308 8.14 1.38 30.37
N GLU B 309 8.85 2.30 29.71
CA GLU B 309 10.05 2.88 30.29
C GLU B 309 9.75 3.81 31.46
N ALA B 310 8.55 4.36 31.53
CA ALA B 310 8.18 5.29 32.58
C ALA B 310 7.63 4.62 33.82
N ALA B 311 7.30 3.33 33.75
CA ALA B 311 6.74 2.63 34.89
C ALA B 311 7.77 2.48 36.00
N SER B 312 7.27 2.27 37.21
CA SER B 312 8.12 2.12 38.39
C SER B 312 7.68 0.90 39.21
N PRO B 313 8.63 0.26 39.91
CA PRO B 313 10.04 0.60 40.00
C PRO B 313 10.91 -0.04 38.90
N SER B 314 10.57 -1.26 38.49
CA SER B 314 11.34 -2.00 37.50
C SER B 314 10.76 -1.85 36.10
N GLN B 315 10.21 -0.68 35.78
CA GLN B 315 9.58 -0.43 34.49
C GLN B 315 8.49 -1.46 34.21
N THR B 316 7.74 -1.81 35.24
CA THR B 316 6.72 -2.86 35.14
C THR B 316 5.54 -2.51 36.03
N VAL B 317 4.34 -2.52 35.45
CA VAL B 317 3.10 -2.37 36.18
C VAL B 317 2.11 -3.42 35.66
N GLN B 318 1.52 -4.18 36.58
CA GLN B 318 0.67 -5.29 36.19
C GLN B 318 -0.52 -5.39 37.13
N ARG B 319 -1.55 -6.11 36.68
CA ARG B 319 -2.74 -6.38 37.46
C ARG B 319 -3.17 -7.81 37.24
N ALA B 320 -3.77 -8.41 38.27
CA ALA B 320 -4.24 -9.78 38.23
C ALA B 320 -5.77 -9.81 38.27
N VAL B 321 -6.35 -10.78 37.57
CA VAL B 321 -7.80 -10.92 37.49
C VAL B 321 -8.15 -12.40 37.59
N SER B 322 -9.26 -12.71 38.26
CA SER B 322 -9.75 -14.06 38.40
C SER B 322 -11.18 -14.15 37.85
N VAL B 323 -11.55 -15.34 37.39
CA VAL B 323 -12.88 -15.55 36.83
C VAL B 323 -13.72 -16.40 37.78
N VAL C 2 -35.82 -16.15 -3.86
CA VAL C 2 -37.19 -16.46 -4.25
C VAL C 2 -37.19 -17.40 -5.45
N GLN C 3 -38.33 -18.06 -5.68
CA GLN C 3 -38.48 -19.00 -6.77
C GLN C 3 -39.73 -18.67 -7.58
N LEU C 4 -39.67 -18.98 -8.87
CA LEU C 4 -40.78 -18.76 -9.79
C LEU C 4 -41.23 -20.11 -10.34
N VAL C 5 -42.49 -20.46 -10.08
CA VAL C 5 -43.05 -21.74 -10.49
C VAL C 5 -44.22 -21.47 -11.42
N GLU C 6 -44.21 -22.13 -12.58
CA GLU C 6 -45.27 -21.95 -13.57
C GLU C 6 -46.34 -23.03 -13.41
N SER C 7 -47.51 -22.76 -13.97
CA SER C 7 -48.63 -23.70 -13.97
C SER C 7 -49.63 -23.25 -15.02
N GLY C 8 -50.29 -24.23 -15.63
CA GLY C 8 -51.31 -23.97 -16.62
C GLY C 8 -50.97 -24.37 -18.04
N GLY C 9 -49.93 -25.19 -18.25
CA GLY C 9 -49.59 -25.66 -19.56
C GLY C 9 -50.40 -26.86 -19.99
N GLY C 10 -50.11 -27.34 -21.19
CA GLY C 10 -50.79 -28.51 -21.72
C GLY C 10 -51.04 -28.46 -23.21
N LEU C 11 -52.15 -29.06 -23.65
CA LEU C 11 -52.51 -29.14 -25.06
C LEU C 11 -53.68 -28.21 -25.33
N VAL C 12 -53.53 -27.34 -26.34
CA VAL C 12 -54.56 -26.38 -26.72
C VAL C 12 -54.76 -26.47 -28.22
N GLN C 13 -56.03 -26.44 -28.64
CA GLN C 13 -56.37 -26.47 -30.06
C GLN C 13 -55.93 -25.18 -30.74
N PRO C 14 -55.71 -25.22 -32.06
CA PRO C 14 -55.26 -24.01 -32.77
C PRO C 14 -56.27 -22.87 -32.64
N GLY C 15 -55.73 -21.67 -32.41
CA GLY C 15 -56.55 -20.48 -32.26
C GLY C 15 -57.24 -20.33 -30.93
N GLY C 16 -57.14 -21.33 -30.05
CA GLY C 16 -57.83 -21.28 -28.77
C GLY C 16 -57.18 -20.29 -27.82
N SER C 17 -57.64 -20.37 -26.56
CA SER C 17 -57.18 -19.48 -25.49
C SER C 17 -56.53 -20.32 -24.40
N LEU C 18 -55.31 -19.94 -24.03
CA LEU C 18 -54.57 -20.60 -22.97
C LEU C 18 -54.18 -19.59 -21.91
N ARG C 19 -54.33 -19.98 -20.64
CA ARG C 19 -54.03 -19.11 -19.50
C ARG C 19 -52.87 -19.72 -18.73
N LEU C 20 -51.71 -19.06 -18.79
CA LEU C 20 -50.51 -19.51 -18.10
C LEU C 20 -50.31 -18.65 -16.84
N SER C 21 -50.17 -19.32 -15.70
CA SER C 21 -49.98 -18.64 -14.43
C SER C 21 -48.56 -18.84 -13.92
N CYS C 22 -48.18 -18.01 -12.95
CA CYS C 22 -46.85 -18.09 -12.35
C CYS C 22 -46.96 -17.62 -10.90
N ALA C 23 -46.90 -18.57 -9.96
CA ALA C 23 -47.02 -18.27 -8.54
C ALA C 23 -45.62 -18.05 -7.98
N VAL C 24 -45.32 -16.80 -7.61
CA VAL C 24 -44.03 -16.49 -6.99
C VAL C 24 -44.08 -16.85 -5.51
N SER C 25 -42.90 -17.08 -4.93
CA SER C 25 -42.78 -17.51 -3.54
C SER C 25 -41.58 -16.83 -2.91
N GLY C 26 -41.82 -16.13 -1.79
CA GLY C 26 -40.78 -15.50 -1.01
C GLY C 26 -40.80 -13.98 -1.06
N TYR C 27 -41.28 -13.40 -2.15
CA TYR C 27 -41.30 -11.96 -2.33
C TYR C 27 -42.69 -11.52 -2.77
N SER C 28 -43.22 -10.49 -2.10
CA SER C 28 -44.52 -9.96 -2.47
C SER C 28 -44.45 -9.32 -3.84
N ILE C 29 -45.35 -9.73 -4.74
CA ILE C 29 -45.36 -9.24 -6.11
C ILE C 29 -45.68 -7.76 -6.21
N THR C 30 -46.14 -7.14 -5.11
CA THR C 30 -46.49 -5.72 -5.09
C THR C 30 -45.45 -4.87 -4.38
N SER C 31 -44.25 -5.40 -4.17
CA SER C 31 -43.20 -4.67 -3.45
C SER C 31 -42.25 -3.92 -4.38
N GLY C 32 -42.33 -4.14 -5.68
CA GLY C 32 -41.49 -3.40 -6.61
C GLY C 32 -40.47 -4.26 -7.33
N TYR C 33 -40.82 -4.76 -8.50
CA TYR C 33 -39.92 -5.58 -9.32
C TYR C 33 -40.54 -5.71 -10.71
N SER C 34 -39.85 -6.45 -11.57
CA SER C 34 -40.31 -6.71 -12.93
C SER C 34 -40.53 -8.20 -13.12
N TRP C 35 -41.58 -8.54 -13.85
CA TRP C 35 -41.95 -9.93 -14.12
C TRP C 35 -42.26 -10.07 -15.59
N ASN C 36 -41.56 -10.98 -16.27
CA ASN C 36 -41.66 -11.13 -17.72
C ASN C 36 -42.01 -12.56 -18.08
N TRP C 37 -42.41 -12.74 -19.34
CA TRP C 37 -42.64 -14.05 -19.93
C TRP C 37 -41.71 -14.22 -21.12
N ILE C 38 -41.03 -15.38 -21.17
CA ILE C 38 -40.08 -15.68 -22.24
C ILE C 38 -40.40 -17.06 -22.79
N ARG C 39 -40.42 -17.19 -24.11
CA ARG C 39 -40.73 -18.44 -24.77
C ARG C 39 -39.54 -18.89 -25.62
N GLN C 40 -39.48 -20.20 -25.87
CA GLN C 40 -38.39 -20.80 -26.65
C GLN C 40 -38.98 -21.83 -27.59
N ALA C 41 -38.79 -21.62 -28.89
CA ALA C 41 -39.27 -22.56 -29.89
C ALA C 41 -38.50 -23.89 -29.78
N PRO C 42 -39.14 -25.01 -30.14
CA PRO C 42 -38.45 -26.30 -30.05
C PRO C 42 -37.30 -26.40 -31.04
N GLY C 43 -36.07 -26.44 -30.52
CA GLY C 43 -34.89 -26.53 -31.35
C GLY C 43 -34.37 -25.20 -31.86
N LYS C 44 -34.98 -24.09 -31.49
CA LYS C 44 -34.57 -22.76 -31.93
C LYS C 44 -34.17 -21.92 -30.72
N GLY C 45 -34.00 -20.62 -30.95
CA GLY C 45 -33.60 -19.71 -29.89
C GLY C 45 -34.76 -19.24 -29.03
N LEU C 46 -34.43 -18.35 -28.10
CA LEU C 46 -35.40 -17.81 -27.17
C LEU C 46 -35.97 -16.50 -27.69
N GLU C 47 -37.09 -16.07 -27.09
CA GLU C 47 -37.75 -14.84 -27.50
C GLU C 47 -38.62 -14.35 -26.35
N TRP C 48 -38.55 -13.03 -26.10
CA TRP C 48 -39.37 -12.38 -25.09
C TRP C 48 -40.69 -11.92 -25.73
N VAL C 49 -41.73 -11.85 -24.90
CA VAL C 49 -43.05 -11.47 -25.40
C VAL C 49 -43.76 -10.52 -24.44
N ALA C 50 -43.74 -10.82 -23.14
CA ALA C 50 -44.55 -10.11 -22.17
C ALA C 50 -43.70 -9.55 -21.04
N SER C 51 -44.22 -8.51 -20.41
CA SER C 51 -43.58 -7.89 -19.25
C SER C 51 -44.64 -7.14 -18.45
N ILE C 52 -44.41 -7.04 -17.15
CA ILE C 52 -45.33 -6.33 -16.25
C ILE C 52 -44.54 -5.88 -15.02
N THR C 53 -44.78 -4.65 -14.59
CA THR C 53 -44.12 -4.08 -13.43
C THR C 53 -45.07 -4.09 -12.24
N TYR C 54 -44.57 -3.57 -11.11
CA TYR C 54 -45.37 -3.57 -9.89
C TYR C 54 -46.54 -2.60 -9.97
N ASP C 55 -46.37 -1.46 -10.65
CA ASP C 55 -47.42 -0.46 -10.75
C ASP C 55 -48.41 -0.74 -11.87
N GLY C 56 -48.06 -1.56 -12.85
CA GLY C 56 -48.98 -1.94 -13.91
C GLY C 56 -48.51 -1.63 -15.31
N SER C 57 -47.31 -1.11 -15.51
CA SER C 57 -46.84 -0.80 -16.86
C SER C 57 -46.52 -2.09 -17.62
N THR C 58 -47.03 -2.20 -18.84
CA THR C 58 -46.88 -3.39 -19.65
C THR C 58 -46.22 -3.05 -20.98
N ASN C 59 -45.73 -4.09 -21.66
CA ASN C 59 -45.17 -3.97 -22.99
C ASN C 59 -45.29 -5.31 -23.68
N TYR C 60 -45.26 -5.27 -25.02
CA TYR C 60 -45.48 -6.46 -25.82
C TYR C 60 -44.53 -6.48 -27.00
N ASN C 61 -43.99 -7.66 -27.30
CA ASN C 61 -43.08 -7.81 -28.42
C ASN C 61 -43.84 -7.66 -29.74
N PRO C 62 -43.16 -7.17 -30.79
CA PRO C 62 -43.86 -6.95 -32.06
C PRO C 62 -44.37 -8.22 -32.72
N SER C 63 -43.72 -9.36 -32.47
CA SER C 63 -44.09 -10.60 -33.15
C SER C 63 -45.33 -11.25 -32.55
N VAL C 64 -45.71 -10.90 -31.31
CA VAL C 64 -46.84 -11.52 -30.65
C VAL C 64 -47.84 -10.51 -30.11
N LYS C 65 -47.61 -9.21 -30.32
CA LYS C 65 -48.53 -8.20 -29.82
C LYS C 65 -49.88 -8.31 -30.52
N GLY C 66 -50.96 -8.13 -29.77
CA GLY C 66 -52.31 -8.24 -30.26
C GLY C 66 -52.99 -9.55 -29.93
N ARG C 67 -52.22 -10.63 -29.79
CA ARG C 67 -52.77 -11.95 -29.47
C ARG C 67 -52.61 -12.30 -28.00
N ILE C 68 -52.12 -11.37 -27.18
CA ILE C 68 -51.67 -11.67 -25.82
C ILE C 68 -52.38 -10.76 -24.84
N THR C 69 -52.77 -11.33 -23.69
CA THR C 69 -53.37 -10.58 -22.60
C THR C 69 -52.69 -11.02 -21.30
N ILE C 70 -52.01 -10.09 -20.64
CA ILE C 70 -51.28 -10.38 -19.41
C ILE C 70 -51.77 -9.44 -18.31
N SER C 71 -51.97 -9.99 -17.11
CA SER C 71 -52.43 -9.22 -15.97
C SER C 71 -51.84 -9.82 -14.70
N ARG C 72 -52.02 -9.10 -13.59
CA ARG C 72 -51.48 -9.50 -12.31
C ARG C 72 -52.60 -9.64 -11.28
N ASP C 73 -52.30 -10.35 -10.20
CA ASP C 73 -53.22 -10.54 -9.08
C ASP C 73 -52.43 -10.35 -7.79
N ASP C 74 -52.76 -9.30 -7.03
CA ASP C 74 -52.01 -8.98 -5.83
C ASP C 74 -52.32 -9.93 -4.68
N SER C 75 -53.53 -10.51 -4.67
CA SER C 75 -53.95 -11.33 -3.54
C SER C 75 -53.20 -12.65 -3.46
N LYS C 76 -52.83 -13.23 -4.60
CA LYS C 76 -52.20 -14.54 -4.64
C LYS C 76 -50.73 -14.50 -5.03
N ASN C 77 -50.16 -13.30 -5.20
CA ASN C 77 -48.77 -13.15 -5.66
C ASN C 77 -48.54 -13.93 -6.95
N THR C 78 -49.52 -13.87 -7.85
CA THR C 78 -49.50 -14.62 -9.10
C THR C 78 -50.03 -13.75 -10.22
N PHE C 79 -49.35 -13.80 -11.36
CA PHE C 79 -49.78 -13.10 -12.57
C PHE C 79 -49.97 -14.10 -13.69
N TYR C 80 -50.94 -13.83 -14.55
CA TYR C 80 -51.35 -14.76 -15.61
C TYR C 80 -50.94 -14.24 -16.97
N LEU C 81 -51.04 -15.12 -17.96
CA LEU C 81 -50.81 -14.78 -19.37
C LEU C 81 -51.86 -15.51 -20.19
N GLN C 82 -52.91 -14.80 -20.59
CA GLN C 82 -53.95 -15.34 -21.45
C GLN C 82 -53.65 -14.94 -22.89
N MET C 83 -53.69 -15.92 -23.80
CA MET C 83 -53.27 -15.69 -25.17
C MET C 83 -54.22 -16.39 -26.12
N ASN C 84 -54.65 -15.67 -27.16
CA ASN C 84 -55.59 -16.17 -28.16
C ASN C 84 -54.90 -16.21 -29.52
N SER C 85 -55.63 -16.73 -30.51
CA SER C 85 -55.15 -16.82 -31.89
C SER C 85 -53.84 -17.60 -31.96
N LEU C 86 -53.84 -18.78 -31.37
CA LEU C 86 -52.63 -19.61 -31.35
C LEU C 86 -52.38 -20.23 -32.73
N ARG C 87 -51.14 -20.17 -33.16
CA ARG C 87 -50.71 -20.65 -34.47
C ARG C 87 -49.80 -21.86 -34.31
N ALA C 88 -49.42 -22.45 -35.45
CA ALA C 88 -48.51 -23.60 -35.42
C ALA C 88 -47.12 -23.18 -34.95
N GLU C 89 -46.66 -22.00 -35.38
CA GLU C 89 -45.37 -21.47 -34.95
C GLU C 89 -45.42 -20.85 -33.56
N ASP C 90 -46.54 -21.00 -32.85
CA ASP C 90 -46.69 -20.44 -31.51
C ASP C 90 -46.28 -21.42 -30.41
N THR C 91 -46.05 -22.69 -30.75
CA THR C 91 -45.64 -23.68 -29.77
C THR C 91 -44.24 -23.35 -29.26
N ALA C 92 -44.12 -23.15 -27.94
CA ALA C 92 -42.85 -22.79 -27.34
C ALA C 92 -42.91 -23.06 -25.84
N VAL C 93 -41.73 -23.23 -25.25
CA VAL C 93 -41.60 -23.44 -23.81
C VAL C 93 -41.59 -22.08 -23.14
N TYR C 94 -42.63 -21.79 -22.35
CA TYR C 94 -42.78 -20.48 -21.73
C TYR C 94 -42.11 -20.47 -20.36
N TYR C 95 -41.20 -19.50 -20.16
CA TYR C 95 -40.48 -19.33 -18.92
C TYR C 95 -40.96 -18.07 -18.22
N CYS C 96 -41.34 -18.21 -16.96
CA CYS C 96 -41.69 -17.07 -16.11
C CYS C 96 -40.42 -16.57 -15.43
N ALA C 97 -39.97 -15.37 -15.82
CA ALA C 97 -38.71 -14.85 -15.36
C ALA C 97 -38.91 -13.46 -14.73
N ARG C 98 -37.91 -13.06 -13.95
CA ARG C 98 -37.90 -11.77 -13.26
C ARG C 98 -36.65 -10.99 -13.66
N GLY C 99 -36.83 -9.70 -13.95
CA GLY C 99 -35.74 -8.84 -14.34
C GLY C 99 -35.34 -7.87 -13.25
N SER C 100 -34.17 -7.26 -13.44
CA SER C 100 -33.62 -6.28 -12.51
C SER C 100 -33.26 -5.01 -13.27
N HIS C 101 -33.47 -3.88 -12.60
CA HIS C 101 -33.32 -2.57 -13.24
C HIS C 101 -31.85 -2.16 -13.33
N TYR C 102 -31.53 -1.43 -14.40
CA TYR C 102 -30.16 -0.96 -14.62
C TYR C 102 -30.24 0.21 -15.62
N PHE C 103 -30.45 1.42 -15.10
CA PHE C 103 -30.48 2.64 -15.91
C PHE C 103 -31.52 2.57 -17.02
N GLY C 104 -32.62 1.86 -16.77
CA GLY C 104 -33.65 1.68 -17.77
C GLY C 104 -33.50 0.47 -18.65
N HIS C 105 -32.66 -0.49 -18.28
CA HIS C 105 -32.45 -1.71 -19.04
C HIS C 105 -32.52 -2.90 -18.09
N TRP C 106 -33.22 -3.95 -18.52
CA TRP C 106 -33.51 -5.09 -17.67
C TRP C 106 -32.76 -6.33 -18.14
N HIS C 107 -32.57 -7.26 -17.20
CA HIS C 107 -31.98 -8.56 -17.50
C HIS C 107 -32.60 -9.60 -16.57
N PHE C 108 -32.97 -10.75 -17.15
CA PHE C 108 -33.69 -11.78 -16.41
C PHE C 108 -32.74 -12.48 -15.45
N ALA C 109 -32.96 -12.28 -14.15
CA ALA C 109 -32.12 -12.91 -13.13
C ALA C 109 -32.67 -14.29 -12.74
N VAL C 110 -33.88 -14.32 -12.19
CA VAL C 110 -34.52 -15.55 -11.78
C VAL C 110 -35.28 -16.14 -12.97
N TRP C 111 -35.18 -17.46 -13.13
CA TRP C 111 -35.85 -18.17 -14.20
C TRP C 111 -36.75 -19.25 -13.64
N GLY C 112 -37.95 -19.37 -14.19
CA GLY C 112 -38.89 -20.38 -13.76
C GLY C 112 -38.52 -21.76 -14.28
N GLN C 113 -39.35 -22.74 -13.93
CA GLN C 113 -39.10 -24.11 -14.33
C GLN C 113 -39.38 -24.34 -15.81
N GLY C 114 -40.23 -23.52 -16.43
CA GLY C 114 -40.53 -23.66 -17.85
C GLY C 114 -41.59 -24.70 -18.13
N THR C 115 -42.68 -24.28 -18.79
CA THR C 115 -43.76 -25.17 -19.15
C THR C 115 -43.90 -25.23 -20.66
N LEU C 116 -44.14 -26.43 -21.19
CA LEU C 116 -44.25 -26.65 -22.63
C LEU C 116 -45.71 -26.62 -23.03
N VAL C 117 -46.04 -25.74 -23.97
CA VAL C 117 -47.39 -25.65 -24.55
C VAL C 117 -47.28 -26.03 -26.01
N THR C 118 -47.97 -27.11 -26.40
CA THR C 118 -47.94 -27.63 -27.75
C THR C 118 -49.30 -27.35 -28.40
N VAL C 119 -49.31 -26.48 -29.42
CA VAL C 119 -50.53 -26.14 -30.14
C VAL C 119 -50.64 -27.06 -31.35
N SER C 120 -51.68 -27.89 -31.39
CA SER C 120 -51.88 -28.82 -32.48
C SER C 120 -53.33 -29.26 -32.48
N SER C 121 -53.69 -30.04 -33.51
CA SER C 121 -55.03 -30.59 -33.64
C SER C 121 -55.11 -32.06 -33.25
N ALA C 122 -53.97 -32.74 -33.10
CA ALA C 122 -53.97 -34.14 -32.73
C ALA C 122 -54.46 -34.31 -31.28
N SER C 123 -55.03 -35.46 -31.00
CA SER C 123 -55.60 -35.75 -29.69
C SER C 123 -54.52 -36.26 -28.74
N THR C 124 -54.85 -36.23 -27.44
CA THR C 124 -53.92 -36.68 -26.42
C THR C 124 -53.85 -38.20 -26.39
N LYS C 125 -52.67 -38.72 -26.09
CA LYS C 125 -52.44 -40.17 -26.04
C LYS C 125 -51.50 -40.48 -24.89
N GLY C 126 -51.93 -41.40 -24.02
CA GLY C 126 -51.13 -41.81 -22.90
C GLY C 126 -50.10 -42.86 -23.29
N PRO C 127 -49.03 -42.96 -22.52
CA PRO C 127 -47.96 -43.91 -22.85
C PRO C 127 -48.20 -45.30 -22.29
N SER C 128 -47.71 -46.29 -23.02
CA SER C 128 -47.68 -47.67 -22.57
C SER C 128 -46.27 -48.00 -22.12
N VAL C 129 -46.16 -48.62 -20.94
CA VAL C 129 -44.88 -48.84 -20.29
C VAL C 129 -44.54 -50.32 -20.33
N PHE C 130 -43.35 -50.64 -20.84
CA PHE C 130 -42.86 -52.02 -20.92
C PHE C 130 -41.46 -52.10 -20.36
N PRO C 131 -41.13 -53.15 -19.63
CA PRO C 131 -39.81 -53.27 -19.01
C PRO C 131 -38.75 -53.72 -20.00
N LEU C 132 -37.50 -53.59 -19.56
CA LEU C 132 -36.33 -54.01 -20.34
C LEU C 132 -35.47 -54.89 -19.44
N ALA C 133 -35.63 -56.23 -19.57
CA ALA C 133 -34.91 -57.13 -18.68
C ALA C 133 -33.66 -57.68 -19.35
N PRO C 134 -32.55 -57.78 -18.61
CA PRO C 134 -31.29 -58.34 -19.14
C PRO C 134 -31.29 -59.86 -19.16
N GLY C 141 -21.54 -59.52 -18.40
CA GLY C 141 -20.32 -59.05 -17.77
C GLY C 141 -20.45 -58.87 -16.26
N GLY C 142 -19.85 -57.80 -15.75
CA GLY C 142 -19.92 -57.51 -14.34
C GLY C 142 -20.92 -56.43 -13.99
N THR C 143 -21.36 -55.69 -15.01
CA THR C 143 -22.35 -54.62 -14.86
C THR C 143 -23.54 -54.96 -15.73
N ALA C 144 -24.74 -54.84 -15.15
CA ALA C 144 -25.98 -55.14 -15.84
C ALA C 144 -26.71 -53.86 -16.23
N ALA C 145 -27.63 -53.99 -17.17
CA ALA C 145 -28.42 -52.87 -17.66
C ALA C 145 -29.89 -53.24 -17.66
N LEU C 146 -30.73 -52.28 -17.26
CA LEU C 146 -32.17 -52.47 -17.24
C LEU C 146 -32.83 -51.10 -17.43
N GLY C 147 -34.07 -51.13 -17.92
CA GLY C 147 -34.75 -49.88 -18.17
C GLY C 147 -36.23 -50.08 -18.42
N CYS C 148 -36.88 -48.99 -18.79
CA CYS C 148 -38.30 -48.97 -19.11
C CYS C 148 -38.50 -48.30 -20.46
N LEU C 149 -39.63 -48.61 -21.10
CA LEU C 149 -39.95 -48.08 -22.41
C LEU C 149 -41.23 -47.26 -22.34
N VAL C 150 -41.19 -46.06 -22.91
CA VAL C 150 -42.34 -45.16 -23.00
C VAL C 150 -42.65 -45.01 -24.47
N LYS C 151 -43.67 -45.72 -24.95
CA LYS C 151 -43.93 -45.87 -26.38
C LYS C 151 -45.33 -45.38 -26.72
N ASP C 152 -45.46 -44.77 -27.91
CA ASP C 152 -46.73 -44.33 -28.47
C ASP C 152 -47.49 -43.40 -27.53
N TYR C 153 -47.11 -42.13 -27.50
CA TYR C 153 -47.82 -41.15 -26.69
C TYR C 153 -47.73 -39.78 -27.35
N PHE C 154 -48.52 -38.85 -26.84
CA PHE C 154 -48.55 -37.48 -27.31
C PHE C 154 -49.37 -36.62 -26.35
N PRO C 155 -48.88 -35.43 -26.00
CA PRO C 155 -47.58 -34.88 -26.41
C PRO C 155 -46.53 -34.93 -25.29
N GLU C 156 -45.47 -34.14 -25.47
CA GLU C 156 -44.43 -34.00 -24.46
C GLU C 156 -44.90 -33.03 -23.37
N PRO C 157 -44.22 -33.01 -22.20
CA PRO C 157 -43.08 -33.82 -21.75
C PRO C 157 -43.47 -34.98 -20.83
N VAL C 158 -42.48 -35.78 -20.45
CA VAL C 158 -42.67 -36.92 -19.55
C VAL C 158 -41.58 -36.87 -18.49
N THR C 159 -41.98 -37.04 -17.23
CA THR C 159 -41.04 -37.10 -16.12
C THR C 159 -40.85 -38.56 -15.71
N VAL C 160 -39.59 -38.98 -15.57
CA VAL C 160 -39.24 -40.36 -15.28
C VAL C 160 -38.30 -40.39 -14.09
N SER C 161 -38.59 -41.25 -13.11
CA SER C 161 -37.73 -41.47 -11.96
C SER C 161 -37.73 -42.96 -11.64
N TRP C 162 -36.82 -43.35 -10.73
CA TRP C 162 -36.64 -44.75 -10.36
C TRP C 162 -36.71 -44.89 -8.85
N ASN C 163 -37.48 -45.88 -8.39
CA ASN C 163 -37.62 -46.19 -6.97
C ASN C 163 -38.06 -44.95 -6.18
N SER C 164 -38.97 -44.18 -6.77
CA SER C 164 -39.46 -42.93 -6.18
C SER C 164 -38.31 -41.95 -5.90
N GLY C 165 -37.22 -42.06 -6.66
CA GLY C 165 -36.09 -41.18 -6.49
C GLY C 165 -34.90 -41.76 -5.75
N ALA C 166 -34.90 -43.07 -5.48
CA ALA C 166 -33.81 -43.67 -4.73
C ALA C 166 -32.61 -44.01 -5.60
N LEU C 167 -32.80 -44.15 -6.91
CA LEU C 167 -31.73 -44.48 -7.84
C LEU C 167 -31.54 -43.32 -8.81
N THR C 168 -30.41 -42.62 -8.67
CA THR C 168 -30.08 -41.50 -9.53
C THR C 168 -28.77 -41.66 -10.29
N SER C 169 -27.80 -42.39 -9.73
CA SER C 169 -26.53 -42.59 -10.42
C SER C 169 -26.70 -43.59 -11.55
N GLY C 170 -26.19 -43.25 -12.73
CA GLY C 170 -26.28 -44.12 -13.87
C GLY C 170 -27.60 -44.07 -14.62
N VAL C 171 -28.42 -43.06 -14.37
CA VAL C 171 -29.70 -42.91 -15.06
C VAL C 171 -29.48 -42.17 -16.37
N HIS C 172 -29.99 -42.74 -17.46
CA HIS C 172 -29.89 -42.15 -18.79
C HIS C 172 -31.29 -42.10 -19.41
N THR C 173 -31.90 -40.91 -19.37
CA THR C 173 -33.21 -40.68 -19.96
C THR C 173 -33.00 -40.11 -21.36
N PHE C 174 -33.16 -40.95 -22.37
CA PHE C 174 -32.95 -40.51 -23.75
C PHE C 174 -34.07 -39.57 -24.18
N PRO C 175 -33.76 -38.51 -24.91
CA PRO C 175 -34.81 -37.63 -25.42
C PRO C 175 -35.77 -38.38 -26.32
N ALA C 176 -37.02 -37.95 -26.32
CA ALA C 176 -38.06 -38.64 -27.08
C ALA C 176 -37.85 -38.48 -28.58
N VAL C 177 -38.35 -39.44 -29.34
CA VAL C 177 -38.27 -39.44 -30.78
C VAL C 177 -39.67 -39.55 -31.36
N LEU C 178 -39.87 -38.93 -32.52
CA LEU C 178 -41.17 -38.94 -33.20
C LEU C 178 -41.25 -40.20 -34.06
N GLN C 179 -42.12 -41.12 -33.67
CA GLN C 179 -42.24 -42.41 -34.36
C GLN C 179 -42.96 -42.23 -35.70
N SER C 180 -43.04 -43.33 -36.46
CA SER C 180 -43.64 -43.26 -37.79
C SER C 180 -45.12 -42.93 -37.73
N SER C 181 -45.79 -43.30 -36.64
CA SER C 181 -47.22 -43.05 -36.49
C SER C 181 -47.51 -41.63 -36.00
N GLY C 182 -46.51 -40.75 -35.99
CA GLY C 182 -46.70 -39.39 -35.52
C GLY C 182 -46.69 -39.21 -34.03
N LEU C 183 -46.49 -40.27 -33.26
CA LEU C 183 -46.44 -40.21 -31.81
C LEU C 183 -44.99 -40.21 -31.33
N TYR C 184 -44.80 -39.79 -30.08
CA TYR C 184 -43.48 -39.77 -29.48
C TYR C 184 -43.20 -41.09 -28.77
N SER C 185 -41.93 -41.49 -28.79
CA SER C 185 -41.46 -42.69 -28.11
C SER C 185 -40.17 -42.35 -27.37
N LEU C 186 -40.04 -42.89 -26.16
CA LEU C 186 -38.92 -42.55 -25.29
C LEU C 186 -38.43 -43.77 -24.54
N SER C 187 -37.12 -43.90 -24.43
CA SER C 187 -36.49 -44.98 -23.68
C SER C 187 -35.72 -44.39 -22.50
N SER C 188 -35.72 -45.13 -21.39
CA SER C 188 -35.00 -44.73 -20.19
C SER C 188 -34.36 -45.98 -19.58
N VAL C 189 -33.04 -45.97 -19.44
CA VAL C 189 -32.29 -47.11 -18.93
C VAL C 189 -31.38 -46.64 -17.80
N VAL C 190 -30.94 -47.61 -17.00
CA VAL C 190 -30.03 -47.34 -15.89
C VAL C 190 -29.11 -48.56 -15.73
N THR C 191 -27.83 -48.29 -15.55
CA THR C 191 -26.82 -49.33 -15.41
C THR C 191 -26.53 -49.56 -13.93
N VAL C 192 -26.65 -50.82 -13.50
CA VAL C 192 -26.40 -51.21 -12.12
C VAL C 192 -25.49 -52.42 -12.11
N PRO C 193 -24.71 -52.64 -11.05
CA PRO C 193 -23.85 -53.82 -10.99
C PRO C 193 -24.66 -55.12 -11.06
N SER C 194 -24.04 -56.14 -11.66
CA SER C 194 -24.72 -57.41 -11.86
C SER C 194 -25.02 -58.12 -10.54
N SER C 195 -24.29 -57.81 -9.48
CA SER C 195 -24.55 -58.46 -8.20
C SER C 195 -25.87 -58.01 -7.59
N SER C 196 -26.30 -56.79 -7.89
CA SER C 196 -27.52 -56.22 -7.31
C SER C 196 -28.76 -56.58 -8.13
N LEU C 197 -28.68 -57.57 -9.01
CA LEU C 197 -29.85 -57.94 -9.81
C LEU C 197 -30.87 -58.71 -8.97
N GLY C 198 -30.45 -59.81 -8.36
CA GLY C 198 -31.35 -60.61 -7.55
C GLY C 198 -31.55 -60.13 -6.13
N THR C 199 -30.92 -59.02 -5.74
CA THR C 199 -31.04 -58.48 -4.39
C THR C 199 -31.90 -57.24 -4.31
N GLN C 200 -31.65 -56.25 -5.17
CA GLN C 200 -32.39 -55.00 -5.15
C GLN C 200 -33.53 -55.05 -6.15
N THR C 201 -34.63 -54.38 -5.80
CA THR C 201 -35.78 -54.26 -6.67
C THR C 201 -35.72 -52.93 -7.42
N TYR C 202 -36.09 -52.96 -8.70
CA TYR C 202 -36.00 -51.81 -9.58
C TYR C 202 -37.37 -51.49 -10.14
N ILE C 203 -37.83 -50.25 -9.94
CA ILE C 203 -39.14 -49.80 -10.39
C ILE C 203 -38.99 -48.39 -10.96
N CYS C 204 -39.51 -48.17 -12.16
CA CYS C 204 -39.47 -46.87 -12.81
C CYS C 204 -40.81 -46.15 -12.62
N ASN C 205 -40.74 -44.87 -12.33
CA ASN C 205 -41.92 -44.04 -12.14
C ASN C 205 -42.14 -43.18 -13.39
N VAL C 206 -43.30 -43.32 -14.02
CA VAL C 206 -43.66 -42.57 -15.21
C VAL C 206 -44.87 -41.71 -14.88
N ASN C 207 -44.80 -40.43 -15.27
CA ASN C 207 -45.89 -39.50 -15.06
C ASN C 207 -46.04 -38.63 -16.29
N HIS C 208 -47.25 -38.62 -16.85
CA HIS C 208 -47.58 -37.82 -18.03
C HIS C 208 -48.71 -36.86 -17.64
N LYS C 209 -48.33 -35.64 -17.27
CA LYS C 209 -49.33 -34.68 -16.78
C LYS C 209 -50.40 -34.33 -17.80
N PRO C 210 -50.11 -34.11 -19.09
CA PRO C 210 -51.18 -33.75 -20.02
C PRO C 210 -52.27 -34.80 -20.17
N SER C 211 -51.99 -36.06 -19.81
CA SER C 211 -53.00 -37.10 -19.87
C SER C 211 -53.37 -37.68 -18.51
N ASN C 212 -52.84 -37.14 -17.42
CA ASN C 212 -53.16 -37.60 -16.07
C ASN C 212 -52.87 -39.10 -15.90
N THR C 213 -51.69 -39.51 -16.37
CA THR C 213 -51.28 -40.92 -16.37
C THR C 213 -50.08 -41.10 -15.47
N LYS C 214 -50.21 -41.96 -14.46
CA LYS C 214 -49.13 -42.29 -13.55
C LYS C 214 -48.98 -43.80 -13.50
N VAL C 215 -47.84 -44.30 -13.95
CA VAL C 215 -47.60 -45.73 -14.08
C VAL C 215 -46.26 -46.08 -13.42
N ASP C 216 -46.24 -47.19 -12.69
CA ASP C 216 -45.02 -47.71 -12.06
C ASP C 216 -44.86 -49.17 -12.49
N LYS C 217 -43.85 -49.43 -13.32
CA LYS C 217 -43.60 -50.76 -13.86
C LYS C 217 -42.31 -51.31 -13.27
N LYS C 218 -42.36 -52.56 -12.82
CA LYS C 218 -41.21 -53.21 -12.21
C LYS C 218 -40.41 -53.98 -13.25
N VAL C 219 -39.08 -53.98 -13.10
CA VAL C 219 -38.18 -54.66 -14.02
C VAL C 219 -37.41 -55.71 -13.22
N GLU C 220 -37.59 -56.98 -13.58
CA GLU C 220 -36.87 -58.08 -12.98
C GLU C 220 -36.18 -58.90 -14.06
N PRO C 221 -35.02 -59.48 -13.76
CA PRO C 221 -34.26 -60.18 -14.80
C PRO C 221 -35.00 -61.40 -15.33
N LYS C 222 -34.72 -61.75 -16.58
CA LYS C 222 -35.36 -62.86 -17.26
C LYS C 222 -34.34 -63.99 -17.42
N SER C 223 -34.63 -65.14 -16.83
CA SER C 223 -33.75 -66.29 -16.92
C SER C 223 -34.55 -67.59 -16.98
N GLU D 1 21.65 22.44 32.30
CA GLU D 1 22.18 21.16 31.81
C GLU D 1 23.64 21.00 32.19
N VAL D 2 24.37 20.26 31.38
CA VAL D 2 25.79 20.00 31.62
C VAL D 2 26.60 21.15 31.04
N GLN D 3 27.42 21.78 31.88
CA GLN D 3 28.30 22.87 31.45
C GLN D 3 29.69 22.64 32.00
N LEU D 4 30.68 23.23 31.35
CA LEU D 4 32.08 23.10 31.72
C LEU D 4 32.68 24.49 31.92
N VAL D 5 33.42 24.66 33.01
CA VAL D 5 34.07 25.91 33.34
C VAL D 5 35.53 25.64 33.66
N GLU D 6 36.41 26.46 33.12
CA GLU D 6 37.85 26.31 33.30
C GLU D 6 38.38 27.32 34.32
N SER D 7 39.55 27.02 34.86
CA SER D 7 40.19 27.88 35.85
C SER D 7 41.67 27.53 35.93
N GLY D 8 42.46 28.49 36.40
CA GLY D 8 43.89 28.28 36.57
C GLY D 8 44.75 29.15 35.68
N GLY D 9 44.42 30.44 35.59
CA GLY D 9 45.17 31.35 34.75
C GLY D 9 45.82 32.49 35.53
N GLY D 10 46.40 33.44 34.81
CA GLY D 10 47.07 34.59 35.39
C GLY D 10 48.46 34.74 34.85
N LEU D 11 49.21 35.68 35.43
CA LEU D 11 50.58 35.90 35.01
C LEU D 11 51.46 34.72 35.42
N VAL D 12 52.26 34.23 34.48
CA VAL D 12 53.15 33.10 34.70
C VAL D 12 54.55 33.50 34.24
N GLN D 13 55.56 33.19 35.05
CA GLN D 13 56.93 33.45 34.65
C GLN D 13 57.33 32.51 33.51
N PRO D 14 58.23 32.96 32.63
CA PRO D 14 58.64 32.09 31.51
C PRO D 14 59.42 30.88 31.99
N GLY D 15 59.17 29.75 31.33
CA GLY D 15 59.80 28.50 31.71
C GLY D 15 59.23 27.84 32.94
N GLY D 16 58.12 28.35 33.47
CA GLY D 16 57.50 27.80 34.66
C GLY D 16 56.50 26.71 34.34
N SER D 17 55.55 26.52 35.27
CA SER D 17 54.54 25.50 35.16
C SER D 17 53.15 26.13 35.15
N LEU D 18 52.24 25.52 34.40
CA LEU D 18 50.86 25.96 34.31
C LEU D 18 49.95 24.77 34.62
N ARG D 19 49.17 24.89 35.68
CA ARG D 19 48.24 23.85 36.12
C ARG D 19 46.82 24.30 35.80
N LEU D 20 46.19 23.62 34.85
CA LEU D 20 44.84 23.97 34.40
C LEU D 20 43.81 23.06 35.05
N SER D 21 42.61 23.60 35.24
CA SER D 21 41.53 22.87 35.89
C SER D 21 40.21 23.16 35.19
N CYS D 22 39.42 22.11 34.98
CA CYS D 22 38.09 22.24 34.39
C CYS D 22 37.17 21.26 35.12
N ALA D 23 36.16 21.80 35.81
CA ALA D 23 35.24 21.00 36.57
C ALA D 23 34.10 20.51 35.69
N VAL D 24 33.75 19.24 35.84
CA VAL D 24 32.69 18.61 35.07
C VAL D 24 31.48 18.43 35.99
N SER D 25 30.34 18.99 35.57
CA SER D 25 29.11 18.89 36.32
C SER D 25 28.00 18.39 35.41
N GLY D 26 27.25 17.39 35.88
CA GLY D 26 26.15 16.80 35.15
C GLY D 26 26.41 15.37 34.69
N TYR D 27 27.67 15.00 34.49
CA TYR D 27 28.02 13.66 34.05
C TYR D 27 29.37 13.28 34.64
N SER D 28 29.65 11.98 34.63
CA SER D 28 30.91 11.45 35.12
C SER D 28 31.92 11.35 33.97
N ILE D 29 33.13 10.90 34.30
CA ILE D 29 34.20 10.78 33.33
C ILE D 29 34.58 9.32 33.08
N THR D 30 34.61 8.50 34.14
CA THR D 30 34.99 7.11 33.99
C THR D 30 34.02 6.37 33.07
N SER D 31 32.73 6.67 33.17
CA SER D 31 31.71 6.08 32.30
C SER D 31 31.15 7.09 31.32
N GLY D 32 31.87 8.19 31.08
CA GLY D 32 31.42 9.26 30.23
C GLY D 32 31.98 9.20 28.83
N TYR D 33 32.18 10.37 28.23
CA TYR D 33 32.65 10.47 26.85
C TYR D 33 34.14 10.78 26.82
N SER D 34 34.59 11.47 25.78
CA SER D 34 35.97 11.90 25.67
C SER D 34 36.13 13.34 26.14
N TRP D 35 37.28 13.62 26.75
CA TRP D 35 37.57 14.94 27.31
C TRP D 35 38.95 15.38 26.86
N ASN D 36 39.07 16.65 26.48
CA ASN D 36 40.33 17.16 25.93
C ASN D 36 40.40 18.65 26.15
N TRP D 37 41.59 19.21 25.90
CA TRP D 37 41.84 20.64 25.98
C TRP D 37 42.13 21.18 24.59
N ILE D 38 41.59 22.36 24.29
CA ILE D 38 41.81 23.05 23.03
C ILE D 38 42.25 24.47 23.34
N ARG D 39 43.43 24.86 22.88
CA ARG D 39 43.97 26.19 23.12
C ARG D 39 44.00 27.00 21.83
N GLN D 40 43.95 28.32 21.98
CA GLN D 40 44.09 29.23 20.85
C GLN D 40 44.99 30.39 21.26
N ALA D 41 45.98 30.68 20.43
CA ALA D 41 46.90 31.77 20.71
C ALA D 41 46.20 33.11 20.56
N PRO D 42 46.72 34.16 21.21
CA PRO D 42 46.12 35.50 21.06
C PRO D 42 46.07 35.95 19.61
N GLY D 43 44.87 35.88 19.01
CA GLY D 43 44.68 36.31 17.64
C GLY D 43 45.07 35.30 16.59
N LYS D 44 45.14 34.02 16.94
CA LYS D 44 45.57 32.99 16.00
C LYS D 44 44.51 31.89 15.98
N GLY D 45 44.89 30.71 15.50
CA GLY D 45 43.98 29.59 15.41
C GLY D 45 44.03 28.69 16.62
N LEU D 46 43.28 27.60 16.55
CA LEU D 46 43.17 26.64 17.64
C LEU D 46 43.99 25.40 17.32
N GLU D 47 44.62 24.84 18.34
CA GLU D 47 45.49 23.68 18.19
C GLU D 47 45.19 22.69 19.31
N TRP D 48 44.77 21.49 18.93
CA TRP D 48 44.56 20.42 19.91
C TRP D 48 45.88 20.01 20.52
N VAL D 49 45.88 19.77 21.83
CA VAL D 49 47.12 19.53 22.56
C VAL D 49 47.06 18.23 23.35
N ALA D 50 46.01 18.05 24.16
CA ALA D 50 45.92 16.89 25.04
C ALA D 50 44.49 16.38 25.05
N SER D 51 44.35 15.07 25.28
CA SER D 51 43.05 14.43 25.33
C SER D 51 43.11 13.23 26.27
N ILE D 52 41.94 12.80 26.72
CA ILE D 52 41.80 11.63 27.57
C ILE D 52 40.42 11.02 27.34
N THR D 53 40.35 9.70 27.40
CA THR D 53 39.11 8.98 27.16
C THR D 53 38.43 8.65 28.49
N TYR D 54 37.33 7.91 28.40
CA TYR D 54 36.58 7.54 29.61
C TYR D 54 37.36 6.59 30.49
N ASP D 55 38.12 5.68 29.89
CA ASP D 55 38.91 4.71 30.64
C ASP D 55 40.26 5.26 31.07
N GLY D 56 40.62 6.47 30.66
CA GLY D 56 41.88 7.07 31.03
C GLY D 56 42.94 7.07 29.96
N SER D 57 42.67 6.49 28.79
CA SER D 57 43.65 6.48 27.71
C SER D 57 43.88 7.89 27.19
N THR D 58 45.14 8.31 27.16
CA THR D 58 45.52 9.66 26.80
C THR D 58 46.19 9.69 25.44
N ASN D 59 46.03 10.82 24.74
CA ASN D 59 46.66 11.05 23.46
C ASN D 59 47.02 12.53 23.38
N TYR D 60 48.24 12.83 22.97
CA TYR D 60 48.77 14.19 22.98
C TYR D 60 49.17 14.62 21.57
N ASN D 61 49.63 15.87 21.47
CA ASN D 61 50.07 16.52 20.23
C ASN D 61 51.58 16.72 20.26
N PRO D 62 52.26 16.49 19.13
CA PRO D 62 53.74 16.57 19.14
C PRO D 62 54.29 17.98 19.30
N SER D 63 53.49 19.02 19.03
CA SER D 63 54.02 20.38 19.09
C SER D 63 54.40 20.78 20.51
N VAL D 64 53.74 20.22 21.52
CA VAL D 64 54.04 20.50 22.91
C VAL D 64 54.19 19.21 23.68
N LYS D 65 54.53 18.13 22.98
CA LYS D 65 54.70 16.83 23.62
C LYS D 65 55.95 16.83 24.49
N GLY D 66 55.91 16.02 25.55
CA GLY D 66 57.00 15.93 26.51
C GLY D 66 57.00 16.99 27.58
N ARG D 67 56.27 18.09 27.39
CA ARG D 67 56.16 19.15 28.39
C ARG D 67 54.73 19.37 28.86
N ILE D 68 53.79 18.49 28.48
CA ILE D 68 52.40 18.62 28.88
C ILE D 68 51.91 17.25 29.33
N THR D 69 50.88 17.25 30.18
CA THR D 69 50.27 16.03 30.69
C THR D 69 48.89 16.35 31.24
N ILE D 70 47.90 15.54 30.87
CA ILE D 70 46.54 15.68 31.35
C ILE D 70 46.23 14.51 32.28
N SER D 71 45.62 14.81 33.42
CA SER D 71 45.24 13.80 34.41
C SER D 71 43.77 13.99 34.76
N ARG D 72 43.27 13.16 35.66
CA ARG D 72 41.88 13.23 36.08
C ARG D 72 41.77 12.85 37.55
N ASP D 73 40.65 13.24 38.16
CA ASP D 73 40.36 12.93 39.55
C ASP D 73 38.96 12.34 39.64
N ASP D 74 38.83 11.23 40.35
CA ASP D 74 37.53 10.56 40.45
C ASP D 74 36.65 11.19 41.51
N SER D 75 37.24 11.80 42.54
CA SER D 75 36.47 12.38 43.64
C SER D 75 35.99 13.80 43.34
N LYS D 76 36.81 14.59 42.64
CA LYS D 76 36.44 15.97 42.34
C LYS D 76 35.54 16.09 41.12
N ASN D 77 35.29 14.99 40.40
CA ASN D 77 34.50 15.00 39.17
C ASN D 77 35.07 16.02 38.17
N THR D 78 36.39 16.06 38.09
CA THR D 78 37.07 17.03 37.24
C THR D 78 38.37 16.42 36.74
N PHE D 79 39.00 17.12 35.80
CA PHE D 79 40.29 16.72 35.25
C PHE D 79 41.19 17.94 35.17
N TYR D 80 42.49 17.70 35.03
CA TYR D 80 43.48 18.77 35.11
C TYR D 80 44.50 18.61 34.00
N LEU D 81 45.09 19.74 33.60
CA LEU D 81 46.14 19.78 32.60
C LEU D 81 47.35 20.50 33.18
N GLN D 82 48.52 19.88 33.05
CA GLN D 82 49.77 20.43 33.58
C GLN D 82 50.75 20.64 32.43
N MET D 83 51.34 21.83 32.38
CA MET D 83 52.28 22.19 31.32
C MET D 83 53.56 22.76 31.95
N ASN D 84 54.69 22.52 31.29
CA ASN D 84 55.97 23.01 31.76
C ASN D 84 56.78 23.52 30.58
N SER D 85 57.83 24.29 30.90
CA SER D 85 58.74 24.86 29.90
C SER D 85 57.97 25.67 28.86
N LEU D 86 57.17 26.62 29.34
CA LEU D 86 56.32 27.43 28.48
C LEU D 86 57.18 28.41 27.68
N ARG D 87 57.20 28.22 26.36
CA ARG D 87 57.80 29.19 25.45
C ARG D 87 56.70 30.13 24.94
N ALA D 88 57.14 31.27 24.39
CA ALA D 88 56.21 32.33 24.00
C ALA D 88 55.10 31.83 23.07
N GLU D 89 55.33 30.71 22.38
CA GLU D 89 54.25 30.11 21.58
C GLU D 89 53.17 29.50 22.46
N ASP D 90 53.55 29.00 23.64
CA ASP D 90 52.59 28.34 24.52
C ASP D 90 51.66 29.31 25.24
N THR D 91 51.90 30.62 25.14
CA THR D 91 50.97 31.61 25.68
C THR D 91 49.71 31.62 24.82
N ALA D 92 48.59 31.20 25.39
CA ALA D 92 47.36 31.06 24.63
C ALA D 92 46.17 31.08 25.59
N VAL D 93 44.98 30.95 25.02
CA VAL D 93 43.73 30.87 25.78
C VAL D 93 43.25 29.43 25.71
N TYR D 94 43.23 28.75 26.85
CA TYR D 94 42.88 27.34 26.91
C TYR D 94 41.39 27.17 27.13
N TYR D 95 40.75 26.37 26.27
CA TYR D 95 39.33 26.09 26.37
C TYR D 95 39.11 24.64 26.76
N CYS D 96 38.00 24.39 27.45
CA CYS D 96 37.60 23.06 27.90
C CYS D 96 36.56 22.52 26.95
N ALA D 97 36.78 21.30 26.45
CA ALA D 97 35.93 20.74 25.40
C ALA D 97 35.57 19.30 25.70
N ARG D 98 34.37 18.91 25.27
CA ARG D 98 33.87 17.54 25.40
C ARG D 98 33.44 17.06 24.02
N GLY D 99 33.84 15.85 23.66
CA GLY D 99 33.57 15.30 22.35
C GLY D 99 32.62 14.12 22.37
N SER D 100 32.13 13.77 21.18
CA SER D 100 31.24 12.63 20.99
C SER D 100 31.75 11.77 19.84
N HIS D 101 31.55 10.47 19.95
CA HIS D 101 32.14 9.51 19.04
C HIS D 101 31.27 9.31 17.81
N TYR D 102 31.93 9.05 16.68
CA TYR D 102 31.26 8.75 15.41
C TYR D 102 32.11 7.72 14.69
N PHE D 103 31.76 6.44 14.82
CA PHE D 103 32.47 5.34 14.17
C PHE D 103 33.97 5.37 14.43
N HIS D 105 36.62 8.84 14.72
CA HIS D 105 36.15 10.14 14.23
C HIS D 105 35.27 10.80 15.28
N TRP D 106 35.70 11.97 15.78
CA TRP D 106 35.04 12.64 16.87
C TRP D 106 34.70 14.07 16.49
N HIS D 107 33.95 14.74 17.37
CA HIS D 107 33.58 16.14 17.19
C HIS D 107 33.11 16.68 18.53
N PHE D 108 33.54 17.89 18.86
CA PHE D 108 33.27 18.49 20.17
C PHE D 108 31.90 19.15 20.16
N ALA D 109 31.00 18.67 21.01
CA ALA D 109 29.64 19.18 21.07
C ALA D 109 29.48 20.29 22.11
N VAL D 110 29.91 20.04 23.34
CA VAL D 110 29.79 21.01 24.43
C VAL D 110 31.18 21.55 24.75
N TRP D 111 31.25 22.86 24.98
CA TRP D 111 32.51 23.55 25.22
C TRP D 111 32.48 24.26 26.57
N GLY D 112 33.66 24.72 27.00
CA GLY D 112 33.82 25.43 28.23
C GLY D 112 34.15 26.90 28.02
N GLN D 113 34.02 27.67 29.10
CA GLN D 113 34.22 29.11 29.00
C GLN D 113 35.67 29.45 28.67
N GLY D 114 36.63 28.76 29.28
CA GLY D 114 38.03 28.95 28.99
C GLY D 114 38.70 29.97 29.90
N THR D 115 40.02 30.00 29.82
CA THR D 115 40.84 30.89 30.63
C THR D 115 42.03 31.37 29.81
N LEU D 116 42.56 32.53 30.19
CA LEU D 116 43.70 33.14 29.52
C LEU D 116 44.91 33.11 30.46
N VAL D 117 46.05 32.66 29.92
CA VAL D 117 47.29 32.56 30.68
C VAL D 117 48.34 33.40 29.98
N THR D 118 48.99 34.28 30.74
CA THR D 118 50.04 35.15 30.24
C THR D 118 51.39 34.65 30.75
N VAL D 119 52.28 34.33 29.83
CA VAL D 119 53.60 33.80 30.16
C VAL D 119 54.62 34.83 29.69
N SER D 120 55.14 35.61 30.63
CA SER D 120 56.12 36.65 30.32
C SER D 120 56.90 36.98 31.58
N SER D 121 57.92 37.83 31.44
CA SER D 121 58.77 38.24 32.55
C SER D 121 58.41 39.62 33.09
N ALA D 122 57.30 40.19 32.66
CA ALA D 122 56.86 41.49 33.13
C ALA D 122 55.98 41.35 34.36
N SER D 123 55.96 42.39 35.18
CA SER D 123 55.22 42.38 36.43
C SER D 123 53.75 42.78 36.20
N THR D 124 52.95 42.62 37.24
CA THR D 124 51.50 42.82 37.17
C THR D 124 51.18 44.28 37.45
N LYS D 125 50.94 45.05 36.38
CA LYS D 125 50.58 46.45 36.51
C LYS D 125 49.06 46.62 36.52
N GLY D 126 48.59 47.54 37.36
CA GLY D 126 47.17 47.75 37.54
C GLY D 126 46.58 48.78 36.60
N PRO D 127 45.25 48.79 36.48
CA PRO D 127 44.60 49.73 35.56
C PRO D 127 44.39 51.11 36.15
N SER D 128 45.23 52.07 35.76
CA SER D 128 45.05 53.45 36.17
C SER D 128 43.80 54.01 35.49
N VAL D 129 42.79 54.32 36.29
CA VAL D 129 41.48 54.74 35.79
C VAL D 129 41.42 56.26 35.83
N PHE D 130 41.41 56.88 34.66
CA PHE D 130 41.24 58.32 34.51
C PHE D 130 39.94 58.58 33.77
N PRO D 131 38.96 59.23 34.38
CA PRO D 131 37.68 59.46 33.68
C PRO D 131 37.83 60.47 32.57
N LEU D 132 36.84 60.45 31.67
CA LEU D 132 36.79 61.35 30.52
C LEU D 132 35.52 62.18 30.61
N ALA D 133 35.67 63.50 30.75
CA ALA D 133 34.53 64.38 30.91
C ALA D 133 33.92 64.71 29.54
N PRO D 134 32.59 64.76 29.45
CA PRO D 134 31.89 65.10 28.19
C PRO D 134 32.11 66.55 27.78
N ALA D 144 25.52 63.28 23.45
CA ALA D 144 26.44 63.32 24.59
C ALA D 144 26.96 61.93 24.91
N ALA D 145 28.16 61.86 25.49
CA ALA D 145 28.78 60.59 25.83
C ALA D 145 29.82 60.82 26.91
N LEU D 146 30.14 59.74 27.62
CA LEU D 146 31.15 59.76 28.67
C LEU D 146 31.72 58.36 28.81
N GLY D 147 32.81 58.26 29.56
CA GLY D 147 33.44 56.96 29.76
C GLY D 147 34.62 57.07 30.70
N CYS D 148 35.28 55.92 30.88
CA CYS D 148 36.43 55.79 31.75
C CYS D 148 37.60 55.22 30.96
N LEU D 149 38.76 55.84 31.09
CA LEU D 149 39.95 55.41 30.36
C LEU D 149 40.79 54.48 31.23
N VAL D 150 41.29 53.40 30.62
CA VAL D 150 42.12 52.42 31.29
C VAL D 150 43.49 52.47 30.61
N LYS D 151 44.49 53.00 31.31
CA LYS D 151 45.80 53.26 30.73
C LYS D 151 46.87 52.48 31.49
N ASP D 152 47.74 51.80 30.74
CA ASP D 152 48.92 51.14 31.27
C ASP D 152 48.59 50.11 32.35
N TYR D 153 48.27 48.88 31.93
CA TYR D 153 48.05 47.79 32.86
C TYR D 153 48.60 46.51 32.25
N PHE D 154 48.83 45.52 33.11
CA PHE D 154 49.38 44.24 32.70
C PHE D 154 49.22 43.21 33.80
N PRO D 155 48.84 41.97 33.44
CA PRO D 155 48.44 41.58 32.09
C PRO D 155 46.93 41.65 31.87
N GLU D 156 46.47 40.92 30.87
CA GLU D 156 45.05 40.88 30.51
C GLU D 156 44.33 39.78 31.30
N PRO D 157 42.98 39.88 31.42
CA PRO D 157 42.07 40.92 30.90
C PRO D 157 41.62 41.93 31.95
N VAL D 158 40.66 42.77 31.56
CA VAL D 158 40.07 43.78 32.44
C VAL D 158 38.58 43.84 32.16
N THR D 159 37.77 43.76 33.22
CA THR D 159 36.33 43.86 33.11
C THR D 159 35.88 45.25 33.54
N VAL D 160 35.16 45.94 32.66
CA VAL D 160 34.70 47.31 32.92
C VAL D 160 33.17 47.26 32.93
N SER D 161 32.59 47.30 34.12
CA SER D 161 31.14 47.33 34.27
C SER D 161 30.65 48.78 34.36
N TRP D 162 29.34 48.94 34.23
CA TRP D 162 28.72 50.27 34.22
C TRP D 162 27.48 50.26 35.09
N ASN D 163 27.48 51.09 36.14
CA ASN D 163 26.37 51.17 37.09
C ASN D 163 25.99 49.80 37.65
N THR D 168 25.50 49.79 29.91
CA THR D 168 25.59 48.62 29.04
C THR D 168 24.90 48.87 27.70
N SER D 169 23.88 49.73 27.72
CA SER D 169 23.12 50.03 26.52
C SER D 169 23.83 51.15 25.75
N GLY D 170 24.12 50.89 24.47
CA GLY D 170 24.80 51.87 23.65
C GLY D 170 26.25 52.11 24.03
N VAL D 171 26.92 51.09 24.53
CA VAL D 171 28.31 51.21 24.97
C VAL D 171 29.20 50.45 24.00
N HIS D 172 30.48 50.82 24.01
CA HIS D 172 31.47 50.18 23.15
C HIS D 172 32.81 50.17 23.89
N THR D 173 33.31 48.97 24.19
CA THR D 173 34.59 48.81 24.87
C THR D 173 35.65 48.45 23.82
N PHE D 174 36.71 49.27 23.75
CA PHE D 174 37.76 49.08 22.77
C PHE D 174 38.85 48.15 23.30
N PRO D 175 39.48 47.37 22.42
CA PRO D 175 40.63 46.56 22.83
C PRO D 175 41.79 47.45 23.26
N ALA D 176 42.59 46.92 24.16
CA ALA D 176 43.71 47.69 24.70
C ALA D 176 44.85 47.78 23.68
N VAL D 177 45.41 48.97 23.54
CA VAL D 177 46.52 49.18 22.61
C VAL D 177 47.81 48.68 23.26
N LEU D 178 48.62 47.98 22.48
CA LEU D 178 49.89 47.45 22.97
C LEU D 178 50.94 48.54 22.85
N GLN D 179 51.11 49.31 23.93
CA GLN D 179 52.11 50.36 23.94
C GLN D 179 53.51 49.75 23.97
N SER D 180 54.49 50.58 23.59
CA SER D 180 55.87 50.11 23.51
C SER D 180 56.44 49.73 24.86
N SER D 181 55.86 50.20 25.95
CA SER D 181 56.35 49.91 27.31
C SER D 181 55.94 48.53 27.81
N GLY D 182 55.31 47.71 26.96
CA GLY D 182 54.83 46.42 27.39
C GLY D 182 53.51 46.45 28.14
N LEU D 183 52.94 47.62 28.35
CA LEU D 183 51.67 47.77 29.03
C LEU D 183 50.56 48.06 28.02
N TYR D 184 49.32 47.83 28.44
CA TYR D 184 48.16 47.96 27.58
C TYR D 184 47.27 49.10 28.05
N SER D 185 46.58 49.73 27.09
CA SER D 185 45.72 50.86 27.37
C SER D 185 44.45 50.76 26.52
N LEU D 186 43.30 50.70 27.18
CA LEU D 186 42.02 50.61 26.48
C LEU D 186 41.15 51.80 26.85
N SER D 187 40.05 51.95 26.11
CA SER D 187 39.09 53.02 26.34
C SER D 187 37.68 52.45 26.25
N SER D 188 36.74 53.17 26.84
CA SER D 188 35.35 52.73 26.87
C SER D 188 34.42 53.93 26.77
N VAL D 189 33.39 53.81 25.94
CA VAL D 189 32.47 54.90 25.65
C VAL D 189 31.04 54.40 25.74
N VAL D 190 30.12 55.34 25.91
CA VAL D 190 28.68 55.05 25.95
C VAL D 190 27.95 56.36 25.73
N THR D 191 26.86 56.29 24.96
CA THR D 191 26.09 57.48 24.60
C THR D 191 24.93 57.70 25.56
N VAL D 192 24.71 58.95 25.93
CA VAL D 192 23.63 59.33 26.84
C VAL D 192 22.85 60.49 26.23
N PRO D 193 21.56 60.60 26.48
CA PRO D 193 20.78 61.69 25.87
C PRO D 193 21.15 63.04 26.43
N SER D 194 21.06 64.06 25.58
CA SER D 194 21.35 65.43 25.97
C SER D 194 20.07 66.15 26.40
N THR D 199 21.11 64.71 34.85
CA THR D 199 20.61 64.59 36.21
C THR D 199 20.98 63.25 36.82
N GLN D 200 21.36 62.30 35.97
CA GLN D 200 21.77 60.96 36.40
C GLN D 200 23.29 60.88 36.44
N THR D 201 23.80 60.13 37.42
CA THR D 201 25.23 59.94 37.61
C THR D 201 25.62 58.55 37.12
N TYR D 202 26.62 58.48 36.26
CA TYR D 202 27.13 57.22 35.72
C TYR D 202 28.41 56.82 36.45
N ILE D 203 28.50 55.55 36.81
CA ILE D 203 29.65 55.00 37.53
C ILE D 203 30.17 53.79 36.76
N CYS D 204 31.47 53.78 36.49
CA CYS D 204 32.11 52.65 35.83
C CYS D 204 32.83 51.79 36.84
N ASN D 205 32.77 50.46 36.65
CA ASN D 205 33.36 49.50 37.57
C ASN D 205 34.44 48.72 36.83
N VAL D 206 35.69 49.08 37.07
CA VAL D 206 36.84 48.43 36.43
C VAL D 206 37.42 47.44 37.42
N ASN D 207 37.33 46.15 37.09
CA ASN D 207 37.88 45.09 37.91
C ASN D 207 39.06 44.45 37.18
N HIS D 208 40.17 44.26 37.89
CA HIS D 208 41.37 43.67 37.32
C HIS D 208 41.58 42.30 37.96
N LYS D 209 41.68 41.26 37.13
CA LYS D 209 41.81 39.91 37.66
C LYS D 209 43.20 39.63 38.24
N PRO D 210 44.31 39.86 37.51
CA PRO D 210 45.61 39.51 38.10
C PRO D 210 46.02 40.39 39.26
N SER D 211 45.79 41.71 39.17
CA SER D 211 46.18 42.62 40.23
C SER D 211 45.09 42.80 41.29
N ASN D 212 44.02 42.01 41.21
CA ASN D 212 42.90 42.02 42.17
C ASN D 212 42.53 43.45 42.58
N THR D 213 42.34 44.30 41.57
CA THR D 213 42.03 45.70 41.79
C THR D 213 40.66 46.03 41.21
N LYS D 214 39.80 46.60 42.04
CA LYS D 214 38.49 47.08 41.61
C LYS D 214 38.43 48.59 41.83
N VAL D 215 38.07 49.32 40.78
CA VAL D 215 38.06 50.79 40.81
C VAL D 215 36.65 51.26 40.49
N ASP D 216 36.06 52.02 41.42
CA ASP D 216 34.79 52.69 41.21
C ASP D 216 35.06 54.14 40.85
N LYS D 217 34.56 54.58 39.71
CA LYS D 217 34.80 55.94 39.22
C LYS D 217 33.47 56.56 38.79
N LYS D 218 33.16 57.71 39.36
CA LYS D 218 31.98 58.48 39.00
C LYS D 218 32.38 59.58 38.03
N VAL D 219 31.60 59.75 36.97
CA VAL D 219 31.90 60.73 35.93
C VAL D 219 30.99 61.93 36.13
N GLU D 220 31.60 63.11 36.30
CA GLU D 220 30.89 64.38 36.48
C GLU D 220 31.13 65.29 35.29
N PRO D 221 30.12 66.08 34.88
CA PRO D 221 30.27 67.00 33.75
C PRO D 221 31.22 68.16 34.05
N ILE E 2 -33.53 -6.16 -34.49
CA ILE E 2 -32.14 -6.13 -34.09
C ILE E 2 -31.56 -7.54 -34.13
N GLN E 3 -30.99 -7.91 -35.28
CA GLN E 3 -30.48 -9.25 -35.47
C GLN E 3 -29.16 -9.44 -34.74
N LEU E 4 -29.05 -10.54 -33.99
CA LEU E 4 -27.83 -10.90 -33.29
C LEU E 4 -27.35 -12.26 -33.78
N THR E 5 -26.04 -12.49 -33.68
CA THR E 5 -25.44 -13.73 -34.16
C THR E 5 -24.23 -14.07 -33.30
N GLN E 6 -24.02 -15.37 -33.11
CA GLN E 6 -22.89 -15.88 -32.35
C GLN E 6 -22.10 -16.86 -33.21
N SER E 7 -20.85 -17.10 -32.80
CA SER E 7 -19.96 -17.99 -33.54
C SER E 7 -18.86 -18.56 -32.66
N PRO E 8 -18.49 -19.83 -32.87
CA PRO E 8 -19.13 -20.74 -33.83
C PRO E 8 -20.35 -21.44 -33.25
N SER E 9 -20.88 -22.42 -33.97
CA SER E 9 -22.06 -23.14 -33.49
C SER E 9 -21.68 -24.25 -32.51
N SER E 10 -20.98 -25.27 -32.99
CA SER E 10 -20.55 -26.39 -32.17
C SER E 10 -19.04 -26.53 -32.24
N LEU E 11 -18.40 -26.70 -31.09
CA LEU E 11 -16.96 -26.86 -31.01
C LEU E 11 -16.64 -27.89 -29.94
N SER E 12 -15.53 -28.61 -30.15
CA SER E 12 -15.04 -29.61 -29.21
C SER E 12 -13.71 -29.15 -28.66
N ALA E 13 -13.66 -28.87 -27.36
CA ALA E 13 -12.46 -28.39 -26.69
C ALA E 13 -12.04 -29.36 -25.60
N SER E 14 -10.72 -29.45 -25.39
CA SER E 14 -10.18 -30.32 -24.37
C SER E 14 -10.45 -29.76 -22.98
N VAL E 15 -10.33 -30.64 -21.97
CA VAL E 15 -10.61 -30.24 -20.60
C VAL E 15 -9.53 -29.31 -20.10
N GLY E 16 -9.94 -28.13 -19.61
CA GLY E 16 -9.03 -27.15 -19.06
C GLY E 16 -8.57 -26.07 -20.03
N ASP E 17 -9.06 -26.08 -21.27
CA ASP E 17 -8.64 -25.10 -22.26
C ASP E 17 -9.38 -23.78 -22.04
N ARG E 18 -9.31 -22.90 -23.03
CA ARG E 18 -10.04 -21.65 -23.03
C ARG E 18 -11.00 -21.61 -24.21
N VAL E 19 -12.15 -20.98 -24.01
CA VAL E 19 -13.21 -20.91 -25.02
C VAL E 19 -13.48 -19.45 -25.34
N THR E 20 -13.71 -19.17 -26.62
CA THR E 20 -13.99 -17.82 -27.10
C THR E 20 -15.27 -17.82 -27.91
N ILE E 21 -16.24 -17.01 -27.49
CA ILE E 21 -17.51 -16.86 -28.18
C ILE E 21 -17.72 -15.38 -28.50
N THR E 22 -18.20 -15.11 -29.70
CA THR E 22 -18.36 -13.74 -30.19
C THR E 22 -19.83 -13.48 -30.49
N CYS E 23 -20.43 -12.53 -29.75
CA CYS E 23 -21.80 -12.09 -29.98
C CYS E 23 -21.75 -10.84 -30.84
N ARG E 24 -22.02 -11.00 -32.14
CA ARG E 24 -21.97 -9.90 -33.08
C ARG E 24 -23.35 -9.28 -33.24
N ALA E 25 -23.43 -7.97 -33.05
CA ALA E 25 -24.69 -7.24 -33.13
C ALA E 25 -24.63 -6.21 -34.25
N SER E 26 -25.78 -6.00 -34.87
CA SER E 26 -25.94 -4.97 -35.90
C SER E 26 -26.33 -3.62 -35.32
N GLN E 27 -26.36 -3.50 -33.99
CA GLN E 27 -26.80 -2.28 -33.32
C GLN E 27 -25.75 -1.88 -32.29
N SER E 28 -25.26 -0.66 -32.38
CA SER E 28 -24.35 -0.13 -31.38
C SER E 28 -25.13 0.17 -30.10
N VAL E 29 -24.79 -0.51 -29.01
CA VAL E 29 -25.54 -0.41 -27.76
C VAL E 29 -24.86 0.49 -26.74
N ASP E 30 -23.72 1.09 -27.09
CA ASP E 30 -23.04 2.00 -26.16
C ASP E 30 -23.85 3.28 -26.02
N TYR E 31 -24.50 3.43 -24.86
CA TYR E 31 -25.31 4.60 -24.58
C TYR E 31 -25.13 5.00 -23.12
N ASP E 32 -25.18 6.31 -22.87
CA ASP E 32 -25.01 6.86 -21.53
C ASP E 32 -23.65 6.46 -20.92
N GLY E 33 -22.65 6.26 -21.78
CA GLY E 33 -21.33 5.90 -21.31
C GLY E 33 -21.15 4.46 -20.92
N ASP E 34 -22.06 3.58 -21.31
CA ASP E 34 -21.96 2.17 -20.94
C ASP E 34 -22.59 1.32 -22.05
N SER E 35 -22.30 0.02 -21.99
CA SER E 35 -22.80 -0.95 -22.96
C SER E 35 -23.83 -1.86 -22.31
N TYR E 36 -24.92 -2.12 -23.01
CA TYR E 36 -26.02 -2.92 -22.49
C TYR E 36 -26.12 -4.21 -23.31
N MET E 37 -25.50 -5.27 -22.81
CA MET E 37 -25.52 -6.57 -23.45
C MET E 37 -25.39 -7.65 -22.39
N ASN E 38 -26.22 -8.68 -22.48
CA ASN E 38 -26.27 -9.73 -21.47
C ASN E 38 -25.87 -11.07 -22.08
N TRP E 39 -25.45 -11.98 -21.20
CA TRP E 39 -25.08 -13.33 -21.57
C TRP E 39 -25.86 -14.31 -20.69
N TYR E 40 -26.11 -15.50 -21.23
CA TYR E 40 -26.87 -16.52 -20.51
C TYR E 40 -26.28 -17.90 -20.79
N GLN E 41 -26.51 -18.81 -19.86
CA GLN E 41 -26.12 -20.21 -19.99
C GLN E 41 -27.36 -21.07 -19.79
N GLN E 42 -27.78 -21.76 -20.85
CA GLN E 42 -28.93 -22.66 -20.78
C GLN E 42 -28.41 -24.09 -20.70
N LYS E 43 -28.41 -24.64 -19.48
CA LYS E 43 -28.11 -26.05 -19.31
C LYS E 43 -29.09 -26.89 -20.12
N PRO E 44 -28.65 -28.04 -20.63
CA PRO E 44 -29.54 -28.86 -21.49
C PRO E 44 -30.76 -29.33 -20.73
N GLY E 45 -31.94 -28.89 -21.19
CA GLY E 45 -33.18 -29.31 -20.59
C GLY E 45 -33.54 -28.62 -19.29
N LYS E 46 -32.98 -27.45 -19.02
CA LYS E 46 -33.27 -26.73 -17.79
C LYS E 46 -33.41 -25.25 -18.12
N ALA E 47 -33.70 -24.45 -17.10
CA ALA E 47 -33.87 -23.01 -17.29
C ALA E 47 -32.53 -22.35 -17.55
N PRO E 48 -32.47 -21.38 -18.46
CA PRO E 48 -31.22 -20.65 -18.69
C PRO E 48 -30.75 -19.93 -17.44
N LYS E 49 -29.43 -19.89 -17.27
CA LYS E 49 -28.81 -19.31 -16.09
C LYS E 49 -28.14 -17.99 -16.46
N LEU E 50 -28.39 -16.95 -15.67
CA LEU E 50 -27.80 -15.65 -15.92
C LEU E 50 -26.31 -15.67 -15.58
N LEU E 51 -25.50 -15.14 -16.50
CA LEU E 51 -24.05 -15.08 -16.32
C LEU E 51 -23.57 -13.64 -16.21
N ILE E 52 -23.59 -12.89 -17.31
CA ILE E 52 -23.02 -11.54 -17.35
C ILE E 52 -24.13 -10.56 -17.71
N TYR E 53 -24.13 -9.42 -17.02
CA TYR E 53 -25.01 -8.30 -17.36
C TYR E 53 -24.17 -7.09 -17.72
N ALA E 54 -24.62 -6.34 -18.73
CA ALA E 54 -23.91 -5.20 -19.29
C ALA E 54 -22.57 -5.61 -19.91
N ALA E 55 -22.42 -6.90 -20.23
CA ALA E 55 -21.27 -7.47 -20.93
C ALA E 55 -19.95 -7.30 -20.18
N SER E 56 -19.98 -6.82 -18.94
CA SER E 56 -18.76 -6.59 -18.20
C SER E 56 -18.81 -7.11 -16.77
N TYR E 57 -19.95 -6.99 -16.10
CA TYR E 57 -20.07 -7.31 -14.68
C TYR E 57 -20.68 -8.70 -14.52
N LEU E 58 -20.09 -9.50 -13.65
CA LEU E 58 -20.56 -10.87 -13.43
C LEU E 58 -21.73 -10.89 -12.44
N GLU E 59 -22.57 -11.90 -12.59
CA GLU E 59 -23.69 -12.06 -11.67
C GLU E 59 -23.21 -12.61 -10.33
N SER E 60 -23.77 -12.07 -9.25
CA SER E 60 -23.36 -12.46 -7.90
C SER E 60 -23.59 -13.95 -7.69
N GLY E 61 -22.51 -14.69 -7.46
CA GLY E 61 -22.56 -16.13 -7.28
C GLY E 61 -22.02 -16.93 -8.45
N VAL E 62 -21.72 -16.28 -9.57
CA VAL E 62 -21.21 -16.99 -10.74
C VAL E 62 -19.70 -17.17 -10.59
N PRO E 63 -19.15 -18.36 -10.85
CA PRO E 63 -17.70 -18.56 -10.71
C PRO E 63 -16.90 -17.63 -11.61
N SER E 64 -15.62 -17.49 -11.28
CA SER E 64 -14.73 -16.55 -11.95
C SER E 64 -14.20 -17.06 -13.28
N ARG E 65 -14.57 -18.28 -13.69
CA ARG E 65 -14.10 -18.78 -14.99
C ARG E 65 -14.67 -17.97 -16.14
N PHE E 66 -15.82 -17.34 -15.95
CA PHE E 66 -16.49 -16.58 -16.99
C PHE E 66 -15.98 -15.15 -17.00
N SER E 67 -15.75 -14.63 -18.20
CA SER E 67 -15.27 -13.25 -18.37
C SER E 67 -15.77 -12.73 -19.70
N GLY E 68 -16.47 -11.60 -19.66
CA GLY E 68 -17.06 -10.99 -20.85
C GLY E 68 -16.32 -9.73 -21.24
N SER E 69 -16.33 -9.43 -22.55
CA SER E 69 -15.66 -8.25 -23.07
C SER E 69 -16.42 -7.77 -24.29
N GLY E 70 -16.07 -6.57 -24.75
CA GLY E 70 -16.67 -5.97 -25.92
C GLY E 70 -17.51 -4.76 -25.57
N SER E 71 -17.93 -4.05 -26.63
CA SER E 71 -18.77 -2.88 -26.51
C SER E 71 -19.31 -2.53 -27.89
N GLY E 72 -20.39 -1.75 -27.89
CA GLY E 72 -20.99 -1.31 -29.14
C GLY E 72 -21.67 -2.42 -29.91
N THR E 73 -21.03 -2.87 -31.00
CA THR E 73 -21.61 -3.87 -31.88
C THR E 73 -21.03 -5.26 -31.69
N ASP E 74 -19.75 -5.37 -31.34
CA ASP E 74 -19.08 -6.65 -31.20
C ASP E 74 -18.75 -6.93 -29.73
N PHE E 75 -18.94 -8.17 -29.32
CA PHE E 75 -18.66 -8.60 -27.96
C PHE E 75 -17.93 -9.94 -28.00
N THR E 76 -17.12 -10.19 -26.97
CA THR E 76 -16.32 -11.41 -26.89
C THR E 76 -16.47 -12.01 -25.50
N LEU E 77 -16.63 -13.34 -25.45
CA LEU E 77 -16.72 -14.08 -24.21
C LEU E 77 -15.50 -14.97 -24.06
N THR E 78 -14.96 -15.03 -22.83
CA THR E 78 -13.73 -15.75 -22.56
C THR E 78 -13.92 -16.67 -21.37
N ILE E 79 -13.48 -17.93 -21.52
CA ILE E 79 -13.47 -18.90 -20.44
C ILE E 79 -12.03 -19.11 -20.00
N SER E 80 -11.77 -18.93 -18.71
CA SER E 80 -10.43 -19.07 -18.17
C SER E 80 -10.00 -20.54 -18.17
N ARG E 81 -10.51 -21.31 -17.23
CA ARG E 81 -10.27 -22.74 -17.17
C ARG E 81 -11.56 -23.48 -17.48
N LEU E 82 -11.45 -24.55 -18.26
CA LEU E 82 -12.62 -25.28 -18.74
C LEU E 82 -12.91 -26.44 -17.80
N ARG E 83 -14.10 -26.43 -17.19
CA ARG E 83 -14.58 -27.51 -16.35
C ARG E 83 -15.71 -28.25 -17.06
N PRO E 84 -15.88 -29.55 -16.78
CA PRO E 84 -17.01 -30.28 -17.38
C PRO E 84 -18.38 -29.76 -16.96
N GLU E 85 -18.46 -28.94 -15.91
CA GLU E 85 -19.73 -28.39 -15.45
C GLU E 85 -20.30 -27.36 -16.41
N ASP E 86 -19.58 -26.99 -17.46
CA ASP E 86 -19.99 -25.89 -18.33
C ASP E 86 -20.55 -26.37 -19.67
N PHE E 87 -20.88 -27.65 -19.79
CA PHE E 87 -21.49 -28.16 -21.01
C PHE E 87 -22.93 -27.64 -21.12
N ALA E 88 -23.15 -26.70 -22.03
CA ALA E 88 -24.46 -26.10 -22.23
C ALA E 88 -24.42 -25.29 -23.52
N THR E 89 -25.57 -24.70 -23.86
CA THR E 89 -25.68 -23.77 -24.97
C THR E 89 -25.76 -22.35 -24.42
N TYR E 90 -25.01 -21.43 -25.05
CA TYR E 90 -24.85 -20.08 -24.55
C TYR E 90 -25.49 -19.09 -25.51
N TYR E 91 -26.35 -18.21 -24.97
CA TYR E 91 -27.04 -17.19 -25.73
C TYR E 91 -26.71 -15.82 -25.16
N CYS E 92 -26.72 -14.81 -26.03
CA CYS E 92 -26.54 -13.42 -25.62
C CYS E 92 -27.82 -12.65 -25.89
N GLN E 93 -28.25 -11.85 -24.92
CA GLN E 93 -29.48 -11.08 -24.99
C GLN E 93 -29.15 -9.59 -24.88
N GLN E 94 -29.80 -8.79 -25.73
CA GLN E 94 -29.60 -7.34 -25.72
C GLN E 94 -30.84 -6.67 -25.14
N SER E 95 -30.61 -5.67 -24.29
CA SER E 95 -31.69 -4.89 -23.69
C SER E 95 -31.60 -3.41 -24.05
N HIS E 96 -30.76 -3.06 -25.01
CA HIS E 96 -30.59 -1.66 -25.40
C HIS E 96 -31.86 -1.11 -26.02
N GLU E 97 -32.26 -1.65 -27.17
CA GLU E 97 -33.46 -1.21 -27.86
C GLU E 97 -34.36 -2.39 -28.15
N ASP E 98 -35.61 -2.11 -28.46
CA ASP E 98 -36.59 -3.14 -28.78
C ASP E 98 -36.58 -3.46 -30.27
N PRO E 99 -36.89 -4.72 -30.62
CA PRO E 99 -37.27 -5.81 -29.71
C PRO E 99 -36.08 -6.49 -29.05
N TYR E 100 -36.23 -6.91 -27.80
CA TYR E 100 -35.20 -7.67 -27.12
C TYR E 100 -34.96 -8.98 -27.86
N THR E 101 -33.72 -9.23 -28.24
CA THR E 101 -33.37 -10.37 -29.08
C THR E 101 -32.29 -11.21 -28.40
N PHE E 102 -32.39 -12.53 -28.57
CA PHE E 102 -31.39 -13.47 -28.11
C PHE E 102 -30.51 -13.89 -29.28
N GLY E 103 -29.34 -14.44 -28.95
CA GLY E 103 -28.42 -14.93 -29.96
C GLY E 103 -28.93 -16.22 -30.59
N GLN E 104 -28.08 -16.76 -31.48
CA GLN E 104 -28.41 -18.02 -32.14
C GLN E 104 -28.04 -19.23 -31.30
N GLY E 105 -27.10 -19.10 -30.38
CA GLY E 105 -26.70 -20.19 -29.52
C GLY E 105 -25.39 -20.83 -29.96
N THR E 106 -24.72 -21.45 -28.99
CA THR E 106 -23.46 -22.13 -29.23
C THR E 106 -23.41 -23.39 -28.36
N LYS E 107 -23.55 -24.54 -29.01
CA LYS E 107 -23.51 -25.83 -28.30
C LYS E 107 -22.05 -26.22 -28.09
N VAL E 108 -21.56 -26.00 -26.87
CA VAL E 108 -20.16 -26.27 -26.53
C VAL E 108 -20.09 -27.66 -25.91
N GLU E 109 -19.49 -28.60 -26.63
CA GLU E 109 -19.23 -29.94 -26.13
C GLU E 109 -17.74 -30.14 -25.95
N ILE E 110 -17.38 -31.17 -25.18
CA ILE E 110 -16.03 -31.33 -24.67
C ILE E 110 -15.33 -32.47 -25.38
N LYS E 111 -14.06 -32.27 -25.71
CA LYS E 111 -13.18 -33.31 -26.23
C LYS E 111 -12.35 -33.88 -25.09
N ARG E 112 -12.20 -35.21 -25.08
CA ARG E 112 -11.47 -35.88 -24.02
C ARG E 112 -10.89 -37.18 -24.59
N THR E 113 -10.33 -38.00 -23.71
CA THR E 113 -9.83 -39.31 -24.11
C THR E 113 -10.98 -40.21 -24.54
N VAL E 114 -10.67 -41.17 -25.40
CA VAL E 114 -11.69 -42.05 -25.94
C VAL E 114 -12.13 -43.06 -24.89
N ALA E 115 -13.43 -43.24 -24.75
CA ALA E 115 -14.01 -44.18 -23.80
C ALA E 115 -14.69 -45.31 -24.56
N ALA E 116 -14.50 -46.54 -24.06
CA ALA E 116 -15.08 -47.70 -24.73
C ALA E 116 -16.59 -47.74 -24.50
N PRO E 117 -17.39 -47.98 -25.54
CA PRO E 117 -18.84 -48.03 -25.37
C PRO E 117 -19.30 -49.32 -24.71
N SER E 118 -20.57 -49.33 -24.33
CA SER E 118 -21.21 -50.49 -23.70
C SER E 118 -22.44 -50.85 -24.51
N VAL E 119 -22.44 -52.05 -25.07
CA VAL E 119 -23.52 -52.52 -25.94
C VAL E 119 -24.45 -53.43 -25.15
N PHE E 120 -25.75 -53.20 -25.29
CA PHE E 120 -26.76 -54.03 -24.65
C PHE E 120 -27.95 -54.20 -25.59
N ILE E 121 -28.60 -55.35 -25.49
CA ILE E 121 -29.78 -55.67 -26.29
C ILE E 121 -30.92 -56.02 -25.35
N PHE E 122 -32.12 -55.52 -25.67
CA PHE E 122 -33.30 -55.72 -24.83
C PHE E 122 -34.41 -56.32 -25.67
N PRO E 123 -34.91 -57.51 -25.32
CA PRO E 123 -36.00 -58.13 -26.08
C PRO E 123 -37.32 -57.44 -25.79
N PRO E 124 -38.28 -57.53 -26.71
CA PRO E 124 -39.62 -56.98 -26.42
C PRO E 124 -40.33 -57.82 -25.37
N SER E 125 -40.87 -57.14 -24.37
CA SER E 125 -41.53 -57.83 -23.26
C SER E 125 -42.78 -58.55 -23.74
N ASP E 126 -43.22 -59.53 -22.95
CA ASP E 126 -44.39 -60.31 -23.30
C ASP E 126 -45.65 -59.45 -23.37
N GLU E 127 -45.68 -58.33 -22.62
CA GLU E 127 -46.84 -57.45 -22.69
C GLU E 127 -46.91 -56.75 -24.04
N GLN E 128 -45.77 -56.30 -24.57
CA GLN E 128 -45.78 -55.63 -25.87
C GLN E 128 -46.14 -56.60 -26.99
N LEU E 129 -45.78 -57.88 -26.84
CA LEU E 129 -46.13 -58.86 -27.87
C LEU E 129 -47.64 -59.01 -27.99
N LYS E 130 -48.34 -59.00 -26.85
CA LYS E 130 -49.80 -59.00 -26.89
C LYS E 130 -50.36 -57.69 -27.43
N SER E 131 -49.60 -56.61 -27.35
CA SER E 131 -50.03 -55.31 -27.87
C SER E 131 -49.92 -55.22 -29.39
N GLY E 132 -49.42 -56.25 -30.06
CA GLY E 132 -49.34 -56.27 -31.51
C GLY E 132 -48.10 -55.64 -32.08
N THR E 133 -47.24 -55.03 -31.26
CA THR E 133 -46.02 -54.40 -31.73
C THR E 133 -44.81 -55.06 -31.05
N ALA E 134 -43.68 -55.02 -31.74
CA ALA E 134 -42.43 -55.61 -31.25
C ALA E 134 -41.32 -54.58 -31.32
N SER E 135 -40.56 -54.45 -30.25
CA SER E 135 -39.47 -53.48 -30.17
C SER E 135 -38.28 -54.12 -29.46
N VAL E 136 -37.23 -54.42 -30.21
CA VAL E 136 -35.95 -54.81 -29.64
C VAL E 136 -35.11 -53.56 -29.47
N VAL E 137 -34.54 -53.37 -28.28
CA VAL E 137 -33.85 -52.15 -27.92
C VAL E 137 -32.36 -52.44 -27.84
N CYS E 138 -31.56 -51.63 -28.53
CA CYS E 138 -30.11 -51.72 -28.50
C CYS E 138 -29.56 -50.46 -27.83
N LEU E 139 -28.71 -50.65 -26.83
CA LEU E 139 -28.27 -49.57 -25.95
C LEU E 139 -26.77 -49.38 -26.04
N LEU E 140 -26.34 -48.13 -26.19
CA LEU E 140 -24.94 -47.74 -26.06
C LEU E 140 -24.82 -46.78 -24.89
N ASN E 141 -23.79 -46.97 -24.06
CA ASN E 141 -23.73 -46.33 -22.76
C ASN E 141 -22.33 -45.79 -22.50
N ASN E 142 -22.25 -44.48 -22.21
CA ASN E 142 -21.02 -43.83 -21.75
C ASN E 142 -19.84 -44.07 -22.69
N PHE E 143 -19.73 -43.25 -23.73
CA PHE E 143 -18.65 -43.41 -24.70
C PHE E 143 -18.35 -42.05 -25.34
N TYR E 144 -17.35 -42.04 -26.21
CA TYR E 144 -16.95 -40.84 -26.94
C TYR E 144 -16.11 -41.26 -28.14
N PRO E 145 -16.31 -40.61 -29.30
CA PRO E 145 -17.26 -39.51 -29.53
C PRO E 145 -18.64 -39.97 -29.99
N ARG E 146 -19.47 -39.02 -30.41
CA ARG E 146 -20.81 -39.34 -30.86
C ARG E 146 -20.80 -40.09 -32.18
N GLU E 147 -19.73 -39.92 -32.97
CA GLU E 147 -19.62 -40.57 -34.27
C GLU E 147 -19.62 -42.09 -34.12
N ALA E 148 -20.75 -42.72 -34.43
CA ALA E 148 -20.87 -44.16 -34.33
C ALA E 148 -21.94 -44.64 -35.32
N LYS E 149 -21.81 -45.90 -35.73
CA LYS E 149 -22.74 -46.52 -36.66
C LYS E 149 -23.31 -47.78 -36.03
N VAL E 150 -24.64 -47.90 -36.05
CA VAL E 150 -25.34 -49.04 -35.48
C VAL E 150 -26.07 -49.75 -36.61
N GLN E 151 -25.82 -51.05 -36.77
CA GLN E 151 -26.44 -51.86 -37.80
C GLN E 151 -27.26 -52.97 -37.14
N TRP E 152 -28.51 -53.11 -37.57
CA TRP E 152 -29.40 -54.12 -37.02
C TRP E 152 -29.32 -55.41 -37.83
N LYS E 153 -29.52 -56.53 -37.14
CA LYS E 153 -29.45 -57.85 -37.78
C LYS E 153 -30.43 -58.77 -37.06
N VAL E 154 -31.48 -59.17 -37.76
CA VAL E 154 -32.47 -60.11 -37.25
C VAL E 154 -32.31 -61.41 -38.01
N ASP E 155 -32.01 -62.50 -37.29
CA ASP E 155 -31.69 -63.78 -37.91
C ASP E 155 -30.56 -63.65 -38.91
N ASN E 156 -29.52 -62.91 -38.52
CA ASN E 156 -28.33 -62.63 -39.31
C ASN E 156 -28.63 -61.86 -40.58
N ALA E 157 -29.84 -61.31 -40.73
CA ALA E 157 -30.21 -60.54 -41.91
C ALA E 157 -30.07 -59.06 -41.62
N PRO E 158 -29.29 -58.31 -42.39
CA PRO E 158 -29.12 -56.88 -42.11
C PRO E 158 -30.43 -56.12 -42.27
N GLN E 159 -30.73 -55.28 -41.29
CA GLN E 159 -31.94 -54.46 -41.29
C GLN E 159 -31.58 -52.99 -41.41
N SER E 160 -32.48 -52.23 -42.04
CA SER E 160 -32.28 -50.79 -42.22
C SER E 160 -33.62 -50.15 -42.53
N GLY E 161 -33.68 -48.84 -42.30
CA GLY E 161 -34.87 -48.07 -42.61
C GLY E 161 -35.97 -48.19 -41.58
N ASN E 162 -36.06 -49.33 -40.92
CA ASN E 162 -37.09 -49.61 -39.93
C ASN E 162 -36.52 -49.59 -38.51
N SER E 163 -35.57 -48.69 -38.26
CA SER E 163 -34.96 -48.55 -36.95
C SER E 163 -34.82 -47.08 -36.61
N GLN E 164 -34.79 -46.78 -35.31
CA GLN E 164 -34.73 -45.41 -34.82
C GLN E 164 -33.71 -45.33 -33.69
N GLU E 165 -32.87 -44.30 -33.74
CA GLU E 165 -31.80 -44.11 -32.78
C GLU E 165 -31.92 -42.74 -32.12
N SER E 166 -31.35 -42.62 -30.93
CA SER E 166 -31.37 -41.38 -30.18
C SER E 166 -30.12 -41.29 -29.32
N VAL E 167 -29.60 -40.08 -29.18
CA VAL E 167 -28.39 -39.81 -28.38
C VAL E 167 -28.74 -38.83 -27.28
N THR E 168 -27.96 -38.89 -26.20
CA THR E 168 -28.15 -38.03 -25.05
C THR E 168 -27.20 -36.84 -25.12
N GLU E 169 -27.24 -36.01 -24.08
CA GLU E 169 -26.29 -34.92 -23.92
C GLU E 169 -25.11 -35.40 -23.07
N GLN E 170 -24.05 -34.60 -23.07
CA GLN E 170 -22.84 -34.97 -22.34
C GLN E 170 -23.08 -34.89 -20.83
N ASP E 171 -22.39 -35.76 -20.10
CA ASP E 171 -22.52 -35.81 -18.65
C ASP E 171 -21.77 -34.66 -18.01
N SER E 172 -22.29 -34.18 -16.88
CA SER E 172 -21.62 -33.12 -16.13
C SER E 172 -20.40 -33.61 -15.37
N LYS E 173 -20.19 -34.92 -15.31
CA LYS E 173 -19.06 -35.51 -14.57
C LYS E 173 -17.95 -36.00 -15.49
N ASP E 174 -18.30 -36.76 -16.53
CA ASP E 174 -17.32 -37.35 -17.42
C ASP E 174 -17.49 -36.98 -18.89
N SER E 175 -18.58 -36.30 -19.25
CA SER E 175 -18.79 -35.79 -20.60
C SER E 175 -18.75 -36.91 -21.65
N THR E 176 -19.63 -37.90 -21.45
CA THR E 176 -19.77 -39.02 -22.37
C THR E 176 -21.14 -38.98 -23.03
N TYR E 177 -21.38 -39.93 -23.92
CA TYR E 177 -22.63 -40.03 -24.65
C TYR E 177 -23.28 -41.39 -24.42
N SER E 178 -24.59 -41.44 -24.63
CA SER E 178 -25.36 -42.68 -24.57
C SER E 178 -26.30 -42.73 -25.76
N LEU E 179 -26.38 -43.90 -26.40
CA LEU E 179 -27.18 -44.08 -27.59
C LEU E 179 -28.15 -45.24 -27.40
N SER E 180 -29.38 -45.07 -27.86
CA SER E 180 -30.42 -46.08 -27.78
C SER E 180 -30.96 -46.34 -29.17
N SER E 181 -30.89 -47.60 -29.61
CA SER E 181 -31.38 -48.01 -30.92
C SER E 181 -32.62 -48.87 -30.73
N THR E 182 -33.71 -48.49 -31.40
CA THR E 182 -35.00 -49.16 -31.27
C THR E 182 -35.39 -49.77 -32.60
N LEU E 183 -35.80 -51.04 -32.56
CA LEU E 183 -36.26 -51.76 -33.74
C LEU E 183 -37.78 -51.77 -33.78
N THR E 184 -38.34 -51.48 -34.95
CA THR E 184 -39.79 -51.44 -35.14
C THR E 184 -40.17 -52.45 -36.21
N LEU E 185 -40.91 -53.48 -35.81
CA LEU E 185 -41.36 -54.53 -36.72
C LEU E 185 -42.80 -54.88 -36.41
N SER E 186 -43.43 -55.60 -37.34
CA SER E 186 -44.75 -56.14 -37.10
C SER E 186 -44.68 -57.32 -36.15
N LYS E 187 -45.83 -57.70 -35.60
CA LYS E 187 -45.87 -58.76 -34.60
C LYS E 187 -45.48 -60.11 -35.19
N ALA E 188 -45.87 -60.36 -36.45
CA ALA E 188 -45.59 -61.64 -37.07
C ALA E 188 -44.10 -61.81 -37.38
N ASP E 189 -43.38 -60.70 -37.56
CA ASP E 189 -41.95 -60.79 -37.86
C ASP E 189 -41.17 -61.28 -36.65
N TYR E 190 -41.55 -60.84 -35.45
CA TYR E 190 -40.87 -61.30 -34.24
C TYR E 190 -41.17 -62.77 -33.98
N GLU E 191 -42.42 -63.19 -34.14
CA GLU E 191 -42.80 -64.57 -33.91
C GLU E 191 -42.25 -65.52 -34.97
N LYS E 192 -41.68 -65.00 -36.06
CA LYS E 192 -41.13 -65.83 -37.11
C LYS E 192 -39.60 -65.92 -37.08
N HIS E 193 -38.94 -65.04 -36.35
CA HIS E 193 -37.49 -65.05 -36.22
C HIS E 193 -37.08 -65.44 -34.80
N LYS E 194 -35.88 -66.00 -34.67
CA LYS E 194 -35.38 -66.46 -33.38
C LYS E 194 -34.15 -65.69 -32.91
N VAL E 195 -33.13 -65.56 -33.74
CA VAL E 195 -31.88 -64.93 -33.35
C VAL E 195 -31.95 -63.43 -33.62
N TYR E 196 -31.71 -62.64 -32.59
CA TYR E 196 -31.69 -61.18 -32.71
C TYR E 196 -30.35 -60.67 -32.20
N ALA E 197 -29.72 -59.79 -32.96
CA ALA E 197 -28.42 -59.23 -32.60
C ALA E 197 -28.34 -57.77 -33.03
N CYS E 198 -27.36 -57.06 -32.47
CA CYS E 198 -27.15 -55.64 -32.76
C CYS E 198 -25.66 -55.37 -32.84
N GLU E 199 -25.21 -54.94 -34.00
CA GLU E 199 -23.80 -54.62 -34.24
C GLU E 199 -23.62 -53.11 -34.30
N VAL E 200 -22.55 -52.62 -33.68
CA VAL E 200 -22.27 -51.19 -33.61
C VAL E 200 -20.82 -50.95 -34.03
N THR E 201 -20.60 -49.83 -34.72
CA THR E 201 -19.27 -49.43 -35.16
C THR E 201 -18.86 -48.18 -34.41
N HIS E 202 -17.67 -48.19 -33.82
CA HIS E 202 -17.18 -47.06 -33.07
C HIS E 202 -15.66 -47.11 -33.01
N GLN E 203 -15.03 -45.93 -33.03
CA GLN E 203 -13.58 -45.85 -32.98
C GLN E 203 -13.01 -46.20 -31.62
N GLY E 204 -13.85 -46.27 -30.58
CA GLY E 204 -13.35 -46.60 -29.26
C GLY E 204 -12.83 -48.02 -29.15
N LEU E 205 -13.42 -48.94 -29.89
CA LEU E 205 -12.99 -50.34 -29.90
C LEU E 205 -12.37 -50.66 -31.25
N SER E 206 -11.19 -51.28 -31.23
CA SER E 206 -10.54 -51.70 -32.45
C SER E 206 -11.31 -52.81 -33.17
N SER E 207 -12.27 -53.44 -32.50
CA SER E 207 -13.09 -54.49 -33.10
C SER E 207 -14.54 -54.25 -32.68
N PRO E 208 -15.49 -54.24 -33.62
CA PRO E 208 -16.89 -54.08 -33.26
C PRO E 208 -17.39 -55.25 -32.44
N VAL E 209 -18.39 -54.99 -31.61
CA VAL E 209 -18.95 -55.98 -30.70
C VAL E 209 -20.43 -56.16 -31.00
N THR E 210 -20.92 -57.39 -30.82
CA THR E 210 -22.32 -57.72 -31.07
C THR E 210 -22.79 -58.74 -30.03
N LYS E 211 -24.00 -58.55 -29.53
CA LYS E 211 -24.61 -59.45 -28.57
C LYS E 211 -25.89 -60.02 -29.16
N SER E 212 -26.14 -61.31 -28.90
CA SER E 212 -27.24 -62.02 -29.52
C SER E 212 -28.02 -62.81 -28.48
N PHE E 213 -29.24 -63.21 -28.86
CA PHE E 213 -30.11 -64.02 -28.02
C PHE E 213 -31.17 -64.67 -28.90
N ASN E 214 -31.91 -65.59 -28.30
CA ASN E 214 -33.04 -66.24 -28.96
C ASN E 214 -34.31 -65.98 -28.16
N ARG E 215 -35.41 -65.76 -28.86
CA ARG E 215 -36.66 -65.40 -28.21
C ARG E 215 -37.24 -66.60 -27.47
N GLY E 216 -38.01 -66.31 -26.42
CA GLY E 216 -38.61 -67.37 -25.61
C GLY E 216 -37.61 -68.29 -24.96
N GLU E 217 -36.49 -67.74 -24.49
CA GLU E 217 -35.42 -68.55 -23.91
C GLU E 217 -34.91 -67.94 -22.61
N ILE F 2 48.16 16.41 7.99
CA ILE F 2 47.08 17.01 7.21
C ILE F 2 46.96 18.50 7.54
N GLN F 3 46.91 19.33 6.51
CA GLN F 3 46.71 20.76 6.65
C GLN F 3 45.54 21.19 5.77
N LEU F 4 44.79 22.19 6.25
CA LEU F 4 43.58 22.65 5.59
C LEU F 4 43.77 24.09 5.13
N THR F 5 43.41 24.36 3.88
CA THR F 5 43.49 25.69 3.28
C THR F 5 42.06 26.17 3.05
N GLN F 6 41.57 27.06 3.90
CA GLN F 6 40.23 27.58 3.76
C GLN F 6 40.16 28.63 2.66
N SER F 7 39.01 28.69 2.01
CA SER F 7 38.79 29.65 0.93
C SER F 7 37.38 30.21 0.99
N PRO F 8 37.26 31.54 1.17
CA PRO F 8 38.40 32.45 1.36
C PRO F 8 38.81 32.59 2.82
N SER F 9 39.66 33.57 3.11
CA SER F 9 40.07 33.84 4.48
C SER F 9 39.08 34.73 5.23
N SER F 10 38.34 35.58 4.52
CA SER F 10 37.33 36.43 5.13
C SER F 10 36.40 36.91 4.02
N LEU F 11 35.15 37.21 4.39
CA LEU F 11 34.17 37.61 3.41
C LEU F 11 33.08 38.44 4.09
N SER F 12 32.31 39.15 3.27
CA SER F 12 31.17 39.93 3.73
C SER F 12 30.06 39.83 2.69
N ALA F 13 28.82 39.90 3.17
CA ALA F 13 27.67 39.77 2.29
C ALA F 13 26.48 40.49 2.90
N SER F 14 25.52 40.83 2.04
CA SER F 14 24.31 41.50 2.48
C SER F 14 23.42 40.52 3.24
N VAL F 15 22.41 41.07 3.93
CA VAL F 15 21.51 40.27 4.75
C VAL F 15 20.63 39.41 3.86
N GLY F 16 20.65 38.10 4.08
CA GLY F 16 19.81 37.20 3.33
C GLY F 16 20.44 36.65 2.07
N ASP F 17 21.75 36.44 2.05
CA ASP F 17 22.46 35.96 0.88
C ASP F 17 22.99 34.54 1.12
N ARG F 18 23.66 34.00 0.11
CA ARG F 18 24.19 32.65 0.14
C ARG F 18 25.67 32.70 0.54
N VAL F 19 26.01 31.97 1.61
CA VAL F 19 27.37 31.93 2.13
C VAL F 19 28.01 30.63 1.70
N THR F 20 29.15 30.72 1.01
CA THR F 20 29.87 29.55 0.53
C THR F 20 31.30 29.61 1.02
N ILE F 21 31.75 28.54 1.69
CA ILE F 21 33.09 28.44 2.24
C ILE F 21 33.73 27.17 1.71
N THR F 22 34.98 27.29 1.23
CA THR F 22 35.72 26.15 0.71
C THR F 22 36.89 25.83 1.63
N CYS F 23 37.27 24.55 1.65
CA CYS F 23 38.35 24.07 2.50
C CYS F 23 39.03 22.90 1.80
N ARG F 24 40.29 23.07 1.44
CA ARG F 24 41.03 22.10 0.66
C ARG F 24 41.87 21.23 1.58
N ALA F 25 41.69 19.92 1.48
CA ALA F 25 42.45 18.95 2.27
C ALA F 25 43.62 18.42 1.46
N SER F 26 44.75 18.20 2.13
CA SER F 26 45.95 17.74 1.45
C SER F 26 45.88 16.26 1.09
N GLN F 27 45.17 15.46 1.88
CA GLN F 27 45.05 14.02 1.66
C GLN F 27 43.60 13.61 1.83
N SER F 28 43.31 12.38 1.40
CA SER F 28 41.96 11.84 1.52
C SER F 28 41.64 11.56 2.97
N VAL F 29 40.64 12.28 3.51
CA VAL F 29 40.23 12.11 4.90
C VAL F 29 39.00 11.23 5.04
N ASP F 30 38.50 10.68 3.95
CA ASP F 30 37.32 9.82 3.98
C ASP F 30 37.73 8.35 3.91
N TYR F 31 36.78 7.49 4.24
CA TYR F 31 36.98 6.04 4.16
C TYR F 31 35.63 5.36 4.06
N ASP F 32 35.55 4.34 3.20
CA ASP F 32 34.34 3.54 2.98
C ASP F 32 33.16 4.39 2.51
N GLY F 33 33.43 5.59 1.98
CA GLY F 33 32.42 6.47 1.45
C GLY F 33 31.97 7.55 2.40
N ASP F 34 32.10 7.33 3.71
CA ASP F 34 31.64 8.30 4.69
C ASP F 34 32.55 9.52 4.69
N SER F 35 31.95 10.71 4.58
CA SER F 35 32.71 11.96 4.61
C SER F 35 33.06 12.30 6.05
N TYR F 36 34.36 12.28 6.36
CA TYR F 36 34.84 12.51 7.72
C TYR F 36 35.42 13.92 7.82
N MET F 37 34.55 14.88 8.13
CA MET F 37 34.94 16.25 8.38
C MET F 37 33.77 16.99 9.01
N ASN F 38 34.08 17.90 9.92
CA ASN F 38 33.08 18.64 10.68
C ASN F 38 33.23 20.14 10.42
N TRP F 39 32.33 20.92 11.03
CA TRP F 39 32.34 22.37 10.92
C TRP F 39 31.89 22.97 12.25
N TYR F 40 32.49 24.11 12.61
CA TYR F 40 32.24 24.75 13.89
C TYR F 40 31.90 26.22 13.69
N GLN F 41 31.34 26.82 14.74
CA GLN F 41 31.00 28.24 14.76
C GLN F 41 31.65 28.87 15.99
N GLN F 42 32.54 29.83 15.78
CA GLN F 42 33.24 30.52 16.86
C GLN F 42 32.83 31.98 16.84
N LYS F 43 31.96 32.37 17.79
CA LYS F 43 31.54 33.76 17.96
C LYS F 43 32.35 34.43 19.06
N PRO F 44 32.70 35.70 18.88
CA PRO F 44 33.50 36.39 19.89
C PRO F 44 32.75 36.57 21.20
N GLY F 45 33.51 36.63 22.29
CA GLY F 45 32.95 36.83 23.61
C GLY F 45 32.37 35.59 24.26
N LYS F 46 32.60 34.41 23.69
CA LYS F 46 32.06 33.18 24.26
C LYS F 46 32.93 32.01 23.75
N ALA F 47 32.38 30.81 23.81
CA ALA F 47 33.06 29.59 23.38
C ALA F 47 32.49 29.10 22.05
N PRO F 48 33.31 28.44 21.23
CA PRO F 48 32.81 27.91 19.97
C PRO F 48 31.71 26.88 20.17
N LYS F 49 30.92 26.66 19.12
CA LYS F 49 29.78 25.76 19.16
C LYS F 49 29.78 24.90 17.90
N LEU F 50 29.48 23.61 18.07
CA LEU F 50 29.47 22.68 16.95
C LEU F 50 28.26 22.93 16.05
N LEU F 51 28.48 22.82 14.74
CA LEU F 51 27.40 22.99 13.78
C LEU F 51 26.87 21.63 13.32
N ILE F 52 27.56 21.00 12.37
CA ILE F 52 27.17 19.71 11.84
C ILE F 52 28.36 18.76 11.91
N TYR F 53 28.07 17.47 11.74
CA TYR F 53 29.10 16.45 11.66
C TYR F 53 28.88 15.60 10.41
N ALA F 54 29.91 14.84 10.05
CA ALA F 54 29.94 14.06 8.80
C ALA F 54 29.71 14.96 7.59
N ALA F 55 29.97 16.25 7.74
CA ALA F 55 29.86 17.27 6.69
C ALA F 55 28.44 17.41 6.15
N SER F 56 27.44 16.82 6.80
CA SER F 56 26.07 16.90 6.28
C SER F 56 25.02 16.68 7.36
N TYR F 57 25.31 15.82 8.33
CA TYR F 57 24.32 15.48 9.34
C TYR F 57 24.27 16.55 10.43
N LEU F 58 23.07 17.08 10.67
CA LEU F 58 22.87 18.17 11.61
C LEU F 58 22.49 17.65 12.99
N GLU F 59 22.98 18.31 14.03
CA GLU F 59 22.64 17.98 15.40
C GLU F 59 21.39 18.75 15.84
N SER F 60 20.80 18.28 16.94
CA SER F 60 19.67 18.98 17.54
C SER F 60 20.16 20.25 18.24
N GLY F 61 19.34 21.29 18.19
CA GLY F 61 19.70 22.57 18.72
C GLY F 61 20.56 23.41 17.80
N VAL F 62 20.83 22.96 16.59
CA VAL F 62 21.61 23.71 15.61
C VAL F 62 20.64 24.27 14.58
N PRO F 63 20.79 25.53 14.17
CA PRO F 63 19.86 26.10 13.19
C PRO F 63 19.83 25.32 11.89
N SER F 64 18.63 25.12 11.35
CA SER F 64 18.46 24.36 10.12
C SER F 64 18.90 25.13 8.88
N ARG F 65 19.20 26.43 9.00
CA ARG F 65 19.61 27.23 7.86
C ARG F 65 20.99 26.85 7.33
N PHE F 66 21.77 26.09 8.09
CA PHE F 66 23.10 25.66 7.65
C PHE F 66 23.01 24.38 6.84
N SER F 67 23.97 24.20 5.95
CA SER F 67 24.03 23.01 5.10
C SER F 67 25.48 22.76 4.70
N GLY F 68 25.88 21.49 4.73
CA GLY F 68 27.22 21.09 4.36
C GLY F 68 27.21 20.13 3.20
N SER F 69 28.25 20.19 2.38
CA SER F 69 28.36 19.33 1.22
C SER F 69 29.84 19.07 0.93
N GLY F 70 30.09 18.08 0.09
CA GLY F 70 31.44 17.71 -0.30
C GLY F 70 31.79 16.31 0.15
N SER F 71 33.02 15.92 -0.17
CA SER F 71 33.55 14.61 0.19
C SER F 71 35.04 14.58 -0.14
N GLY F 72 35.75 13.68 0.54
CA GLY F 72 37.16 13.47 0.27
C GLY F 72 38.06 14.62 0.66
N THR F 73 38.47 15.42 -0.31
CA THR F 73 39.39 16.52 -0.08
C THR F 73 38.74 17.90 -0.15
N ASP F 74 37.71 18.06 -0.96
CA ASP F 74 37.03 19.34 -1.14
C ASP F 74 35.70 19.30 -0.41
N PHE F 75 35.48 20.26 0.49
CA PHE F 75 34.25 20.38 1.26
C PHE F 75 33.69 21.79 1.11
N THR F 76 32.38 21.90 1.25
CA THR F 76 31.68 23.17 1.11
C THR F 76 30.66 23.33 2.22
N LEU F 77 30.59 24.53 2.78
CA LEU F 77 29.62 24.89 3.80
C LEU F 77 28.70 25.97 3.23
N THR F 78 27.39 25.72 3.26
CA THR F 78 26.42 26.62 2.66
C THR F 78 25.36 27.00 3.69
N ILE F 79 25.07 28.29 3.79
CA ILE F 79 24.03 28.80 4.67
C ILE F 79 22.86 29.25 3.79
N SER F 80 21.65 28.87 4.18
CA SER F 80 20.48 29.19 3.37
C SER F 80 20.27 30.70 3.27
N ARG F 81 20.18 31.38 4.41
CA ARG F 81 20.06 32.82 4.43
C ARG F 81 20.78 33.35 5.66
N LEU F 82 21.32 34.56 5.53
CA LEU F 82 22.12 35.17 6.58
C LEU F 82 21.22 35.93 7.55
N ARG F 83 21.35 35.63 8.84
CA ARG F 83 20.65 36.29 9.92
C ARG F 83 21.53 37.35 10.57
N PRO F 84 20.95 38.43 11.09
CA PRO F 84 21.77 39.49 11.70
C PRO F 84 22.43 39.10 13.02
N GLU F 85 22.19 37.89 13.53
CA GLU F 85 22.69 37.48 14.83
C GLU F 85 23.50 36.18 14.76
N ASP F 86 24.07 35.87 13.59
CA ASP F 86 24.88 34.65 13.42
C ASP F 86 26.27 34.96 12.86
N PHE F 87 26.77 36.17 13.07
CA PHE F 87 28.12 36.52 12.63
C PHE F 87 29.15 35.77 13.48
N ALA F 88 30.08 35.10 12.81
CA ALA F 88 31.11 34.32 13.48
C ALA F 88 32.16 33.90 12.45
N THR F 89 33.19 33.22 12.94
CA THR F 89 34.24 32.64 12.10
C THR F 89 34.12 31.13 12.15
N TYR F 90 34.15 30.49 10.99
CA TYR F 90 33.88 29.07 10.86
C TYR F 90 35.12 28.33 10.40
N TYR F 91 35.31 27.12 10.91
CA TYR F 91 36.51 26.33 10.67
C TYR F 91 36.14 24.93 10.20
N CYS F 92 36.99 24.36 9.35
CA CYS F 92 36.91 22.96 8.98
C CYS F 92 37.88 22.15 9.82
N GLN F 93 37.55 20.88 10.02
CA GLN F 93 38.34 20.00 10.88
C GLN F 93 38.15 18.56 10.46
N GLN F 94 39.26 17.88 10.18
CA GLN F 94 39.26 16.48 9.79
C GLN F 94 39.47 15.58 11.00
N SER F 95 38.99 14.34 10.87
CA SER F 95 39.09 13.38 11.96
C SER F 95 39.48 11.99 11.46
N HIS F 96 40.22 11.92 10.35
CA HIS F 96 40.64 10.63 9.82
C HIS F 96 41.91 10.13 10.48
N GLU F 97 42.80 11.03 10.89
CA GLU F 97 44.08 10.65 11.46
C GLU F 97 44.44 11.63 12.57
N ASP F 98 44.89 11.09 13.71
CA ASP F 98 45.40 11.92 14.79
C ASP F 98 46.80 12.42 14.46
N PRO F 99 47.11 13.67 14.83
CA PRO F 99 46.23 14.62 15.54
C PRO F 99 45.26 15.35 14.62
N TYR F 100 44.20 15.92 15.20
CA TYR F 100 43.22 16.67 14.45
C TYR F 100 43.76 18.06 14.14
N THR F 101 43.43 18.57 12.96
CA THR F 101 43.89 19.88 12.52
C THR F 101 42.70 20.73 12.10
N PHE F 102 42.88 22.05 12.18
CA PHE F 102 41.83 23.01 11.86
C PHE F 102 42.25 23.87 10.68
N GLY F 103 41.25 24.55 10.09
CA GLY F 103 41.48 25.38 8.93
C GLY F 103 42.02 26.76 9.27
N GLN F 104 42.15 27.57 8.22
CA GLN F 104 42.69 28.92 8.39
C GLN F 104 41.71 29.88 9.03
N GLY F 105 40.41 29.60 8.93
CA GLY F 105 39.42 30.48 9.51
C GLY F 105 38.77 31.39 8.48
N THR F 106 37.43 31.45 8.49
CA THR F 106 36.67 32.24 7.53
C THR F 106 35.75 33.17 8.29
N LYS F 107 36.07 34.47 8.31
CA LYS F 107 35.24 35.46 8.97
C LYS F 107 34.08 35.87 8.07
N VAL F 108 32.87 35.79 8.58
CA VAL F 108 31.66 36.14 7.84
C VAL F 108 31.11 37.44 8.40
N GLU F 109 31.09 38.48 7.58
CA GLU F 109 30.67 39.81 8.00
C GLU F 109 29.28 40.12 7.47
N ILE F 110 28.47 40.80 8.28
CA ILE F 110 27.12 41.20 7.91
C ILE F 110 27.16 42.62 7.38
N LYS F 111 26.40 42.89 6.32
CA LYS F 111 26.41 44.18 5.64
C LYS F 111 25.11 44.93 5.89
N ARG F 112 25.20 46.26 5.86
CA ARG F 112 24.03 47.12 6.05
C ARG F 112 24.20 48.41 5.26
N THR F 113 23.68 49.51 5.80
CA THR F 113 23.73 50.80 5.14
C THR F 113 24.91 51.63 5.63
N VAL F 114 25.34 52.58 4.81
CA VAL F 114 26.48 53.43 5.12
C VAL F 114 26.02 54.60 5.98
N ALA F 115 26.79 54.89 7.02
CA ALA F 115 26.50 55.99 7.93
C ALA F 115 27.77 56.79 8.19
N ALA F 116 27.62 58.11 8.30
CA ALA F 116 28.77 58.97 8.54
C ALA F 116 29.27 58.81 9.97
N PRO F 117 30.57 59.00 10.19
CA PRO F 117 31.12 58.87 11.55
C PRO F 117 30.86 60.11 12.38
N SER F 118 30.64 59.88 13.68
CA SER F 118 30.50 60.94 14.66
C SER F 118 31.70 60.89 15.59
N VAL F 119 32.55 61.91 15.52
CA VAL F 119 33.80 61.96 16.26
C VAL F 119 33.67 63.01 17.36
N PHE F 120 34.06 62.64 18.57
CA PHE F 120 34.19 63.57 19.69
C PHE F 120 35.61 63.44 20.24
N ILE F 121 36.24 64.58 20.50
CA ILE F 121 37.63 64.62 20.95
C ILE F 121 37.66 65.07 22.41
N PHE F 122 38.49 64.40 23.20
CA PHE F 122 38.62 64.71 24.62
C PHE F 122 40.09 64.61 25.04
N PRO F 123 40.66 65.67 25.59
CA PRO F 123 42.08 65.66 25.96
C PRO F 123 42.31 64.80 27.19
N PRO F 124 43.56 64.50 27.53
CA PRO F 124 43.84 63.82 28.79
C PRO F 124 43.40 64.69 29.97
N SER F 125 42.88 64.02 31.00
CA SER F 125 42.29 64.72 32.14
C SER F 125 43.38 65.44 32.94
N ASP F 126 42.94 66.18 33.96
CA ASP F 126 43.89 66.91 34.80
C ASP F 126 44.76 65.99 35.62
N GLU F 127 44.29 64.77 35.91
CA GLU F 127 45.07 63.78 36.65
C GLU F 127 45.99 62.98 35.77
N GLN F 128 45.86 63.06 34.45
CA GLN F 128 46.72 62.33 33.53
C GLN F 128 47.94 63.15 33.11
N LEU F 129 47.82 64.48 33.08
CA LEU F 129 48.96 65.32 32.70
C LEU F 129 50.07 65.22 33.73
N LYS F 130 49.72 65.10 35.01
CA LYS F 130 50.72 64.95 36.06
C LYS F 130 51.36 63.57 36.07
N SER F 131 50.77 62.60 35.37
CA SER F 131 51.30 61.24 35.31
C SER F 131 52.44 61.08 34.32
N GLY F 132 52.91 62.17 33.71
CA GLY F 132 53.99 62.11 32.76
C GLY F 132 53.61 61.70 31.35
N THR F 133 52.48 61.01 31.19
CA THR F 133 52.01 60.57 29.88
C THR F 133 50.71 61.29 29.55
N ALA F 134 50.66 61.90 28.37
CA ALA F 134 49.47 62.60 27.89
C ALA F 134 48.84 61.76 26.77
N SER F 135 47.67 61.19 27.05
CA SER F 135 46.97 60.33 26.11
C SER F 135 45.76 61.07 25.56
N VAL F 136 45.76 61.33 24.26
CA VAL F 136 44.65 61.99 23.57
C VAL F 136 43.92 60.93 22.74
N VAL F 137 42.60 60.90 22.85
CA VAL F 137 41.78 59.88 22.21
C VAL F 137 40.78 60.57 21.29
N CYS F 138 40.83 60.25 20.00
CA CYS F 138 39.82 60.67 19.04
C CYS F 138 38.90 59.48 18.78
N LEU F 139 37.69 59.54 19.33
CA LEU F 139 36.75 58.43 19.31
C LEU F 139 35.66 58.67 18.28
N LEU F 140 35.42 57.67 17.43
CA LEU F 140 34.34 57.71 16.46
C LEU F 140 33.43 56.49 16.67
N ASN F 141 32.12 56.72 16.62
CA ASN F 141 31.15 55.68 16.91
C ASN F 141 30.04 55.70 15.85
N ASN F 142 29.47 54.51 15.60
CA ASN F 142 28.36 54.34 14.67
C ASN F 142 28.73 54.81 13.26
N PHE F 143 29.82 54.26 12.73
CA PHE F 143 30.23 54.55 11.36
C PHE F 143 30.31 53.26 10.56
N TYR F 144 30.30 53.42 9.24
CA TYR F 144 30.30 52.28 8.33
C TYR F 144 30.65 52.75 6.92
N PRO F 145 31.54 52.02 6.23
CA PRO F 145 32.20 50.78 6.67
C PRO F 145 33.39 51.03 7.60
N ARG F 146 34.10 49.96 7.94
CA ARG F 146 35.25 50.07 8.84
C ARG F 146 36.46 50.70 8.15
N GLU F 147 36.51 50.67 6.82
CA GLU F 147 37.62 51.26 6.08
C GLU F 147 37.58 52.77 6.24
N ALA F 148 38.43 53.30 7.13
CA ALA F 148 38.48 54.73 7.39
C ALA F 148 39.87 55.09 7.88
N LYS F 149 40.17 56.39 7.82
CA LYS F 149 41.47 56.91 8.23
C LYS F 149 41.27 58.21 8.99
N VAL F 150 41.96 58.33 10.13
CA VAL F 150 41.95 59.55 10.93
C VAL F 150 43.37 60.08 10.98
N GLN F 151 43.56 61.31 10.53
CA GLN F 151 44.88 61.93 10.46
C GLN F 151 45.09 62.87 11.63
N TRP F 152 46.20 62.68 12.35
CA TRP F 152 46.51 63.53 13.49
C TRP F 152 47.22 64.79 13.04
N LYS F 153 46.81 65.93 13.61
CA LYS F 153 47.42 67.23 13.34
C LYS F 153 47.69 67.92 14.67
N VAL F 154 48.95 67.94 15.07
CA VAL F 154 49.38 68.59 16.31
C VAL F 154 49.96 69.94 15.93
N ASP F 155 49.26 71.01 16.32
CA ASP F 155 49.61 72.37 15.94
C ASP F 155 49.68 72.49 14.41
N ASN F 156 48.67 71.92 13.76
CA ASN F 156 48.53 71.89 12.31
C ASN F 156 49.65 71.14 11.61
N ALA F 157 50.53 70.44 12.38
CA ALA F 157 51.64 69.71 11.78
C ALA F 157 51.28 68.23 11.65
N PRO F 158 51.73 67.58 10.58
CA PRO F 158 51.40 66.17 10.39
C PRO F 158 52.10 65.30 11.43
N GLN F 159 51.31 64.49 12.13
CA GLN F 159 51.82 63.56 13.13
C GLN F 159 51.82 62.15 12.54
N SER F 160 52.99 61.51 12.53
CA SER F 160 53.15 60.18 11.96
C SER F 160 53.89 59.28 12.94
N GLY F 161 53.39 58.06 13.10
CA GLY F 161 54.02 57.07 13.94
C GLY F 161 53.68 57.17 15.42
N ASN F 162 52.91 58.18 15.83
CA ASN F 162 52.55 58.37 17.23
C ASN F 162 51.10 58.03 17.52
N SER F 163 50.37 57.50 16.55
CA SER F 163 48.95 57.22 16.70
C SER F 163 48.73 55.73 16.95
N GLN F 164 47.99 55.42 18.02
CA GLN F 164 47.61 54.04 18.35
C GLN F 164 46.11 53.92 18.11
N GLU F 165 45.73 53.27 17.02
CA GLU F 165 44.34 53.11 16.64
C GLU F 165 43.83 51.76 17.15
N SER F 166 42.63 51.77 17.74
CA SER F 166 41.98 50.57 18.25
C SER F 166 40.62 50.44 17.58
N VAL F 167 40.29 49.24 17.12
CA VAL F 167 39.07 48.99 16.37
C VAL F 167 38.21 47.98 17.14
N THR F 168 36.90 48.17 17.06
CA THR F 168 35.94 47.24 17.62
C THR F 168 35.19 46.54 16.49
N GLU F 169 34.57 45.42 16.82
CA GLU F 169 33.86 44.61 15.83
C GLU F 169 32.43 45.10 15.70
N GLN F 170 31.61 44.35 14.97
CA GLN F 170 30.24 44.76 14.69
C GLN F 170 29.41 44.73 15.97
N ASP F 171 28.69 45.81 16.23
CA ASP F 171 27.88 45.91 17.44
C ASP F 171 26.55 45.19 17.25
N SER F 172 25.99 44.72 18.36
CA SER F 172 24.74 43.96 18.35
C SER F 172 23.51 44.84 18.49
N LYS F 173 23.68 46.15 18.67
CA LYS F 173 22.56 47.07 18.82
C LYS F 173 22.42 48.02 17.65
N ASP F 174 23.52 48.62 17.18
CA ASP F 174 23.49 49.55 16.06
C ASP F 174 24.04 48.96 14.78
N SER F 175 24.61 47.75 14.83
CA SER F 175 25.15 47.07 13.65
C SER F 175 26.19 47.93 12.93
N THR F 176 27.05 48.60 13.71
CA THR F 176 28.10 49.44 13.14
C THR F 176 29.45 49.08 13.76
N TYR F 177 30.49 49.84 13.43
CA TYR F 177 31.82 49.64 13.96
C TYR F 177 32.23 50.81 14.84
N SER F 178 33.37 50.65 15.51
CA SER F 178 33.89 51.66 16.42
C SER F 178 35.41 51.68 16.33
N LEU F 179 35.98 52.87 16.17
CA LEU F 179 37.42 53.06 16.11
C LEU F 179 37.83 54.16 17.10
N SER F 180 38.96 53.95 17.75
CA SER F 180 39.50 54.90 18.73
C SER F 180 40.94 55.20 18.37
N SER F 181 41.25 56.47 18.12
CA SER F 181 42.60 56.91 17.78
C SER F 181 43.24 57.50 19.03
N THR F 182 44.18 56.76 19.61
CA THR F 182 44.87 57.18 20.83
C THR F 182 46.28 57.64 20.48
N LEU F 183 46.60 58.87 20.86
CA LEU F 183 47.91 59.47 20.61
C LEU F 183 48.68 59.53 21.92
N THR F 184 49.83 58.87 21.95
CA THR F 184 50.68 58.84 23.15
C THR F 184 51.81 59.85 22.96
N LEU F 185 51.71 60.97 23.68
CA LEU F 185 52.72 62.02 23.63
C LEU F 185 53.24 62.29 25.04
N SER F 186 54.50 62.71 25.11
CA SER F 186 55.14 62.97 26.39
C SER F 186 54.53 64.22 27.03
N LYS F 187 54.81 64.38 28.34
CA LYS F 187 54.31 65.55 29.05
C LYS F 187 54.96 66.83 28.55
N ALA F 188 56.20 66.75 28.06
CA ALA F 188 56.85 67.92 27.52
C ALA F 188 56.30 68.29 26.15
N ASP F 189 55.81 67.31 25.40
CA ASP F 189 55.21 67.58 24.10
C ASP F 189 53.81 68.16 24.21
N TYR F 190 53.04 67.75 25.24
CA TYR F 190 51.70 68.28 25.41
C TYR F 190 51.72 69.77 25.72
N GLU F 191 52.80 70.26 26.34
CA GLU F 191 52.89 71.67 26.67
C GLU F 191 53.36 72.53 25.51
N LYS F 192 54.06 71.95 24.54
CA LYS F 192 54.58 72.68 23.39
C LYS F 192 53.52 72.92 22.32
N HIS F 193 52.25 72.66 22.60
CA HIS F 193 51.18 72.82 21.63
C HIS F 193 49.96 73.41 22.30
N LYS F 194 49.23 74.23 21.54
CA LYS F 194 48.01 74.87 22.02
C LYS F 194 46.75 74.27 21.41
N VAL F 195 46.70 74.13 20.09
CA VAL F 195 45.52 73.65 19.38
C VAL F 195 45.82 72.24 18.86
N TYR F 196 44.94 71.30 19.19
CA TYR F 196 45.02 69.93 18.72
C TYR F 196 43.82 69.61 17.84
N ALA F 197 43.99 68.68 16.91
CA ALA F 197 42.92 68.30 16.00
C ALA F 197 43.25 66.99 15.32
N CYS F 198 42.21 66.21 15.04
CA CYS F 198 42.33 64.99 14.25
C CYS F 198 41.30 65.04 13.13
N GLU F 199 41.75 64.85 11.89
CA GLU F 199 40.89 64.89 10.73
C GLU F 199 40.44 63.47 10.39
N VAL F 200 39.17 63.18 10.66
CA VAL F 200 38.61 61.85 10.43
C VAL F 200 38.09 61.78 9.00
N THR F 201 38.76 61.01 8.16
CA THR F 201 38.35 60.79 6.78
C THR F 201 37.54 59.51 6.70
N HIS F 202 36.37 59.60 6.06
CA HIS F 202 35.45 58.47 6.03
C HIS F 202 34.53 58.62 4.82
N GLN F 203 33.96 57.49 4.39
CA GLN F 203 33.14 57.48 3.18
C GLN F 203 31.82 58.20 3.38
N GLY F 204 31.25 58.13 4.58
CA GLY F 204 30.00 58.82 4.87
C GLY F 204 30.11 60.34 4.89
N LEU F 205 31.33 60.87 4.94
CA LEU F 205 31.55 62.32 4.91
C LEU F 205 31.97 62.74 3.51
N SER F 206 31.32 63.77 2.98
CA SER F 206 31.72 64.31 1.69
C SER F 206 33.11 64.92 1.76
N SER F 207 33.37 65.71 2.81
CA SER F 207 34.67 66.29 3.07
C SER F 207 35.18 65.83 4.42
N PRO F 208 36.50 65.73 4.60
CA PRO F 208 37.04 65.27 5.88
C PRO F 208 36.69 66.23 7.01
N VAL F 209 35.91 65.74 7.97
CA VAL F 209 35.47 66.54 9.12
C VAL F 209 36.47 66.34 10.26
N THR F 210 36.90 67.45 10.85
CA THR F 210 37.83 67.42 11.97
C THR F 210 37.21 68.08 13.20
N LYS F 211 37.81 67.82 14.35
CA LYS F 211 37.39 68.40 15.61
C LYS F 211 38.60 68.98 16.32
N SER F 212 38.45 70.20 16.84
CA SER F 212 39.55 70.92 17.46
C SER F 212 39.16 71.38 18.86
N PHE F 213 40.18 71.51 19.72
CA PHE F 213 39.99 72.03 21.06
C PHE F 213 41.23 72.80 21.47
N ASN F 214 41.07 73.73 22.40
CA ASN F 214 42.16 74.57 22.88
C ASN F 214 42.65 74.06 24.24
N ARG F 215 43.96 73.92 24.36
CA ARG F 215 44.57 73.45 25.60
C ARG F 215 44.52 74.54 26.68
C1 NAG G . -6.11 14.56 -4.89
C2 NAG G . -6.11 13.04 -5.13
C3 NAG G . -7.43 12.44 -4.65
C4 NAG G . -7.71 12.83 -3.21
C5 NAG G . -7.62 14.35 -3.04
C6 NAG G . -7.74 14.79 -1.60
C7 NAG G . -4.71 12.32 -7.02
C8 NAG G . -4.66 12.06 -8.49
N2 NAG G . -5.89 12.74 -6.54
O3 NAG G . -7.37 11.02 -4.77
O4 NAG G . -9.01 12.40 -2.84
O5 NAG G . -6.34 14.82 -3.50
O6 NAG G . -6.88 14.06 -0.75
O7 NAG G . -3.74 12.15 -6.29
C1 NAG G . -8.93 11.48 -1.73
C2 NAG G . -10.25 11.58 -0.94
C3 NAG G . -10.24 10.58 0.21
C4 NAG G . -9.92 9.18 -0.28
C5 NAG G . -8.64 9.19 -1.10
C6 NAG G . -8.32 7.85 -1.72
C7 NAG G . -11.40 13.74 -0.95
C8 NAG G . -11.49 15.10 -0.33
N2 NAG G . -10.46 12.93 -0.46
O3 NAG G . -11.50 10.60 0.86
O4 NAG G . -9.77 8.30 0.83
O5 NAG G . -8.75 10.13 -2.18
O6 NAG G . -8.38 7.90 -3.14
O7 NAG G . -12.15 13.39 -1.86
C1 BMA G . -10.92 7.44 0.95
C2 BMA G . -10.43 6.06 1.46
C3 BMA G . -11.61 5.17 1.86
C4 BMA G . -12.62 5.92 2.73
C5 BMA G . -13.05 7.21 2.04
C6 BMA G . -14.04 8.01 2.89
O2 BMA G . -9.61 6.21 2.61
O3 BMA G . -11.16 4.03 2.58
O4 BMA G . -13.76 5.11 2.95
O5 BMA G . -11.89 8.02 1.83
O6 BMA G . -14.72 7.08 3.72
C1 MAN G . -10.86 2.95 1.66
C2 MAN G . -11.46 1.66 2.27
C3 MAN G . -10.69 1.29 3.54
C4 MAN G . -9.17 1.30 3.31
C5 MAN G . -8.74 2.63 2.70
C6 MAN G . -7.26 2.69 2.35
O2 MAN G . -11.29 0.55 1.38
O3 MAN G . -11.11 0.04 4.07
O4 MAN G . -8.49 1.10 4.54
O5 MAN G . -9.47 2.86 1.48
O6 MAN G . -6.51 2.51 3.56
C1 MAN G . -15.29 7.77 4.86
C2 MAN G . -14.13 8.15 5.83
C3 MAN G . -13.63 6.92 6.60
C4 MAN G . -14.80 6.14 7.20
C5 MAN G . -15.78 5.75 6.09
C6 MAN G . -16.97 4.96 6.59
O2 MAN G . -14.57 9.08 6.82
O3 MAN G . -12.70 7.27 7.62
O4 MAN G . -14.33 4.96 7.84
O5 MAN G . -16.27 6.96 5.47
O6 MAN G . -16.49 3.81 7.28
C1 NAG H . 10.63 -4.14 -1.96
C2 NAG H . 10.27 -2.71 -1.55
C3 NAG H . 10.79 -2.42 -0.14
C4 NAG H . 10.31 -3.48 0.84
C5 NAG H . 10.68 -4.86 0.33
C6 NAG H . 10.15 -5.98 1.20
C7 NAG H . 10.10 -1.32 -3.56
C8 NAG H . 10.80 -0.32 -4.43
N2 NAG H . 10.80 -1.75 -2.49
O3 NAG H . 10.33 -1.13 0.27
O4 NAG H . 10.91 -3.27 2.11
O5 NAG H . 10.14 -5.07 -0.99
O6 NAG H . 11.17 -6.56 1.99
O7 NAG H . 8.98 -1.72 -3.81
C1 NAG H . 9.93 -2.83 3.08
C2 NAG H . 10.28 -3.42 4.45
C3 NAG H . 9.31 -2.90 5.52
C4 NAG H . 9.24 -1.38 5.48
C5 NAG H . 8.88 -0.92 4.08
C6 NAG H . 8.85 0.59 3.93
C7 NAG H . 10.82 -5.63 5.36
C8 NAG H . 10.71 -7.12 5.16
N2 NAG H . 10.27 -4.87 4.42
O3 NAG H . 9.75 -3.32 6.80
O4 NAG H . 8.28 -0.91 6.42
O5 NAG H . 9.86 -1.41 3.15
O6 NAG H . 7.57 1.12 4.27
O7 NAG H . 11.36 -5.16 6.36
C1 BMA H . 8.96 -0.20 7.47
C2 BMA H . 8.12 1.05 7.83
C3 BMA H . 8.73 1.76 9.04
C4 BMA H . 8.97 0.78 10.20
C5 BMA H . 9.86 -0.36 9.69
C6 BMA H . 10.22 -1.37 10.78
O2 BMA H . 6.79 0.68 8.20
O3 BMA H . 7.93 2.85 9.49
O4 BMA H . 9.61 1.44 11.28
O5 BMA H . 9.17 -1.03 8.62
O6 BMA H . 9.02 -1.93 11.33
C1 MAN H . 8.49 4.07 8.96
C2 MAN H . 8.10 5.22 9.93
C3 MAN H . 6.60 5.46 9.88
C4 MAN H . 6.11 5.64 8.42
C5 MAN H . 6.56 4.43 7.58
C6 MAN H . 6.20 4.57 6.11
O2 MAN H . 8.72 6.45 9.55
O3 MAN H . 6.22 6.60 10.65
O4 MAN H . 4.69 5.73 8.38
O5 MAN H . 7.99 4.31 7.66
O6 MAN H . 4.79 4.59 5.99
C1 MAN H . 9.36 -3.19 11.94
C2 MAN H . 9.48 -4.23 10.79
C3 MAN H . 8.10 -4.57 10.25
C4 MAN H . 7.17 -5.02 11.39
C5 MAN H . 7.08 -3.90 12.45
C6 MAN H . 6.24 -4.29 13.65
O2 MAN H . 10.02 -5.46 11.27
O3 MAN H . 8.15 -5.57 9.25
O4 MAN H . 5.88 -5.30 10.89
O5 MAN H . 8.41 -3.57 12.92
O6 MAN H . 6.26 -3.22 14.58
#